data_2KDH
#
_entry.id   2KDH
#
_cell.length_a   1.000
_cell.length_b   1.000
_cell.length_c   1.000
_cell.angle_alpha   90.00
_cell.angle_beta   90.00
_cell.angle_gamma   90.00
#
_symmetry.space_group_name_H-M   'P 1'
#
loop_
_entity.id
_entity.type
_entity.pdbx_description
1 polymer 'Troponin C, slow skeletal and cardiac muscles'
2 non-polymer 'CALCIUM ION'
3 non-polymer '(2R,3R)-5,7-dihydroxy-2-(3,4,5-trihydroxyphenyl)-3,4-dihydro-2H-chromen-3-yl 3,4,5-trihydroxybenzoate'
#
_entity_poly.entity_id   1
_entity_poly.type   'polypeptide(L)'
_entity_poly.pdbx_seq_one_letter_code
;MGKSEEELSDLFRMFDKNADGYIDLDELKIMLQATGETITEDDIEELMKDGDKNNDGRIDYDEFLEFMKGVE
;
_entity_poly.pdbx_strand_id   A
#
# COMPACT_ATOMS: atom_id res chain seq x y z
N MET A 1 -10.79 -8.03 -5.28
CA MET A 1 -9.70 -8.97 -4.91
C MET A 1 -8.43 -8.68 -5.71
N GLY A 2 -7.29 -9.05 -5.19
CA GLY A 2 -6.02 -8.78 -5.94
C GLY A 2 -5.14 -10.02 -5.88
N LYS A 3 -4.76 -10.55 -7.01
CA LYS A 3 -3.89 -11.76 -7.02
C LYS A 3 -2.53 -11.44 -7.64
N SER A 4 -2.43 -11.50 -8.94
CA SER A 4 -1.13 -11.20 -9.60
C SER A 4 -1.16 -9.81 -10.24
N GLU A 5 -0.09 -9.40 -10.85
CA GLU A 5 -0.06 -8.05 -11.48
C GLU A 5 -1.34 -7.81 -12.29
N GLU A 6 -1.93 -8.86 -12.80
CA GLU A 6 -3.19 -8.69 -13.59
C GLU A 6 -4.22 -7.93 -12.77
N GLU A 7 -4.47 -8.36 -11.57
CA GLU A 7 -5.48 -7.66 -10.71
C GLU A 7 -4.79 -6.65 -9.79
N LEU A 8 -3.56 -6.93 -9.42
CA LEU A 8 -2.83 -5.98 -8.51
C LEU A 8 -3.04 -4.54 -8.98
N SER A 9 -2.79 -4.28 -10.24
CA SER A 9 -2.97 -2.89 -10.76
C SER A 9 -4.31 -2.33 -10.31
N ASP A 10 -5.39 -2.97 -10.70
CA ASP A 10 -6.73 -2.47 -10.29
C ASP A 10 -6.84 -2.40 -8.76
N LEU A 11 -6.42 -3.44 -8.09
CA LEU A 11 -6.49 -3.45 -6.61
C LEU A 11 -5.66 -2.29 -6.04
N PHE A 12 -4.64 -1.87 -6.75
CA PHE A 12 -3.79 -0.76 -6.27
C PHE A 12 -4.55 0.56 -6.36
N ARG A 13 -4.82 1.03 -7.56
CA ARG A 13 -5.56 2.31 -7.71
C ARG A 13 -6.86 2.27 -6.90
N MET A 14 -7.33 1.10 -6.59
CA MET A 14 -8.58 0.98 -5.80
C MET A 14 -8.32 1.33 -4.33
N PHE A 15 -7.12 1.11 -3.87
CA PHE A 15 -6.81 1.43 -2.44
C PHE A 15 -6.49 2.91 -2.28
N ASP A 16 -5.79 3.48 -3.23
CA ASP A 16 -5.46 4.94 -3.12
C ASP A 16 -6.73 5.76 -2.90
N LYS A 17 -7.04 6.07 -1.67
CA LYS A 17 -8.26 6.87 -1.39
C LYS A 17 -8.14 8.26 -2.00
N ASN A 18 -6.95 8.80 -2.05
CA ASN A 18 -6.75 10.16 -2.64
C ASN A 18 -7.03 10.13 -4.14
N ALA A 19 -6.91 8.98 -4.76
CA ALA A 19 -7.16 8.89 -6.23
C ALA A 19 -6.21 9.81 -6.99
N ASP A 20 -4.97 9.43 -7.09
CA ASP A 20 -3.99 10.28 -7.83
C ASP A 20 -2.99 9.40 -8.58
N GLY A 21 -3.24 8.12 -8.66
CA GLY A 21 -2.30 7.21 -9.38
C GLY A 21 -1.28 6.63 -8.40
N TYR A 22 -1.00 7.32 -7.33
CA TYR A 22 -0.02 6.81 -6.34
C TYR A 22 -0.62 6.79 -4.93
N ILE A 23 0.11 6.30 -3.97
CA ILE A 23 -0.42 6.26 -2.58
C ILE A 23 0.58 6.89 -1.61
N ASP A 24 0.12 7.80 -0.79
CA ASP A 24 1.05 8.45 0.18
C ASP A 24 0.95 7.77 1.55
N LEU A 25 1.76 8.16 2.48
CA LEU A 25 1.71 7.53 3.83
C LEU A 25 0.40 7.87 4.53
N ASP A 26 -0.07 9.08 4.40
CA ASP A 26 -1.35 9.46 5.06
C ASP A 26 -2.50 8.58 4.57
N GLU A 27 -2.34 7.95 3.44
CA GLU A 27 -3.43 7.08 2.92
C GLU A 27 -3.17 5.62 3.30
N LEU A 28 -1.94 5.25 3.46
CA LEU A 28 -1.63 3.83 3.82
C LEU A 28 -2.35 3.46 5.11
N LYS A 29 -2.12 4.17 6.18
CA LYS A 29 -2.81 3.83 7.46
C LYS A 29 -4.32 3.70 7.24
N ILE A 30 -4.85 4.40 6.27
CA ILE A 30 -6.31 4.31 6.01
C ILE A 30 -6.59 3.19 5.00
N MET A 31 -5.63 2.84 4.20
CA MET A 31 -5.84 1.75 3.20
C MET A 31 -6.16 0.44 3.93
N LEU A 32 -5.51 0.19 5.03
CA LEU A 32 -5.77 -1.07 5.79
C LEU A 32 -6.92 -0.85 6.78
N GLN A 33 -7.32 0.38 6.97
CA GLN A 33 -8.43 0.66 7.94
C GLN A 33 -9.63 -0.24 7.64
N ALA A 34 -10.03 -0.33 6.40
CA ALA A 34 -11.20 -1.19 6.04
C ALA A 34 -11.01 -2.58 6.65
N THR A 35 -9.79 -2.95 6.95
CA THR A 35 -9.54 -4.30 7.54
C THR A 35 -9.62 -4.22 9.07
N GLY A 36 -9.44 -3.06 9.63
CA GLY A 36 -9.50 -2.93 11.12
C GLY A 36 -8.08 -2.85 11.68
N GLU A 37 -7.19 -2.22 10.96
CA GLU A 37 -5.79 -2.10 11.46
C GLU A 37 -5.71 -1.08 12.60
N THR A 38 -5.83 -1.53 13.82
CA THR A 38 -5.74 -0.57 14.97
C THR A 38 -4.35 -0.65 15.60
N ILE A 39 -3.46 0.19 15.19
CA ILE A 39 -2.08 0.17 15.75
C ILE A 39 -1.59 1.59 16.03
N THR A 40 -0.56 1.72 16.81
CA THR A 40 -0.03 3.09 17.11
C THR A 40 0.48 3.74 15.82
N GLU A 41 0.90 4.99 15.91
CA GLU A 41 1.40 5.67 14.69
C GLU A 41 2.84 5.25 14.40
N ASP A 42 3.53 4.74 15.39
CA ASP A 42 4.94 4.31 15.16
C ASP A 42 4.97 2.97 14.41
N ASP A 43 3.85 2.33 14.29
CA ASP A 43 3.81 1.02 13.56
C ASP A 43 3.48 1.25 12.08
N ILE A 44 2.81 2.33 11.77
CA ILE A 44 2.45 2.61 10.35
C ILE A 44 3.71 2.57 9.48
N GLU A 45 4.68 3.40 9.78
CA GLU A 45 5.93 3.40 8.96
C GLU A 45 6.45 1.97 8.80
N GLU A 46 6.09 1.10 9.70
CA GLU A 46 6.57 -0.31 9.61
C GLU A 46 6.03 -0.96 8.33
N LEU A 47 4.97 -0.45 7.78
CA LEU A 47 4.40 -1.05 6.54
C LEU A 47 4.97 -0.34 5.30
N MET A 48 5.18 0.94 5.39
CA MET A 48 5.73 1.69 4.23
C MET A 48 7.14 1.18 3.87
N LYS A 49 7.97 0.99 4.84
CA LYS A 49 9.35 0.50 4.55
C LYS A 49 9.31 -0.63 3.53
N ASP A 50 8.29 -1.45 3.56
CA ASP A 50 8.19 -2.57 2.59
C ASP A 50 7.55 -2.09 1.28
N GLY A 51 6.62 -1.18 1.36
CA GLY A 51 5.97 -0.69 0.11
C GLY A 51 6.91 0.26 -0.62
N ASP A 52 7.80 0.92 0.10
CA ASP A 52 8.75 1.86 -0.57
C ASP A 52 10.11 1.79 0.12
N LYS A 53 10.86 0.73 -0.10
CA LYS A 53 12.20 0.62 0.53
C LYS A 53 13.09 1.78 0.08
N ASN A 54 12.73 2.42 -1.00
CA ASN A 54 13.56 3.56 -1.50
C ASN A 54 13.17 4.84 -0.76
N ASN A 55 12.05 4.82 -0.08
CA ASN A 55 11.61 6.04 0.66
C ASN A 55 11.70 7.27 -0.25
N ASP A 56 11.03 7.23 -1.36
CA ASP A 56 11.08 8.39 -2.30
C ASP A 56 9.97 9.39 -1.96
N GLY A 57 9.03 8.99 -1.14
CA GLY A 57 7.92 9.91 -0.77
C GLY A 57 6.64 9.49 -1.48
N ARG A 58 6.71 8.51 -2.33
CA ARG A 58 5.49 8.06 -3.06
C ARG A 58 5.57 6.57 -3.40
N ILE A 59 4.47 5.88 -3.35
CA ILE A 59 4.48 4.43 -3.67
C ILE A 59 3.89 4.19 -5.08
N ASP A 60 4.66 3.62 -5.96
CA ASP A 60 4.14 3.38 -7.34
C ASP A 60 3.83 1.89 -7.54
N TYR A 61 2.98 1.57 -8.47
CA TYR A 61 2.64 0.14 -8.72
C TYR A 61 3.91 -0.71 -8.73
N ASP A 62 4.93 -0.27 -9.41
CA ASP A 62 6.20 -1.05 -9.45
C ASP A 62 6.63 -1.45 -8.04
N GLU A 63 6.48 -0.55 -7.09
CA GLU A 63 6.88 -0.87 -5.70
C GLU A 63 5.74 -1.58 -4.96
N PHE A 64 4.52 -1.37 -5.38
CA PHE A 64 3.38 -2.05 -4.71
C PHE A 64 3.64 -3.55 -4.61
N LEU A 65 4.38 -4.09 -5.54
CA LEU A 65 4.67 -5.56 -5.50
C LEU A 65 5.53 -5.89 -4.27
N GLU A 66 6.60 -5.19 -4.08
CA GLU A 66 7.48 -5.46 -2.90
C GLU A 66 6.63 -5.57 -1.63
N PHE A 67 5.46 -4.97 -1.64
CA PHE A 67 4.59 -5.03 -0.43
C PHE A 67 3.73 -6.31 -0.47
N MET A 68 3.15 -6.61 -1.60
CA MET A 68 2.31 -7.83 -1.70
C MET A 68 3.18 -9.05 -2.02
N LYS A 69 3.95 -8.98 -3.07
CA LYS A 69 4.83 -10.13 -3.43
C LYS A 69 4.06 -11.45 -3.30
N GLY A 70 2.76 -11.41 -3.50
CA GLY A 70 1.96 -12.66 -3.37
C GLY A 70 1.77 -13.00 -1.90
N VAL A 71 1.00 -12.22 -1.19
CA VAL A 71 0.77 -12.50 0.26
C VAL A 71 -0.71 -12.76 0.52
N GLU A 72 -1.05 -13.14 1.72
CA GLU A 72 -2.49 -13.41 2.03
C GLU A 72 -2.65 -13.71 3.53
N MET A 1 -10.24 -13.06 -4.10
CA MET A 1 -9.60 -11.73 -3.92
C MET A 1 -8.09 -11.90 -3.78
N GLY A 2 -7.33 -10.96 -4.29
CA GLY A 2 -5.84 -11.06 -4.18
C GLY A 2 -5.35 -12.19 -5.09
N LYS A 3 -4.51 -11.88 -6.04
CA LYS A 3 -3.98 -12.93 -6.95
C LYS A 3 -2.74 -12.43 -7.68
N SER A 4 -2.57 -12.81 -8.92
CA SER A 4 -1.38 -12.35 -9.68
C SER A 4 -1.48 -10.84 -9.93
N GLU A 5 -0.68 -10.32 -10.82
CA GLU A 5 -0.72 -8.87 -11.10
C GLU A 5 -2.09 -8.48 -11.69
N GLU A 6 -2.89 -9.45 -12.04
CA GLU A 6 -4.23 -9.14 -12.61
C GLU A 6 -5.03 -8.27 -11.64
N GLU A 7 -5.44 -8.82 -10.53
CA GLU A 7 -6.21 -8.01 -9.54
C GLU A 7 -5.26 -7.11 -8.76
N LEU A 8 -4.01 -7.48 -8.68
CA LEU A 8 -3.02 -6.64 -7.95
C LEU A 8 -3.01 -5.22 -8.51
N SER A 9 -3.38 -5.07 -9.74
CA SER A 9 -3.39 -3.70 -10.35
C SER A 9 -4.60 -2.90 -9.85
N ASP A 10 -5.74 -3.53 -9.76
CA ASP A 10 -6.95 -2.81 -9.28
C ASP A 10 -6.82 -2.49 -7.79
N LEU A 11 -6.30 -3.40 -7.01
CA LEU A 11 -6.15 -3.15 -5.55
C LEU A 11 -5.51 -1.78 -5.34
N PHE A 12 -4.30 -1.61 -5.80
CA PHE A 12 -3.62 -0.30 -5.64
C PHE A 12 -4.57 0.85 -6.01
N ARG A 13 -5.45 0.61 -6.93
CA ARG A 13 -6.41 1.67 -7.34
C ARG A 13 -7.49 1.85 -6.28
N MET A 14 -7.82 0.79 -5.57
CA MET A 14 -8.86 0.89 -4.52
C MET A 14 -8.24 1.41 -3.21
N PHE A 15 -7.24 0.74 -2.71
CA PHE A 15 -6.60 1.20 -1.44
C PHE A 15 -6.33 2.70 -1.51
N ASP A 16 -5.83 3.18 -2.61
CA ASP A 16 -5.55 4.64 -2.74
C ASP A 16 -6.76 5.46 -2.27
N LYS A 17 -6.71 5.99 -1.08
CA LYS A 17 -7.85 6.80 -0.58
C LYS A 17 -7.99 8.08 -1.41
N ASN A 18 -6.98 8.89 -1.44
CA ASN A 18 -7.05 10.15 -2.24
C ASN A 18 -7.09 9.81 -3.73
N ALA A 19 -6.68 8.63 -4.10
CA ALA A 19 -6.69 8.25 -5.54
C ALA A 19 -6.15 9.39 -6.40
N ASP A 20 -4.87 9.38 -6.68
CA ASP A 20 -4.28 10.46 -7.51
C ASP A 20 -3.17 9.89 -8.39
N GLY A 21 -3.11 8.59 -8.51
CA GLY A 21 -2.05 7.96 -9.35
C GLY A 21 -0.93 7.44 -8.45
N TYR A 22 -0.99 7.74 -7.18
CA TYR A 22 0.07 7.27 -6.24
C TYR A 22 -0.47 7.22 -4.81
N ILE A 23 -0.23 6.15 -4.10
CA ILE A 23 -0.72 6.06 -2.70
C ILE A 23 0.27 6.76 -1.76
N ASP A 24 -0.22 7.55 -0.84
CA ASP A 24 0.70 8.27 0.09
C ASP A 24 0.73 7.56 1.46
N LEU A 25 1.57 8.02 2.35
CA LEU A 25 1.65 7.39 3.69
C LEU A 25 0.37 7.66 4.48
N ASP A 26 -0.21 8.81 4.30
CA ASP A 26 -1.47 9.14 5.04
C ASP A 26 -2.63 8.28 4.52
N GLU A 27 -2.48 7.72 3.36
CA GLU A 27 -3.57 6.87 2.79
C GLU A 27 -3.28 5.39 3.08
N LEU A 28 -2.04 5.03 3.20
CA LEU A 28 -1.69 3.61 3.49
C LEU A 28 -2.33 3.17 4.81
N LYS A 29 -2.59 4.09 5.69
CA LYS A 29 -3.21 3.72 7.00
C LYS A 29 -4.74 3.64 6.86
N ILE A 30 -5.28 4.27 5.87
CA ILE A 30 -6.76 4.24 5.69
C ILE A 30 -7.16 3.09 4.76
N MET A 31 -6.24 2.63 3.94
CA MET A 31 -6.57 1.50 3.02
C MET A 31 -6.58 0.18 3.80
N LEU A 32 -5.80 0.10 4.84
CA LEU A 32 -5.76 -1.16 5.64
C LEU A 32 -6.84 -1.12 6.73
N GLN A 33 -7.38 0.04 6.99
CA GLN A 33 -8.44 0.15 8.05
C GLN A 33 -9.58 -0.84 7.75
N ALA A 34 -9.72 -1.23 6.52
CA ALA A 34 -10.81 -2.19 6.17
C ALA A 34 -10.68 -3.47 6.99
N THR A 35 -9.53 -3.72 7.55
CA THR A 35 -9.33 -4.96 8.36
C THR A 35 -9.24 -4.61 9.85
N GLY A 36 -9.49 -3.37 10.19
CA GLY A 36 -9.40 -2.97 11.63
C GLY A 36 -7.93 -2.77 12.01
N GLU A 37 -7.13 -2.31 11.09
CA GLU A 37 -5.69 -2.09 11.39
C GLU A 37 -5.54 -1.08 12.53
N THR A 38 -5.47 -1.55 13.74
CA THR A 38 -5.32 -0.61 14.91
C THR A 38 -3.93 -0.78 15.51
N ILE A 39 -2.99 0.03 15.11
CA ILE A 39 -1.61 -0.08 15.66
C ILE A 39 -1.06 1.31 15.98
N THR A 40 0.07 1.38 16.62
CA THR A 40 0.66 2.71 16.96
C THR A 40 0.83 3.54 15.69
N GLU A 41 1.14 4.80 15.83
CA GLU A 41 1.31 5.67 14.63
C GLU A 41 2.74 5.54 14.07
N ASP A 42 3.70 5.31 14.92
CA ASP A 42 5.11 5.19 14.45
C ASP A 42 5.28 3.90 13.63
N ASP A 43 4.32 3.02 13.67
CA ASP A 43 4.43 1.75 12.90
C ASP A 43 3.80 1.91 11.52
N ILE A 44 3.04 2.94 11.31
CA ILE A 44 2.40 3.15 9.98
C ILE A 44 3.46 3.43 8.91
N GLU A 45 4.56 4.01 9.28
CA GLU A 45 5.63 4.31 8.28
C GLU A 45 6.57 3.11 8.12
N GLU A 46 6.42 2.13 8.96
CA GLU A 46 7.30 0.93 8.85
C GLU A 46 6.91 0.10 7.62
N LEU A 47 5.66 0.08 7.28
CA LEU A 47 5.21 -0.71 6.10
C LEU A 47 5.69 -0.05 4.80
N MET A 48 5.67 1.25 4.74
CA MET A 48 6.11 1.96 3.51
C MET A 48 7.50 1.48 3.07
N LYS A 49 8.29 1.00 3.99
CA LYS A 49 9.66 0.53 3.61
C LYS A 49 9.58 -0.42 2.41
N ASP A 50 8.53 -1.18 2.31
CA ASP A 50 8.39 -2.13 1.16
C ASP A 50 7.58 -1.49 0.04
N GLY A 51 6.95 -0.37 0.30
CA GLY A 51 6.14 0.29 -0.76
C GLY A 51 6.89 1.54 -1.26
N ASP A 52 7.83 2.01 -0.50
CA ASP A 52 8.59 3.22 -0.92
C ASP A 52 10.06 3.10 -0.49
N LYS A 53 10.70 2.02 -0.83
CA LYS A 53 12.14 1.85 -0.44
C LYS A 53 12.94 3.07 -0.88
N ASN A 54 12.45 3.79 -1.86
CA ASN A 54 13.18 4.99 -2.33
C ASN A 54 12.87 6.18 -1.41
N ASN A 55 11.96 6.02 -0.50
CA ASN A 55 11.60 7.12 0.43
C ASN A 55 11.41 8.44 -0.34
N ASP A 56 10.74 8.38 -1.46
CA ASP A 56 10.52 9.62 -2.25
C ASP A 56 9.19 10.26 -1.86
N GLY A 57 8.42 9.61 -1.03
CA GLY A 57 7.11 10.18 -0.60
C GLY A 57 6.05 9.86 -1.64
N ARG A 58 6.24 8.80 -2.39
CA ARG A 58 5.24 8.43 -3.42
C ARG A 58 5.31 6.93 -3.72
N ILE A 59 4.19 6.27 -3.81
CA ILE A 59 4.20 4.81 -4.10
C ILE A 59 3.57 4.55 -5.47
N ASP A 60 4.19 3.71 -6.27
CA ASP A 60 3.63 3.43 -7.61
C ASP A 60 3.14 1.98 -7.69
N TYR A 61 2.60 1.57 -8.81
CA TYR A 61 2.10 0.18 -8.95
C TYR A 61 3.26 -0.82 -8.87
N ASP A 62 4.42 -0.43 -9.33
CA ASP A 62 5.59 -1.36 -9.28
C ASP A 62 5.96 -1.65 -7.83
N GLU A 63 6.37 -0.64 -7.11
CA GLU A 63 6.76 -0.86 -5.68
C GLU A 63 5.62 -1.54 -4.92
N PHE A 64 4.40 -1.24 -5.25
CA PHE A 64 3.26 -1.87 -4.54
C PHE A 64 3.40 -3.40 -4.57
N LEU A 65 3.76 -3.95 -5.70
CA LEU A 65 3.91 -5.43 -5.79
C LEU A 65 4.87 -5.93 -4.69
N GLU A 66 5.99 -5.28 -4.54
CA GLU A 66 6.95 -5.73 -3.48
C GLU A 66 6.33 -5.52 -2.10
N PHE A 67 5.22 -4.84 -2.03
CA PHE A 67 4.56 -4.61 -0.71
C PHE A 67 3.96 -5.92 -0.18
N MET A 68 3.07 -6.52 -0.92
CA MET A 68 2.45 -7.79 -0.47
C MET A 68 3.21 -8.99 -1.06
N LYS A 69 3.74 -8.83 -2.25
CA LYS A 69 4.49 -9.96 -2.89
C LYS A 69 3.62 -11.21 -2.93
N GLY A 70 3.62 -11.98 -1.87
CA GLY A 70 2.79 -13.23 -1.85
C GLY A 70 2.23 -13.45 -0.45
N VAL A 71 1.27 -12.66 -0.04
CA VAL A 71 0.68 -12.82 1.31
C VAL A 71 -0.50 -13.79 1.26
N GLU A 72 -0.32 -14.99 1.76
CA GLU A 72 -1.44 -15.98 1.74
C GLU A 72 -2.65 -15.44 2.50
N MET A 1 -10.07 -10.88 -4.97
CA MET A 1 -10.14 -9.55 -5.64
C MET A 1 -8.77 -8.86 -5.59
N GLY A 2 -7.72 -9.62 -5.45
CA GLY A 2 -6.36 -9.01 -5.40
C GLY A 2 -5.30 -10.11 -5.29
N LYS A 3 -4.32 -10.08 -6.16
CA LYS A 3 -3.25 -11.12 -6.11
C LYS A 3 -2.04 -10.67 -6.92
N SER A 4 -2.15 -10.71 -8.23
CA SER A 4 -1.00 -10.29 -9.08
C SER A 4 -1.43 -9.16 -10.02
N GLU A 5 -0.56 -8.73 -10.89
CA GLU A 5 -0.92 -7.64 -11.83
C GLU A 5 -2.35 -7.83 -12.35
N GLU A 6 -2.81 -9.04 -12.41
CA GLU A 6 -4.20 -9.28 -12.89
C GLU A 6 -5.16 -8.33 -12.18
N GLU A 7 -5.28 -8.45 -10.88
CA GLU A 7 -6.20 -7.55 -10.13
C GLU A 7 -5.41 -6.36 -9.55
N LEU A 8 -4.21 -6.60 -9.10
CA LEU A 8 -3.40 -5.48 -8.52
C LEU A 8 -3.45 -4.26 -9.44
N SER A 9 -3.39 -4.47 -10.73
CA SER A 9 -3.43 -3.32 -11.68
C SER A 9 -4.50 -2.31 -11.24
N ASP A 10 -5.71 -2.74 -11.08
CA ASP A 10 -6.79 -1.81 -10.66
C ASP A 10 -6.80 -1.66 -9.13
N LEU A 11 -6.32 -2.66 -8.43
CA LEU A 11 -6.31 -2.56 -6.94
C LEU A 11 -5.65 -1.26 -6.50
N PHE A 12 -4.39 -1.09 -6.77
CA PHE A 12 -3.69 0.16 -6.37
C PHE A 12 -4.53 1.37 -6.77
N ARG A 13 -5.30 1.25 -7.82
CA ARG A 13 -6.15 2.40 -8.26
C ARG A 13 -7.41 2.49 -7.39
N MET A 14 -7.76 1.42 -6.72
CA MET A 14 -8.98 1.45 -5.87
C MET A 14 -8.63 1.93 -4.46
N PHE A 15 -7.78 1.21 -3.77
CA PHE A 15 -7.40 1.63 -2.39
C PHE A 15 -6.95 3.09 -2.37
N ASP A 16 -6.15 3.49 -3.32
CA ASP A 16 -5.68 4.90 -3.36
C ASP A 16 -6.85 5.87 -3.14
N LYS A 17 -7.09 6.23 -1.90
CA LYS A 17 -8.22 7.16 -1.62
C LYS A 17 -7.79 8.61 -1.87
N ASN A 18 -6.50 8.85 -1.93
CA ASN A 18 -6.00 10.23 -2.17
C ASN A 18 -6.11 10.56 -3.66
N ALA A 19 -6.19 9.57 -4.50
CA ALA A 19 -6.31 9.82 -5.96
C ALA A 19 -5.21 10.80 -6.41
N ASP A 20 -3.97 10.47 -6.15
CA ASP A 20 -2.86 11.38 -6.56
C ASP A 20 -1.91 10.65 -7.50
N GLY A 21 -2.10 9.36 -7.68
CA GLY A 21 -1.20 8.59 -8.58
C GLY A 21 -0.24 7.74 -7.75
N TYR A 22 0.11 8.20 -6.59
CA TYR A 22 1.04 7.41 -5.73
C TYR A 22 0.48 7.27 -4.32
N ILE A 23 0.55 6.09 -3.76
CA ILE A 23 0.01 5.89 -2.38
C ILE A 23 0.96 6.52 -1.35
N ASP A 24 0.45 7.28 -0.43
CA ASP A 24 1.32 7.91 0.60
C ASP A 24 1.25 7.13 1.91
N LEU A 25 1.92 7.59 2.93
CA LEU A 25 1.88 6.87 4.24
C LEU A 25 0.56 7.14 4.96
N ASP A 26 0.02 8.32 4.81
CA ASP A 26 -1.26 8.65 5.49
C ASP A 26 -2.41 7.80 4.91
N GLU A 27 -2.20 7.21 3.77
CA GLU A 27 -3.27 6.38 3.16
C GLU A 27 -3.06 4.90 3.50
N LEU A 28 -1.83 4.48 3.59
CA LEU A 28 -1.57 3.04 3.91
C LEU A 28 -2.35 2.62 5.17
N LYS A 29 -2.45 3.49 6.14
CA LYS A 29 -3.19 3.12 7.38
C LYS A 29 -4.70 3.30 7.16
N ILE A 30 -5.09 4.01 6.13
CA ILE A 30 -6.54 4.22 5.87
C ILE A 30 -7.08 3.10 4.98
N MET A 31 -6.23 2.54 4.14
CA MET A 31 -6.68 1.45 3.24
C MET A 31 -7.16 0.25 4.06
N LEU A 32 -6.31 -0.31 4.87
CA LEU A 32 -6.71 -1.49 5.70
C LEU A 32 -7.82 -1.11 6.67
N GLN A 33 -7.95 0.16 6.97
CA GLN A 33 -9.02 0.59 7.92
C GLN A 33 -10.35 -0.08 7.56
N ALA A 34 -10.53 -0.45 6.32
CA ALA A 34 -11.80 -1.10 5.91
C ALA A 34 -11.99 -2.42 6.66
N THR A 35 -10.95 -2.90 7.30
CA THR A 35 -11.07 -4.19 8.05
C THR A 35 -10.90 -3.94 9.55
N GLY A 36 -10.77 -2.71 9.94
CA GLY A 36 -10.60 -2.40 11.39
C GLY A 36 -9.13 -2.57 11.79
N GLU A 37 -8.23 -2.23 10.90
CA GLU A 37 -6.78 -2.38 11.22
C GLU A 37 -6.38 -1.43 12.36
N THR A 38 -6.85 -1.69 13.55
CA THR A 38 -6.48 -0.80 14.69
C THR A 38 -5.03 -1.04 15.09
N ILE A 39 -4.12 -0.27 14.55
CA ILE A 39 -2.68 -0.46 14.89
C ILE A 39 -2.01 0.89 15.12
N THR A 40 -0.88 0.90 15.76
CA THR A 40 -0.16 2.19 16.03
C THR A 40 0.36 2.78 14.72
N GLU A 41 0.36 4.07 14.59
CA GLU A 41 0.86 4.69 13.33
C GLU A 41 2.36 4.42 13.17
N ASP A 42 3.04 4.15 14.26
CA ASP A 42 4.50 3.86 14.16
C ASP A 42 4.74 2.52 13.47
N ASP A 43 3.74 1.68 13.43
CA ASP A 43 3.91 0.35 12.76
C ASP A 43 3.69 0.48 11.25
N ILE A 44 2.89 1.43 10.85
CA ILE A 44 2.65 1.61 9.38
C ILE A 44 3.97 1.75 8.63
N GLU A 45 4.87 2.54 9.15
CA GLU A 45 6.19 2.73 8.48
C GLU A 45 6.79 1.37 8.11
N GLU A 46 6.65 0.40 8.95
CA GLU A 46 7.24 -0.95 8.63
C GLU A 46 6.63 -1.50 7.34
N LEU A 47 5.39 -1.22 7.07
CA LEU A 47 4.74 -1.73 5.83
C LEU A 47 5.14 -0.85 4.63
N MET A 48 5.72 0.28 4.89
CA MET A 48 6.12 1.19 3.77
C MET A 48 7.30 0.60 3.00
N LYS A 49 8.14 -0.15 3.67
CA LYS A 49 9.31 -0.75 2.97
C LYS A 49 8.86 -1.83 1.99
N ASP A 50 7.89 -2.62 2.37
CA ASP A 50 7.40 -3.69 1.46
C ASP A 50 6.87 -3.09 0.16
N GLY A 51 6.26 -1.95 0.23
CA GLY A 51 5.72 -1.31 -1.00
C GLY A 51 6.67 -0.20 -1.47
N ASP A 52 7.42 0.36 -0.57
CA ASP A 52 8.37 1.45 -0.96
C ASP A 52 9.77 1.14 -0.45
N LYS A 53 10.50 0.29 -1.12
CA LYS A 53 11.88 -0.04 -0.66
C LYS A 53 12.78 1.19 -0.77
N ASN A 54 12.33 2.20 -1.47
CA ASN A 54 13.16 3.43 -1.61
C ASN A 54 12.87 4.39 -0.45
N ASN A 55 11.88 4.09 0.34
CA ASN A 55 11.55 4.99 1.49
C ASN A 55 11.52 6.44 1.03
N ASP A 56 11.02 6.69 -0.16
CA ASP A 56 10.96 8.09 -0.66
C ASP A 56 9.67 8.77 -0.19
N GLY A 57 8.74 8.01 0.31
CA GLY A 57 7.46 8.61 0.78
C GLY A 57 6.40 8.45 -0.31
N ARG A 58 6.76 7.91 -1.44
CA ARG A 58 5.76 7.73 -2.53
C ARG A 58 5.71 6.27 -2.97
N ILE A 59 4.52 5.72 -3.11
CA ILE A 59 4.41 4.30 -3.53
C ILE A 59 3.59 4.21 -4.82
N ASP A 60 4.17 3.69 -5.87
CA ASP A 60 3.41 3.58 -7.16
C ASP A 60 3.02 2.11 -7.42
N TYR A 61 2.45 1.83 -8.55
CA TYR A 61 2.06 0.43 -8.86
C TYR A 61 3.30 -0.47 -8.93
N ASP A 62 4.18 -0.22 -9.86
CA ASP A 62 5.40 -1.05 -9.98
C ASP A 62 6.00 -1.32 -8.59
N GLU A 63 5.91 -0.36 -7.70
CA GLU A 63 6.47 -0.55 -6.34
C GLU A 63 5.43 -1.22 -5.43
N PHE A 64 4.18 -1.14 -5.78
CA PHE A 64 3.13 -1.78 -4.94
C PHE A 64 3.31 -3.30 -4.92
N LEU A 65 3.65 -3.87 -6.04
CA LEU A 65 3.85 -5.35 -6.09
C LEU A 65 4.78 -5.80 -4.97
N GLU A 66 5.92 -5.16 -4.85
CA GLU A 66 6.88 -5.55 -3.77
C GLU A 66 6.12 -5.68 -2.44
N PHE A 67 5.05 -4.96 -2.28
CA PHE A 67 4.28 -5.05 -1.02
C PHE A 67 3.72 -6.47 -0.83
N MET A 68 3.32 -7.11 -1.90
CA MET A 68 2.78 -8.49 -1.78
C MET A 68 3.93 -9.49 -1.68
N LYS A 69 5.08 -9.15 -2.18
CA LYS A 69 6.24 -10.09 -2.11
C LYS A 69 6.99 -9.88 -0.79
N GLY A 70 6.36 -9.25 0.17
CA GLY A 70 7.04 -9.02 1.47
C GLY A 70 6.08 -9.36 2.62
N VAL A 71 5.01 -10.05 2.32
CA VAL A 71 4.04 -10.42 3.39
C VAL A 71 4.09 -11.94 3.65
N GLU A 72 5.15 -12.40 4.25
CA GLU A 72 5.26 -13.87 4.53
C GLU A 72 5.32 -14.64 3.22
N MET A 1 -9.82 -9.04 -3.36
CA MET A 1 -9.21 -10.38 -3.59
C MET A 1 -7.69 -10.29 -3.61
N GLY A 2 -7.15 -9.59 -4.57
CA GLY A 2 -5.66 -9.46 -4.65
C GLY A 2 -5.02 -10.84 -4.78
N LYS A 3 -4.74 -11.25 -5.99
CA LYS A 3 -4.11 -12.60 -6.19
C LYS A 3 -2.81 -12.46 -6.98
N SER A 4 -2.90 -12.41 -8.28
CA SER A 4 -1.66 -12.27 -9.10
C SER A 4 -1.61 -10.89 -9.76
N GLU A 5 -0.64 -10.67 -10.62
CA GLU A 5 -0.53 -9.34 -11.29
C GLU A 5 -1.81 -9.04 -12.08
N GLU A 6 -2.62 -10.04 -12.32
CA GLU A 6 -3.88 -9.80 -13.08
C GLU A 6 -4.82 -8.91 -12.27
N GLU A 7 -5.03 -9.21 -11.02
CA GLU A 7 -5.93 -8.39 -10.17
C GLU A 7 -5.11 -7.37 -9.38
N LEU A 8 -3.89 -7.69 -9.07
CA LEU A 8 -3.03 -6.74 -8.29
C LEU A 8 -3.19 -5.33 -8.85
N SER A 9 -3.15 -5.19 -10.15
CA SER A 9 -3.29 -3.83 -10.75
C SER A 9 -4.65 -3.23 -10.38
N ASP A 10 -5.71 -3.95 -10.60
CA ASP A 10 -7.06 -3.41 -10.26
C ASP A 10 -7.13 -3.05 -8.77
N LEU A 11 -6.19 -3.51 -7.99
CA LEU A 11 -6.21 -3.20 -6.53
C LEU A 11 -5.46 -1.89 -6.26
N PHE A 12 -4.57 -1.52 -7.14
CA PHE A 12 -3.81 -0.25 -6.93
C PHE A 12 -4.73 0.96 -7.12
N ARG A 13 -5.72 0.86 -7.97
CA ARG A 13 -6.64 2.01 -8.18
C ARG A 13 -7.41 2.31 -6.90
N MET A 14 -7.70 1.30 -6.12
CA MET A 14 -8.44 1.52 -4.84
C MET A 14 -7.46 1.80 -3.71
N PHE A 15 -6.33 1.14 -3.73
CA PHE A 15 -5.32 1.37 -2.65
C PHE A 15 -4.96 2.85 -2.57
N ASP A 16 -4.79 3.49 -3.70
CA ASP A 16 -4.45 4.94 -3.69
C ASP A 16 -5.50 5.73 -2.91
N LYS A 17 -5.21 6.08 -1.69
CA LYS A 17 -6.19 6.85 -0.87
C LYS A 17 -6.51 8.19 -1.54
N ASN A 18 -5.51 8.98 -1.80
CA ASN A 18 -5.76 10.29 -2.45
C ASN A 18 -5.99 10.10 -3.95
N ALA A 19 -5.59 8.98 -4.49
CA ALA A 19 -5.79 8.72 -5.94
C ALA A 19 -4.98 9.71 -6.78
N ASP A 20 -3.70 9.49 -6.90
CA ASP A 20 -2.85 10.42 -7.71
C ASP A 20 -1.78 9.64 -8.47
N GLY A 21 -1.87 8.33 -8.48
CA GLY A 21 -0.86 7.52 -9.20
C GLY A 21 0.29 7.16 -8.25
N TYR A 22 0.15 7.48 -6.99
CA TYR A 22 1.23 7.15 -6.02
C TYR A 22 0.65 7.05 -4.61
N ILE A 23 1.12 6.11 -3.83
CA ILE A 23 0.59 5.96 -2.44
C ILE A 23 1.61 6.47 -1.42
N ASP A 24 1.15 7.21 -0.45
CA ASP A 24 2.09 7.73 0.58
C ASP A 24 1.91 6.98 1.90
N LEU A 25 2.69 7.29 2.89
CA LEU A 25 2.57 6.58 4.20
C LEU A 25 1.13 6.72 4.73
N ASP A 26 0.70 7.93 4.97
CA ASP A 26 -0.69 8.13 5.49
C ASP A 26 -1.70 7.39 4.61
N GLU A 27 -1.67 7.63 3.33
CA GLU A 27 -2.62 6.95 2.42
C GLU A 27 -2.71 5.45 2.76
N LEU A 28 -1.60 4.82 2.98
CA LEU A 28 -1.62 3.37 3.32
C LEU A 28 -2.33 3.14 4.65
N LYS A 29 -2.50 4.18 5.43
CA LYS A 29 -3.19 4.03 6.74
C LYS A 29 -4.69 4.31 6.61
N ILE A 30 -5.05 5.52 6.26
CA ILE A 30 -6.50 5.86 6.11
C ILE A 30 -7.19 4.92 5.13
N MET A 31 -6.46 4.38 4.19
CA MET A 31 -7.09 3.46 3.20
C MET A 31 -7.69 2.24 3.90
N LEU A 32 -6.93 1.58 4.72
CA LEU A 32 -7.47 0.40 5.44
C LEU A 32 -8.41 0.83 6.57
N GLN A 33 -8.28 2.05 7.01
CA GLN A 33 -9.16 2.53 8.12
C GLN A 33 -10.61 2.09 7.89
N ALA A 34 -10.99 1.90 6.65
CA ALA A 34 -12.38 1.46 6.35
C ALA A 34 -12.71 0.18 7.12
N THR A 35 -11.71 -0.52 7.59
CA THR A 35 -11.97 -1.78 8.34
C THR A 35 -11.78 -1.55 9.85
N GLY A 36 -11.24 -0.41 10.22
CA GLY A 36 -11.02 -0.14 11.67
C GLY A 36 -9.57 -0.46 12.04
N GLU A 37 -8.67 -0.29 11.12
CA GLU A 37 -7.24 -0.59 11.42
C GLU A 37 -6.71 0.38 12.49
N THR A 38 -6.77 0.00 13.73
CA THR A 38 -6.26 0.90 14.81
C THR A 38 -4.85 0.46 15.21
N ILE A 39 -3.85 1.05 14.62
CA ILE A 39 -2.45 0.67 14.95
C ILE A 39 -1.58 1.92 15.11
N THR A 40 -0.51 1.82 15.86
CA THR A 40 0.37 3.00 16.05
C THR A 40 1.11 3.32 14.75
N GLU A 41 1.92 4.35 14.76
CA GLU A 41 2.67 4.72 13.52
C GLU A 41 3.68 3.62 13.16
N ASP A 42 4.45 3.18 14.12
CA ASP A 42 5.45 2.11 13.85
C ASP A 42 4.81 0.99 13.04
N ASP A 43 3.58 0.67 13.33
CA ASP A 43 2.89 -0.43 12.58
C ASP A 43 2.65 -0.01 11.13
N ILE A 44 2.73 1.27 10.84
CA ILE A 44 2.50 1.74 9.44
C ILE A 44 3.76 1.51 8.59
N GLU A 45 4.90 1.96 9.06
CA GLU A 45 6.15 1.77 8.28
C GLU A 45 6.34 0.30 7.91
N GLU A 46 5.94 -0.59 8.77
CA GLU A 46 6.09 -2.05 8.47
C GLU A 46 5.64 -2.35 7.03
N LEU A 47 4.50 -1.83 6.64
CA LEU A 47 4.00 -2.09 5.26
C LEU A 47 4.73 -1.20 4.26
N MET A 48 4.96 0.04 4.60
CA MET A 48 5.66 0.96 3.66
C MET A 48 7.11 0.50 3.44
N LYS A 49 7.61 -0.35 4.30
CA LYS A 49 9.01 -0.84 4.14
C LYS A 49 9.17 -1.58 2.82
N ASP A 50 8.19 -2.38 2.46
CA ASP A 50 8.29 -3.14 1.18
C ASP A 50 7.81 -2.27 0.02
N GLY A 51 6.74 -1.54 0.21
CA GLY A 51 6.23 -0.67 -0.89
C GLY A 51 7.22 0.47 -1.11
N ASP A 52 8.08 0.73 -0.16
CA ASP A 52 9.07 1.83 -0.33
C ASP A 52 10.45 1.36 0.15
N LYS A 53 10.83 0.16 -0.17
CA LYS A 53 12.16 -0.36 0.26
C LYS A 53 13.24 0.68 -0.06
N ASN A 54 13.09 1.41 -1.12
CA ASN A 54 14.10 2.43 -1.48
C ASN A 54 14.00 3.63 -0.54
N ASN A 55 12.92 3.74 0.18
CA ASN A 55 12.75 4.89 1.11
C ASN A 55 12.63 6.20 0.33
N ASP A 56 11.95 6.18 -0.78
CA ASP A 56 11.80 7.44 -1.59
C ASP A 56 10.50 8.15 -1.19
N GLY A 57 9.75 7.59 -0.30
CA GLY A 57 8.48 8.25 0.12
C GLY A 57 7.42 8.06 -0.97
N ARG A 58 7.73 7.31 -2.00
CA ARG A 58 6.74 7.10 -3.09
C ARG A 58 6.61 5.60 -3.40
N ILE A 59 5.41 5.11 -3.49
CA ILE A 59 5.21 3.66 -3.79
C ILE A 59 4.61 3.49 -5.18
N ASP A 60 5.43 3.24 -6.17
CA ASP A 60 4.90 3.06 -7.56
C ASP A 60 4.33 1.64 -7.71
N TYR A 61 3.54 1.43 -8.72
CA TYR A 61 2.95 0.07 -8.93
C TYR A 61 4.07 -0.98 -8.98
N ASP A 62 5.19 -0.65 -9.55
CA ASP A 62 6.31 -1.62 -9.63
C ASP A 62 6.62 -2.18 -8.23
N GLU A 63 6.57 -1.35 -7.23
CA GLU A 63 6.86 -1.83 -5.85
C GLU A 63 5.59 -2.41 -5.21
N PHE A 64 4.45 -2.05 -5.72
CA PHE A 64 3.18 -2.58 -5.14
C PHE A 64 3.13 -4.10 -5.28
N LEU A 65 3.84 -4.64 -6.23
CA LEU A 65 3.83 -6.12 -6.41
C LEU A 65 4.58 -6.78 -5.26
N GLU A 66 5.85 -6.53 -5.12
CA GLU A 66 6.62 -7.14 -4.01
C GLU A 66 6.00 -6.72 -2.67
N PHE A 67 5.26 -5.64 -2.67
CA PHE A 67 4.62 -5.18 -1.42
C PHE A 67 3.52 -6.14 -0.98
N MET A 68 2.54 -6.35 -1.82
CA MET A 68 1.43 -7.28 -1.46
C MET A 68 2.00 -8.66 -1.12
N LYS A 69 3.09 -9.03 -1.73
CA LYS A 69 3.70 -10.36 -1.44
C LYS A 69 4.73 -10.23 -0.31
N GLY A 70 4.46 -9.39 0.66
CA GLY A 70 5.42 -9.21 1.79
C GLY A 70 4.88 -8.17 2.76
N VAL A 71 3.62 -8.25 3.10
CA VAL A 71 3.04 -7.25 4.04
C VAL A 71 2.59 -7.93 5.33
N GLU A 72 3.09 -9.11 5.60
CA GLU A 72 2.69 -9.83 6.85
C GLU A 72 3.74 -9.62 7.94
N MET A 1 -10.36 -8.01 -2.93
CA MET A 1 -9.18 -8.91 -2.79
C MET A 1 -8.18 -8.63 -3.91
N GLY A 2 -6.94 -9.01 -3.71
CA GLY A 2 -5.92 -8.77 -4.77
C GLY A 2 -5.13 -10.05 -5.03
N LYS A 3 -4.42 -10.11 -6.12
CA LYS A 3 -3.62 -11.33 -6.43
C LYS A 3 -2.50 -10.99 -7.43
N SER A 4 -2.84 -10.81 -8.68
CA SER A 4 -1.80 -10.48 -9.69
C SER A 4 -2.14 -9.15 -10.37
N GLU A 5 -1.44 -8.81 -11.42
CA GLU A 5 -1.74 -7.54 -12.13
C GLU A 5 -3.21 -7.49 -12.55
N GLU A 6 -3.84 -8.63 -12.63
CA GLU A 6 -5.27 -8.66 -13.04
C GLU A 6 -6.16 -8.12 -11.91
N GLU A 7 -5.93 -8.56 -10.70
CA GLU A 7 -6.75 -8.07 -9.57
C GLU A 7 -6.06 -6.88 -8.88
N LEU A 8 -4.77 -6.93 -8.74
CA LEU A 8 -4.04 -5.81 -8.08
C LEU A 8 -4.31 -4.50 -8.83
N SER A 9 -4.27 -4.54 -10.13
CA SER A 9 -4.52 -3.29 -10.92
C SER A 9 -5.78 -2.59 -10.39
N ASP A 10 -6.84 -3.33 -10.19
CA ASP A 10 -8.09 -2.70 -9.68
C ASP A 10 -7.92 -2.30 -8.22
N LEU A 11 -6.82 -2.67 -7.61
CA LEU A 11 -6.60 -2.31 -6.19
C LEU A 11 -5.82 -0.99 -6.08
N PHE A 12 -4.81 -0.82 -6.90
CA PHE A 12 -4.02 0.44 -6.84
C PHE A 12 -4.92 1.66 -7.08
N ARG A 13 -5.74 1.61 -8.11
CA ARG A 13 -6.64 2.76 -8.39
C ARG A 13 -7.53 3.04 -7.17
N MET A 14 -7.73 2.04 -6.34
CA MET A 14 -8.58 2.25 -5.14
C MET A 14 -7.71 2.60 -3.93
N PHE A 15 -6.58 1.97 -3.81
CA PHE A 15 -5.68 2.27 -2.66
C PHE A 15 -5.35 3.76 -2.62
N ASP A 16 -4.74 4.27 -3.65
CA ASP A 16 -4.38 5.71 -3.68
C ASP A 16 -5.65 6.58 -3.66
N LYS A 17 -6.30 6.69 -2.54
CA LYS A 17 -7.54 7.51 -2.47
C LYS A 17 -7.20 8.98 -2.67
N ASN A 18 -5.94 9.33 -2.58
CA ASN A 18 -5.53 10.74 -2.77
C ASN A 18 -5.68 11.15 -4.24
N ALA A 19 -5.94 10.20 -5.11
CA ALA A 19 -6.10 10.53 -6.56
C ALA A 19 -4.79 11.08 -7.12
N ASP A 20 -3.99 10.24 -7.74
CA ASP A 20 -2.70 10.71 -8.31
C ASP A 20 -1.95 9.54 -8.95
N GLY A 21 -2.11 8.36 -8.42
CA GLY A 21 -1.41 7.18 -9.00
C GLY A 21 -0.24 6.79 -8.09
N TYR A 22 -0.22 7.28 -6.89
CA TYR A 22 0.89 6.93 -5.96
C TYR A 22 0.39 6.89 -4.52
N ILE A 23 0.61 5.79 -3.84
CA ILE A 23 0.14 5.69 -2.42
C ILE A 23 1.14 6.36 -1.49
N ASP A 24 0.66 7.17 -0.58
CA ASP A 24 1.59 7.87 0.37
C ASP A 24 1.64 7.11 1.70
N LEU A 25 2.28 7.70 2.68
CA LEU A 25 2.37 7.02 4.01
C LEU A 25 1.02 7.08 4.73
N ASP A 26 0.24 8.09 4.48
CA ASP A 26 -1.08 8.20 5.15
C ASP A 26 -2.14 7.42 4.36
N GLU A 27 -2.20 7.62 3.08
CA GLU A 27 -3.21 6.89 2.26
C GLU A 27 -3.18 5.40 2.58
N LEU A 28 -2.08 4.92 3.11
CA LEU A 28 -1.98 3.47 3.46
C LEU A 28 -2.78 3.18 4.74
N LYS A 29 -3.04 4.19 5.52
CA LYS A 29 -3.81 3.98 6.78
C LYS A 29 -5.31 3.89 6.49
N ILE A 30 -5.72 4.23 5.30
CA ILE A 30 -7.17 4.17 4.98
C ILE A 30 -7.52 2.81 4.36
N MET A 31 -6.85 2.43 3.31
CA MET A 31 -7.15 1.12 2.66
C MET A 31 -7.14 0.01 3.72
N LEU A 32 -6.32 0.14 4.72
CA LEU A 32 -6.27 -0.90 5.79
C LEU A 32 -7.40 -0.69 6.79
N GLN A 33 -7.89 0.52 6.90
CA GLN A 33 -9.00 0.79 7.87
C GLN A 33 -10.15 -0.19 7.61
N ALA A 34 -10.30 -0.65 6.41
CA ALA A 34 -11.40 -1.61 6.11
C ALA A 34 -11.22 -2.89 6.94
N THR A 35 -10.03 -3.11 7.43
CA THR A 35 -9.79 -4.34 8.25
C THR A 35 -9.59 -3.95 9.72
N GLY A 36 -10.16 -2.86 10.13
CA GLY A 36 -9.99 -2.42 11.56
C GLY A 36 -8.51 -2.25 11.86
N GLU A 37 -7.73 -1.88 10.88
CA GLU A 37 -6.28 -1.69 11.12
C GLU A 37 -6.05 -0.86 12.38
N THR A 38 -5.90 -1.49 13.50
CA THR A 38 -5.67 -0.73 14.76
C THR A 38 -4.23 -0.94 15.25
N ILE A 39 -3.34 -0.06 14.88
CA ILE A 39 -1.93 -0.21 15.31
C ILE A 39 -1.36 1.15 15.73
N THR A 40 -0.28 1.17 16.46
CA THR A 40 0.31 2.47 16.89
C THR A 40 0.72 3.28 15.66
N GLU A 41 0.81 4.58 15.79
CA GLU A 41 1.20 5.42 14.63
C GLU A 41 2.60 5.02 14.13
N ASP A 42 3.51 4.79 15.03
CA ASP A 42 4.90 4.41 14.60
C ASP A 42 4.86 3.10 13.81
N ASP A 43 3.80 2.34 13.92
CA ASP A 43 3.73 1.05 13.17
C ASP A 43 3.25 1.31 11.73
N ILE A 44 2.74 2.47 11.46
CA ILE A 44 2.26 2.77 10.08
C ILE A 44 3.42 2.77 9.10
N GLU A 45 4.62 2.97 9.58
CA GLU A 45 5.80 2.98 8.66
C GLU A 45 6.34 1.56 8.48
N GLU A 46 6.02 0.67 9.36
CA GLU A 46 6.52 -0.73 9.24
C GLU A 46 6.11 -1.33 7.89
N LEU A 47 5.04 -0.84 7.31
CA LEU A 47 4.61 -1.39 5.99
C LEU A 47 5.25 -0.61 4.84
N MET A 48 5.50 0.66 5.05
CA MET A 48 6.13 1.47 3.96
C MET A 48 7.42 0.81 3.46
N LYS A 49 8.02 -0.02 4.27
CA LYS A 49 9.27 -0.70 3.83
C LYS A 49 8.97 -1.69 2.70
N ASP A 50 7.87 -2.39 2.79
CA ASP A 50 7.53 -3.38 1.72
C ASP A 50 6.96 -2.65 0.50
N GLY A 51 6.55 -1.42 0.66
CA GLY A 51 5.99 -0.66 -0.49
C GLY A 51 6.95 0.46 -0.88
N ASP A 52 7.99 0.66 -0.13
CA ASP A 52 8.96 1.75 -0.48
C ASP A 52 10.32 1.47 0.19
N LYS A 53 11.07 0.54 -0.34
CA LYS A 53 12.40 0.24 0.27
C LYS A 53 13.30 1.48 0.19
N ASN A 54 13.17 2.25 -0.85
CA ASN A 54 14.03 3.47 -0.97
C ASN A 54 13.57 4.53 0.03
N ASN A 55 12.36 4.45 0.48
CA ASN A 55 11.85 5.45 1.46
C ASN A 55 11.79 6.84 0.81
N ASP A 56 11.52 6.90 -0.46
CA ASP A 56 11.45 8.21 -1.16
C ASP A 56 10.13 8.91 -0.81
N GLY A 57 9.21 8.20 -0.21
CA GLY A 57 7.90 8.82 0.15
C GLY A 57 6.90 8.60 -0.97
N ARG A 58 7.13 7.60 -1.79
CA ARG A 58 6.19 7.33 -2.91
C ARG A 58 6.12 5.83 -3.20
N ILE A 59 4.94 5.29 -3.35
CA ILE A 59 4.81 3.83 -3.63
C ILE A 59 4.19 3.61 -5.02
N ASP A 60 5.00 3.47 -6.02
CA ASP A 60 4.46 3.25 -7.39
C ASP A 60 3.85 1.85 -7.50
N TYR A 61 3.17 1.56 -8.57
CA TYR A 61 2.56 0.22 -8.75
C TYR A 61 3.65 -0.85 -8.79
N ASP A 62 4.73 -0.57 -9.45
CA ASP A 62 5.83 -1.58 -9.54
C ASP A 62 6.25 -2.00 -8.13
N GLU A 63 6.46 -1.06 -7.26
CA GLU A 63 6.87 -1.41 -5.86
C GLU A 63 5.68 -2.04 -5.11
N PHE A 64 4.51 -1.93 -5.66
CA PHE A 64 3.32 -2.53 -4.98
C PHE A 64 3.36 -4.06 -5.08
N LEU A 65 3.93 -4.58 -6.13
CA LEU A 65 4.00 -6.05 -6.28
C LEU A 65 4.77 -6.67 -5.10
N GLU A 66 6.02 -6.33 -4.95
CA GLU A 66 6.81 -6.89 -3.82
C GLU A 66 6.06 -6.68 -2.50
N PHE A 67 5.49 -5.52 -2.32
CA PHE A 67 4.73 -5.25 -1.06
C PHE A 67 3.83 -6.44 -0.73
N MET A 68 3.21 -7.01 -1.72
CA MET A 68 2.32 -8.19 -1.47
C MET A 68 3.15 -9.47 -1.37
N LYS A 69 4.10 -9.63 -2.24
CA LYS A 69 4.96 -10.86 -2.20
C LYS A 69 4.09 -12.09 -1.95
N GLY A 70 2.85 -12.05 -2.37
CA GLY A 70 1.95 -13.22 -2.15
C GLY A 70 1.09 -12.97 -0.90
N VAL A 71 1.66 -12.38 0.10
CA VAL A 71 0.87 -12.11 1.35
C VAL A 71 0.23 -13.40 1.87
N GLU A 72 0.88 -14.06 2.78
CA GLU A 72 0.32 -15.33 3.34
C GLU A 72 0.00 -15.17 4.82
N MET A 1 -8.11 -10.64 -2.42
CA MET A 1 -8.17 -9.26 -2.97
C MET A 1 -7.03 -9.04 -3.97
N GLY A 2 -5.88 -8.62 -3.51
CA GLY A 2 -4.73 -8.40 -4.44
C GLY A 2 -4.22 -9.75 -4.94
N LYS A 3 -3.80 -9.82 -6.17
CA LYS A 3 -3.28 -11.10 -6.71
C LYS A 3 -2.05 -10.84 -7.59
N SER A 4 -2.25 -10.56 -8.84
CA SER A 4 -1.10 -10.29 -9.75
C SER A 4 -1.29 -8.95 -10.47
N GLU A 5 -0.42 -8.62 -11.37
CA GLU A 5 -0.56 -7.33 -12.11
C GLU A 5 -1.99 -7.21 -12.67
N GLU A 6 -2.68 -8.30 -12.81
CA GLU A 6 -4.07 -8.24 -13.35
C GLU A 6 -4.99 -7.56 -12.34
N GLU A 7 -5.01 -8.03 -11.12
CA GLU A 7 -5.88 -7.40 -10.08
C GLU A 7 -5.11 -6.32 -9.34
N LEU A 8 -3.81 -6.39 -9.34
CA LEU A 8 -3.01 -5.35 -8.63
C LEU A 8 -3.16 -4.01 -9.33
N SER A 9 -3.21 -4.00 -10.64
CA SER A 9 -3.35 -2.72 -11.37
C SER A 9 -4.61 -1.98 -10.90
N ASP A 10 -5.75 -2.62 -10.97
CA ASP A 10 -7.00 -1.95 -10.51
C ASP A 10 -6.99 -1.85 -8.98
N LEU A 11 -6.24 -2.70 -8.33
CA LEU A 11 -6.19 -2.66 -6.84
C LEU A 11 -5.19 -1.59 -6.40
N PHE A 12 -4.21 -1.31 -7.21
CA PHE A 12 -3.20 -0.27 -6.84
C PHE A 12 -3.86 1.10 -6.79
N ARG A 13 -4.65 1.43 -7.77
CA ARG A 13 -5.33 2.76 -7.77
C ARG A 13 -6.60 2.70 -6.91
N MET A 14 -7.04 1.51 -6.58
CA MET A 14 -8.27 1.38 -5.75
C MET A 14 -7.97 1.79 -4.30
N PHE A 15 -7.02 1.15 -3.69
CA PHE A 15 -6.68 1.50 -2.27
C PHE A 15 -6.27 2.96 -2.19
N ASP A 16 -5.66 3.49 -3.21
CA ASP A 16 -5.25 4.92 -3.18
C ASP A 16 -6.46 5.83 -3.04
N LYS A 17 -7.00 5.96 -1.86
CA LYS A 17 -8.19 6.83 -1.67
C LYS A 17 -7.90 8.24 -2.21
N ASN A 18 -6.66 8.58 -2.36
CA ASN A 18 -6.32 9.94 -2.88
C ASN A 18 -6.42 9.95 -4.42
N ALA A 19 -6.43 8.80 -5.03
CA ALA A 19 -6.53 8.75 -6.51
C ALA A 19 -5.48 9.67 -7.14
N ASP A 20 -4.23 9.28 -7.12
CA ASP A 20 -3.17 10.14 -7.72
C ASP A 20 -2.14 9.28 -8.46
N GLY A 21 -2.39 8.01 -8.58
CA GLY A 21 -1.43 7.13 -9.30
C GLY A 21 -0.40 6.57 -8.31
N TYR A 22 -0.11 7.31 -7.27
CA TYR A 22 0.89 6.81 -6.28
C TYR A 22 0.25 6.72 -4.89
N ILE A 23 0.86 5.99 -4.00
CA ILE A 23 0.29 5.86 -2.63
C ILE A 23 1.27 6.42 -1.60
N ASP A 24 0.77 7.12 -0.61
CA ASP A 24 1.69 7.70 0.42
C ASP A 24 1.49 6.99 1.76
N LEU A 25 2.18 7.43 2.78
CA LEU A 25 2.05 6.77 4.11
C LEU A 25 0.69 7.11 4.74
N ASP A 26 0.25 8.33 4.58
CA ASP A 26 -1.07 8.74 5.17
C ASP A 26 -2.21 8.00 4.47
N GLU A 27 -1.99 7.52 3.27
CA GLU A 27 -3.08 6.80 2.55
C GLU A 27 -2.88 5.28 2.68
N LEU A 28 -1.72 4.85 3.10
CA LEU A 28 -1.47 3.39 3.23
C LEU A 28 -2.28 2.81 4.41
N LYS A 29 -2.55 3.62 5.40
CA LYS A 29 -3.32 3.11 6.57
C LYS A 29 -4.82 3.32 6.35
N ILE A 30 -5.19 4.06 5.34
CA ILE A 30 -6.64 4.30 5.09
C ILE A 30 -7.22 3.21 4.18
N MET A 31 -6.39 2.49 3.49
CA MET A 31 -6.89 1.42 2.59
C MET A 31 -7.14 0.13 3.37
N LEU A 32 -6.51 -0.03 4.50
CA LEU A 32 -6.72 -1.27 5.31
C LEU A 32 -7.92 -1.08 6.25
N GLN A 33 -8.35 0.13 6.46
CA GLN A 33 -9.52 0.36 7.36
C GLN A 33 -10.64 -0.64 7.06
N ALA A 34 -10.76 -1.05 5.83
CA ALA A 34 -11.84 -2.01 5.47
C ALA A 34 -11.69 -3.30 6.30
N THR A 35 -10.52 -3.56 6.81
CA THR A 35 -10.32 -4.79 7.63
C THR A 35 -10.20 -4.43 9.11
N GLY A 36 -10.20 -3.16 9.42
CA GLY A 36 -10.08 -2.75 10.85
C GLY A 36 -8.60 -2.62 11.22
N GLU A 37 -7.79 -2.21 10.28
CA GLU A 37 -6.33 -2.07 10.57
C GLU A 37 -6.11 -1.35 11.90
N THR A 38 -6.01 -2.08 12.98
CA THR A 38 -5.79 -1.43 14.30
C THR A 38 -4.37 -1.73 14.81
N ILE A 39 -3.45 -0.84 14.55
CA ILE A 39 -2.05 -1.08 15.01
C ILE A 39 -1.47 0.21 15.60
N THR A 40 -0.32 0.13 16.21
CA THR A 40 0.29 1.35 16.82
C THR A 40 0.82 2.28 15.71
N GLU A 41 1.00 3.53 16.01
CA GLU A 41 1.51 4.48 14.98
C GLU A 41 2.87 4.02 14.47
N ASP A 42 3.66 3.41 15.31
CA ASP A 42 5.00 2.93 14.87
C ASP A 42 4.84 1.84 13.81
N ASP A 43 3.70 1.23 13.74
CA ASP A 43 3.48 0.15 12.74
C ASP A 43 2.88 0.75 11.46
N ILE A 44 2.13 1.80 11.57
CA ILE A 44 1.53 2.42 10.35
C ILE A 44 2.63 2.70 9.32
N GLU A 45 3.73 3.23 9.75
CA GLU A 45 4.84 3.53 8.79
C GLU A 45 5.53 2.22 8.36
N GLU A 46 5.54 1.23 9.22
CA GLU A 46 6.19 -0.05 8.86
C GLU A 46 5.57 -0.60 7.57
N LEU A 47 4.35 -0.24 7.28
CA LEU A 47 3.70 -0.74 6.04
C LEU A 47 4.42 -0.20 4.80
N MET A 48 5.13 0.89 4.96
CA MET A 48 5.86 1.47 3.80
C MET A 48 7.23 0.79 3.65
N LYS A 49 7.87 0.47 4.74
CA LYS A 49 9.20 -0.19 4.65
C LYS A 49 9.13 -1.38 3.69
N ASP A 50 7.96 -1.93 3.50
CA ASP A 50 7.81 -3.09 2.57
C ASP A 50 7.38 -2.60 1.19
N GLY A 51 6.44 -1.69 1.14
CA GLY A 51 5.98 -1.17 -0.18
C GLY A 51 7.09 -0.33 -0.81
N ASP A 52 8.00 0.16 -0.01
CA ASP A 52 9.10 0.99 -0.55
C ASP A 52 10.33 0.91 0.34
N LYS A 53 10.98 -0.23 0.39
CA LYS A 53 12.18 -0.37 1.25
C LYS A 53 13.13 0.80 1.01
N ASN A 54 13.03 1.42 -0.14
CA ASN A 54 13.92 2.58 -0.46
C ASN A 54 13.25 3.88 0.00
N ASN A 55 12.40 3.80 0.98
CA ASN A 55 11.71 5.03 1.47
C ASN A 55 11.26 5.90 0.30
N ASP A 56 12.06 6.85 -0.10
CA ASP A 56 11.67 7.73 -1.24
C ASP A 56 10.49 8.62 -0.85
N GLY A 57 9.39 8.02 -0.44
CA GLY A 57 8.21 8.83 -0.04
C GLY A 57 7.08 8.61 -1.05
N ARG A 58 7.26 7.70 -1.97
CA ARG A 58 6.19 7.45 -2.97
C ARG A 58 6.20 5.98 -3.40
N ILE A 59 5.06 5.34 -3.40
CA ILE A 59 5.00 3.91 -3.81
C ILE A 59 4.54 3.79 -5.27
N ASP A 60 5.40 3.31 -6.13
CA ASP A 60 5.00 3.17 -7.56
C ASP A 60 4.54 1.74 -7.85
N TYR A 61 3.96 1.51 -8.99
CA TYR A 61 3.48 0.14 -9.34
C TYR A 61 4.54 -0.90 -8.95
N ASP A 62 5.66 -0.90 -9.61
CA ASP A 62 6.72 -1.90 -9.28
C ASP A 62 6.89 -1.98 -7.76
N GLU A 63 6.99 -0.87 -7.10
CA GLU A 63 7.15 -0.89 -5.62
C GLU A 63 5.88 -1.43 -4.94
N PHE A 64 4.75 -1.30 -5.59
CA PHE A 64 3.49 -1.80 -5.00
C PHE A 64 3.54 -3.32 -4.85
N LEU A 65 4.44 -3.96 -5.55
CA LEU A 65 4.53 -5.44 -5.45
C LEU A 65 5.18 -5.84 -4.12
N GLU A 66 6.41 -5.45 -3.91
CA GLU A 66 7.09 -5.80 -2.63
C GLU A 66 6.23 -5.38 -1.44
N PHE A 67 5.36 -4.42 -1.65
CA PHE A 67 4.48 -3.97 -0.53
C PHE A 67 3.76 -5.16 0.10
N MET A 68 2.91 -5.80 -0.64
CA MET A 68 2.18 -6.98 -0.09
C MET A 68 2.85 -8.29 -0.52
N LYS A 69 3.58 -8.25 -1.61
CA LYS A 69 4.27 -9.49 -2.08
C LYS A 69 3.26 -10.59 -2.39
N GLY A 70 2.06 -10.22 -2.74
CA GLY A 70 1.03 -11.27 -3.05
C GLY A 70 0.12 -11.47 -1.85
N VAL A 71 0.65 -12.03 -0.78
CA VAL A 71 -0.17 -12.28 0.44
C VAL A 71 -1.61 -12.63 0.08
N GLU A 72 -1.85 -13.87 -0.29
CA GLU A 72 -3.23 -14.28 -0.66
C GLU A 72 -3.89 -13.22 -1.53
N MET A 1 -9.25 -9.98 -3.22
CA MET A 1 -9.12 -10.31 -4.67
C MET A 1 -7.68 -10.07 -5.14
N GLY A 2 -6.75 -10.01 -4.23
CA GLY A 2 -5.33 -9.79 -4.63
C GLY A 2 -4.71 -11.11 -5.08
N LYS A 3 -4.26 -11.17 -6.30
CA LYS A 3 -3.64 -12.43 -6.80
C LYS A 3 -2.43 -12.10 -7.69
N SER A 4 -2.63 -11.97 -8.97
CA SER A 4 -1.49 -11.64 -9.87
C SER A 4 -1.43 -10.13 -10.12
N GLU A 5 -0.62 -9.69 -11.04
CA GLU A 5 -0.53 -8.22 -11.30
C GLU A 5 -1.82 -7.73 -11.97
N GLU A 6 -2.69 -8.63 -12.36
CA GLU A 6 -3.96 -8.20 -13.00
C GLU A 6 -4.79 -7.37 -12.02
N GLU A 7 -5.36 -8.00 -11.03
CA GLU A 7 -6.18 -7.24 -10.03
C GLU A 7 -5.27 -6.36 -9.18
N LEU A 8 -4.02 -6.74 -9.06
CA LEU A 8 -3.06 -5.94 -8.25
C LEU A 8 -3.04 -4.48 -8.72
N SER A 9 -3.19 -4.27 -10.00
CA SER A 9 -3.17 -2.88 -10.54
C SER A 9 -4.49 -2.15 -10.22
N ASP A 10 -5.52 -2.89 -9.92
CA ASP A 10 -6.82 -2.22 -9.60
C ASP A 10 -6.91 -1.92 -8.10
N LEU A 11 -6.82 -2.92 -7.27
CA LEU A 11 -6.90 -2.68 -5.80
C LEU A 11 -5.90 -1.59 -5.39
N PHE A 12 -4.82 -1.45 -6.12
CA PHE A 12 -3.82 -0.41 -5.77
C PHE A 12 -4.46 0.98 -5.85
N ARG A 13 -4.98 1.33 -7.00
CA ARG A 13 -5.63 2.66 -7.15
C ARG A 13 -6.98 2.67 -6.45
N MET A 14 -7.47 1.53 -6.05
CA MET A 14 -8.78 1.47 -5.35
C MET A 14 -8.66 2.03 -3.94
N PHE A 15 -7.69 1.58 -3.19
CA PHE A 15 -7.51 2.09 -1.81
C PHE A 15 -6.94 3.50 -1.83
N ASP A 16 -6.47 3.95 -2.96
CA ASP A 16 -5.90 5.32 -3.05
C ASP A 16 -7.02 6.36 -2.97
N LYS A 17 -7.73 6.41 -1.86
CA LYS A 17 -8.83 7.40 -1.71
C LYS A 17 -8.37 8.78 -2.18
N ASN A 18 -7.10 9.08 -2.06
CA ASN A 18 -6.59 10.40 -2.49
C ASN A 18 -6.55 10.48 -4.02
N ALA A 19 -6.52 9.35 -4.68
CA ALA A 19 -6.49 9.36 -6.17
C ALA A 19 -5.35 10.23 -6.68
N ASP A 20 -4.14 9.74 -6.64
CA ASP A 20 -3.00 10.56 -7.12
C ASP A 20 -1.98 9.68 -7.88
N GLY A 21 -2.29 8.42 -8.05
CA GLY A 21 -1.34 7.53 -8.78
C GLY A 21 -0.38 6.86 -7.78
N TYR A 22 -0.32 7.36 -6.58
CA TYR A 22 0.59 6.76 -5.57
C TYR A 22 -0.09 6.71 -4.20
N ILE A 23 0.18 5.70 -3.42
CA ILE A 23 -0.44 5.61 -2.07
C ILE A 23 0.51 6.16 -0.99
N ASP A 24 0.12 7.22 -0.35
CA ASP A 24 1.01 7.80 0.71
C ASP A 24 0.75 7.11 2.06
N LEU A 25 1.53 7.43 3.06
CA LEU A 25 1.33 6.80 4.39
C LEU A 25 -0.06 7.14 4.95
N ASP A 26 -0.59 8.28 4.59
CA ASP A 26 -1.94 8.67 5.10
C ASP A 26 -3.02 7.80 4.46
N GLU A 27 -2.91 7.52 3.19
CA GLU A 27 -3.94 6.68 2.52
C GLU A 27 -3.74 5.21 2.87
N LEU A 28 -2.57 4.84 3.35
CA LEU A 28 -2.32 3.42 3.70
C LEU A 28 -3.16 3.04 4.94
N LYS A 29 -2.98 3.73 6.02
CA LYS A 29 -3.77 3.41 7.24
C LYS A 29 -5.25 3.24 6.89
N ILE A 30 -5.68 3.86 5.82
CA ILE A 30 -7.11 3.74 5.42
C ILE A 30 -7.28 2.56 4.45
N MET A 31 -6.27 2.27 3.68
CA MET A 31 -6.37 1.14 2.71
C MET A 31 -6.60 -0.18 3.47
N LEU A 32 -5.87 -0.39 4.52
CA LEU A 32 -6.03 -1.66 5.29
C LEU A 32 -7.15 -1.49 6.34
N GLN A 33 -7.51 -0.27 6.65
CA GLN A 33 -8.58 -0.03 7.66
C GLN A 33 -9.75 -0.99 7.41
N ALA A 34 -10.21 -1.09 6.18
CA ALA A 34 -11.35 -2.00 5.89
C ALA A 34 -11.05 -3.40 6.45
N THR A 35 -9.81 -3.71 6.68
CA THR A 35 -9.47 -5.05 7.23
C THR A 35 -9.33 -4.98 8.75
N GLY A 36 -9.49 -3.83 9.33
CA GLY A 36 -9.35 -3.70 10.81
C GLY A 36 -7.88 -3.60 11.18
N GLU A 37 -7.10 -2.95 10.35
CA GLU A 37 -5.64 -2.82 10.65
C GLU A 37 -5.43 -2.01 11.94
N THR A 38 -5.40 -2.66 13.07
CA THR A 38 -5.20 -1.93 14.35
C THR A 38 -3.72 -1.94 14.73
N ILE A 39 -2.98 -0.93 14.34
CA ILE A 39 -1.54 -0.88 14.67
C ILE A 39 -1.14 0.52 15.13
N THR A 40 -0.13 0.63 15.96
CA THR A 40 0.30 1.97 16.43
C THR A 40 0.67 2.87 15.25
N GLU A 41 0.50 4.15 15.39
CA GLU A 41 0.83 5.07 14.26
C GLU A 41 2.32 4.95 13.91
N ASP A 42 3.17 4.87 14.89
CA ASP A 42 4.63 4.75 14.60
C ASP A 42 4.91 3.47 13.82
N ASP A 43 3.96 2.59 13.73
CA ASP A 43 4.18 1.32 12.98
C ASP A 43 3.69 1.46 11.54
N ILE A 44 2.72 2.31 11.31
CA ILE A 44 2.20 2.50 9.93
C ILE A 44 3.34 2.85 8.97
N GLU A 45 4.45 3.29 9.48
CA GLU A 45 5.60 3.65 8.60
C GLU A 45 6.46 2.41 8.32
N GLU A 46 6.39 1.42 9.18
CA GLU A 46 7.20 0.19 8.96
C GLU A 46 6.73 -0.52 7.69
N LEU A 47 5.51 -0.32 7.29
CA LEU A 47 5.00 -0.98 6.06
C LEU A 47 5.43 -0.20 4.81
N MET A 48 5.66 1.07 4.95
CA MET A 48 6.09 1.88 3.78
C MET A 48 7.46 1.42 3.28
N LYS A 49 8.28 0.92 4.16
CA LYS A 49 9.63 0.44 3.75
C LYS A 49 9.52 -0.45 2.51
N ASP A 50 8.72 -1.48 2.58
CA ASP A 50 8.57 -2.40 1.41
C ASP A 50 7.74 -1.71 0.32
N GLY A 51 6.58 -1.22 0.66
CA GLY A 51 5.72 -0.55 -0.36
C GLY A 51 6.50 0.59 -1.01
N ASP A 52 7.57 1.03 -0.41
CA ASP A 52 8.35 2.14 -1.00
C ASP A 52 9.84 1.99 -0.67
N LYS A 53 10.41 0.85 -0.94
CA LYS A 53 11.85 0.65 -0.63
C LYS A 53 12.67 1.81 -1.22
N ASN A 54 12.15 2.46 -2.22
CA ASN A 54 12.89 3.61 -2.83
C ASN A 54 12.86 4.81 -1.89
N ASN A 55 11.99 4.80 -0.91
CA ASN A 55 11.91 5.94 0.04
C ASN A 55 11.89 7.26 -0.73
N ASP A 56 10.77 7.60 -1.32
CA ASP A 56 10.69 8.89 -2.07
C ASP A 56 9.54 9.75 -1.52
N GLY A 57 8.63 9.15 -0.79
CA GLY A 57 7.49 9.94 -0.24
C GLY A 57 6.19 9.53 -0.94
N ARG A 58 6.26 8.58 -1.82
CA ARG A 58 5.02 8.12 -2.53
C ARG A 58 5.13 6.64 -2.90
N ILE A 59 4.04 5.94 -2.86
CA ILE A 59 4.07 4.49 -3.21
C ILE A 59 3.50 4.27 -4.62
N ASP A 60 4.28 3.69 -5.50
CA ASP A 60 3.79 3.44 -6.88
C ASP A 60 3.19 2.05 -6.99
N TYR A 61 2.77 1.65 -8.16
CA TYR A 61 2.18 0.29 -8.33
C TYR A 61 3.30 -0.75 -8.47
N ASP A 62 4.26 -0.49 -9.30
CA ASP A 62 5.38 -1.46 -9.47
C ASP A 62 5.95 -1.86 -8.11
N GLU A 63 5.86 -0.98 -7.14
CA GLU A 63 6.40 -1.32 -5.79
C GLU A 63 5.34 -2.06 -4.97
N PHE A 64 4.10 -1.68 -5.10
CA PHE A 64 3.02 -2.36 -4.33
C PHE A 64 3.18 -3.88 -4.44
N LEU A 65 3.70 -4.35 -5.54
CA LEU A 65 3.89 -5.81 -5.72
C LEU A 65 4.98 -6.33 -4.79
N GLU A 66 5.96 -5.51 -4.50
CA GLU A 66 7.08 -5.95 -3.61
C GLU A 66 6.65 -5.84 -2.14
N PHE A 67 5.51 -5.26 -1.89
CA PHE A 67 5.04 -5.10 -0.48
C PHE A 67 4.30 -6.36 -0.01
N MET A 68 3.43 -6.90 -0.82
CA MET A 68 2.67 -8.11 -0.40
C MET A 68 3.31 -9.38 -0.96
N LYS A 69 4.32 -9.25 -1.77
CA LYS A 69 4.98 -10.45 -2.35
C LYS A 69 5.37 -11.43 -1.25
N GLY A 70 5.44 -10.98 -0.03
CA GLY A 70 5.82 -11.89 1.09
C GLY A 70 4.62 -12.14 1.99
N VAL A 71 3.50 -12.53 1.43
CA VAL A 71 2.29 -12.80 2.27
C VAL A 71 1.21 -13.49 1.43
N GLU A 72 1.58 -14.48 0.67
CA GLU A 72 0.57 -15.19 -0.16
C GLU A 72 -0.36 -16.03 0.72
N MET A 1 -10.61 -8.14 -3.81
CA MET A 1 -9.80 -9.33 -3.42
C MET A 1 -8.82 -9.68 -4.54
N GLY A 2 -7.76 -8.93 -4.70
CA GLY A 2 -6.78 -9.23 -5.76
C GLY A 2 -5.86 -10.36 -5.32
N LYS A 3 -4.75 -10.54 -5.99
CA LYS A 3 -3.81 -11.62 -5.60
C LYS A 3 -2.51 -11.52 -6.42
N SER A 4 -2.63 -11.50 -7.72
CA SER A 4 -1.42 -11.39 -8.57
C SER A 4 -1.47 -10.11 -9.41
N GLU A 5 -0.43 -9.81 -10.13
CA GLU A 5 -0.42 -8.57 -10.95
C GLU A 5 -1.75 -8.42 -11.69
N GLU A 6 -2.43 -9.50 -11.94
CA GLU A 6 -3.73 -9.42 -12.65
C GLU A 6 -4.70 -8.51 -11.90
N GLU A 7 -4.94 -8.78 -10.64
CA GLU A 7 -5.88 -7.92 -9.86
C GLU A 7 -5.11 -6.85 -9.09
N LEU A 8 -3.84 -7.05 -8.87
CA LEU A 8 -3.04 -6.04 -8.12
C LEU A 8 -3.25 -4.65 -8.72
N SER A 9 -3.05 -4.51 -10.02
CA SER A 9 -3.25 -3.19 -10.66
C SER A 9 -4.61 -2.61 -10.29
N ASP A 10 -5.67 -3.32 -10.57
CA ASP A 10 -7.02 -2.82 -10.23
C ASP A 10 -7.16 -2.63 -8.72
N LEU A 11 -6.24 -3.16 -7.96
CA LEU A 11 -6.31 -3.02 -6.48
C LEU A 11 -5.41 -1.88 -6.01
N PHE A 12 -4.28 -1.71 -6.65
CA PHE A 12 -3.35 -0.62 -6.24
C PHE A 12 -3.98 0.76 -6.48
N ARG A 13 -4.52 0.98 -7.64
CA ARG A 13 -5.14 2.30 -7.94
C ARG A 13 -6.40 2.50 -7.10
N MET A 14 -6.84 1.48 -6.39
CA MET A 14 -8.06 1.63 -5.55
C MET A 14 -7.71 2.18 -4.16
N PHE A 15 -6.74 1.60 -3.51
CA PHE A 15 -6.36 2.09 -2.16
C PHE A 15 -5.92 3.56 -2.21
N ASP A 16 -5.58 4.05 -3.38
CA ASP A 16 -5.15 5.47 -3.49
C ASP A 16 -6.32 6.40 -3.15
N LYS A 17 -6.69 6.49 -1.90
CA LYS A 17 -7.82 7.36 -1.51
C LYS A 17 -7.51 8.83 -1.88
N ASN A 18 -6.27 9.11 -2.13
CA ASN A 18 -5.89 10.52 -2.49
C ASN A 18 -6.20 10.77 -3.97
N ALA A 19 -6.35 9.74 -4.75
CA ALA A 19 -6.65 9.93 -6.20
C ALA A 19 -5.49 10.63 -6.89
N ASP A 20 -4.71 9.90 -7.65
CA ASP A 20 -3.56 10.52 -8.36
C ASP A 20 -2.74 9.46 -9.09
N GLY A 21 -2.73 8.25 -8.58
CA GLY A 21 -1.96 7.16 -9.25
C GLY A 21 -0.81 6.73 -8.34
N TYR A 22 -0.82 7.16 -7.11
CA TYR A 22 0.27 6.75 -6.17
C TYR A 22 -0.30 6.52 -4.77
N ILE A 23 0.49 5.96 -3.89
CA ILE A 23 0.01 5.70 -2.50
C ILE A 23 0.96 6.37 -1.50
N ASP A 24 0.43 7.10 -0.56
CA ASP A 24 1.30 7.77 0.44
C ASP A 24 1.30 6.99 1.76
N LEU A 25 2.02 7.47 2.74
CA LEU A 25 2.06 6.77 4.06
C LEU A 25 0.69 6.83 4.74
N ASP A 26 -0.01 7.93 4.57
CA ASP A 26 -1.36 8.04 5.21
C ASP A 26 -2.40 7.26 4.42
N GLU A 27 -2.32 7.29 3.12
CA GLU A 27 -3.31 6.54 2.30
C GLU A 27 -3.25 5.04 2.65
N LEU A 28 -2.08 4.56 2.98
CA LEU A 28 -1.95 3.11 3.34
C LEU A 28 -2.56 2.87 4.72
N LYS A 29 -2.71 3.90 5.50
CA LYS A 29 -3.30 3.72 6.86
C LYS A 29 -4.82 3.53 6.75
N ILE A 30 -5.53 4.54 6.34
CA ILE A 30 -7.01 4.42 6.22
C ILE A 30 -7.37 3.29 5.24
N MET A 31 -6.44 2.90 4.41
CA MET A 31 -6.73 1.81 3.43
C MET A 31 -7.06 0.52 4.18
N LEU A 32 -6.39 0.27 5.27
CA LEU A 32 -6.66 -0.98 6.04
C LEU A 32 -7.75 -0.72 7.08
N GLN A 33 -7.97 0.51 7.43
CA GLN A 33 -9.03 0.84 8.45
C GLN A 33 -10.27 -0.03 8.22
N ALA A 34 -10.85 0.03 7.06
CA ALA A 34 -12.05 -0.78 6.77
C ALA A 34 -11.87 -2.21 7.29
N THR A 35 -10.64 -2.65 7.40
CA THR A 35 -10.38 -4.03 7.91
C THR A 35 -10.21 -4.02 9.43
N GLY A 36 -10.68 -2.98 10.08
CA GLY A 36 -10.54 -2.90 11.56
C GLY A 36 -9.12 -2.47 11.92
N GLU A 37 -8.47 -1.76 11.05
CA GLU A 37 -7.07 -1.31 11.34
C GLU A 37 -7.09 -0.02 12.17
N THR A 38 -7.23 -0.14 13.45
CA THR A 38 -7.23 1.10 14.31
C THR A 38 -5.96 1.12 15.17
N ILE A 39 -4.93 1.76 14.69
CA ILE A 39 -3.66 1.84 15.47
C ILE A 39 -3.08 3.26 15.40
N THR A 40 -2.06 3.53 16.16
CA THR A 40 -1.45 4.89 16.13
C THR A 40 -0.93 5.21 14.72
N GLU A 41 -0.34 6.35 14.53
CA GLU A 41 0.18 6.72 13.18
C GLU A 41 1.62 6.22 13.01
N ASP A 42 2.39 6.22 14.06
CA ASP A 42 3.80 5.76 13.95
C ASP A 42 3.86 4.25 13.67
N ASP A 43 2.75 3.57 13.77
CA ASP A 43 2.76 2.11 13.50
C ASP A 43 2.39 1.82 12.04
N ILE A 44 1.84 2.77 11.35
CA ILE A 44 1.46 2.54 9.93
C ILE A 44 2.69 2.48 9.03
N GLU A 45 3.47 3.52 9.00
CA GLU A 45 4.69 3.52 8.14
C GLU A 45 5.42 2.17 8.26
N GLU A 46 5.33 1.53 9.38
CA GLU A 46 6.02 0.20 9.54
C GLU A 46 5.82 -0.65 8.29
N LEU A 47 4.71 -0.49 7.61
CA LEU A 47 4.46 -1.29 6.38
C LEU A 47 4.99 -0.55 5.15
N MET A 48 4.83 0.74 5.12
CA MET A 48 5.32 1.51 3.93
C MET A 48 6.72 1.04 3.53
N LYS A 49 7.50 0.62 4.48
CA LYS A 49 8.88 0.15 4.16
C LYS A 49 8.84 -0.85 3.00
N ASP A 50 8.19 -1.98 3.19
CA ASP A 50 8.12 -3.00 2.11
C ASP A 50 7.52 -2.38 0.84
N GLY A 51 6.77 -1.32 0.98
CA GLY A 51 6.17 -0.68 -0.22
C GLY A 51 7.21 0.20 -0.92
N ASP A 52 7.74 1.17 -0.22
CA ASP A 52 8.76 2.06 -0.85
C ASP A 52 10.17 1.62 -0.45
N LYS A 53 10.48 0.36 -0.59
CA LYS A 53 11.84 -0.11 -0.22
C LYS A 53 12.90 0.77 -0.90
N ASN A 54 12.57 1.33 -2.03
CA ASN A 54 13.55 2.21 -2.74
C ASN A 54 13.69 3.53 -1.99
N ASN A 55 12.69 3.92 -1.26
CA ASN A 55 12.77 5.20 -0.49
C ASN A 55 12.77 6.39 -1.46
N ASP A 56 11.67 6.62 -2.12
CA ASP A 56 11.60 7.77 -3.08
C ASP A 56 10.56 8.78 -2.61
N GLY A 57 9.70 8.39 -1.71
CA GLY A 57 8.65 9.34 -1.22
C GLY A 57 7.31 8.98 -1.85
N ARG A 58 7.26 7.94 -2.63
CA ARG A 58 5.97 7.55 -3.28
C ARG A 58 5.96 6.05 -3.58
N ILE A 59 4.81 5.44 -3.60
CA ILE A 59 4.74 3.98 -3.88
C ILE A 59 4.06 3.73 -5.24
N ASP A 60 4.82 3.34 -6.22
CA ASP A 60 4.23 3.08 -7.57
C ASP A 60 3.75 1.64 -7.67
N TYR A 61 3.16 1.26 -8.78
CA TYR A 61 2.68 -0.14 -8.93
C TYR A 61 3.87 -1.10 -9.00
N ASP A 62 4.77 -0.88 -9.90
CA ASP A 62 5.96 -1.79 -10.02
C ASP A 62 6.61 -2.01 -8.65
N GLU A 63 6.39 -1.10 -7.74
CA GLU A 63 6.99 -1.25 -6.37
C GLU A 63 5.99 -1.90 -5.41
N PHE A 64 4.74 -1.56 -5.54
CA PHE A 64 3.71 -2.15 -4.64
C PHE A 64 3.82 -3.68 -4.64
N LEU A 65 4.17 -4.26 -5.75
CA LEU A 65 4.30 -5.74 -5.82
C LEU A 65 5.36 -6.24 -4.83
N GLU A 66 6.41 -5.49 -4.64
CA GLU A 66 7.47 -5.92 -3.68
C GLU A 66 6.93 -5.91 -2.25
N PHE A 67 5.79 -5.32 -2.04
CA PHE A 67 5.21 -5.28 -0.67
C PHE A 67 4.29 -6.49 -0.45
N MET A 68 3.51 -6.84 -1.43
CA MET A 68 2.58 -8.00 -1.28
C MET A 68 3.36 -9.31 -1.39
N LYS A 69 4.64 -9.24 -1.68
CA LYS A 69 5.45 -10.48 -1.80
C LYS A 69 5.70 -11.09 -0.42
N GLY A 70 5.39 -10.38 0.63
CA GLY A 70 5.62 -10.93 1.99
C GLY A 70 4.32 -11.51 2.55
N VAL A 71 3.25 -11.43 1.78
CA VAL A 71 1.95 -11.98 2.26
C VAL A 71 1.84 -13.46 1.90
N GLU A 72 2.94 -14.10 1.59
CA GLU A 72 2.90 -15.54 1.23
C GLU A 72 4.08 -16.27 1.86
N MET A 1 -8.83 -9.84 -1.79
CA MET A 1 -9.20 -9.46 -3.19
C MET A 1 -7.93 -9.26 -4.04
N GLY A 2 -7.66 -10.15 -4.94
CA GLY A 2 -6.44 -10.01 -5.80
C GLY A 2 -5.80 -11.38 -6.00
N LYS A 3 -4.65 -11.42 -6.63
CA LYS A 3 -3.98 -12.73 -6.86
C LYS A 3 -2.55 -12.51 -7.36
N SER A 4 -2.40 -11.98 -8.54
CA SER A 4 -1.04 -11.75 -9.10
C SER A 4 -0.97 -10.39 -9.79
N GLU A 5 0.09 -10.11 -10.48
CA GLU A 5 0.21 -8.79 -11.18
C GLU A 5 -1.01 -8.56 -12.07
N GLU A 6 -1.70 -9.61 -12.45
CA GLU A 6 -2.90 -9.44 -13.30
C GLU A 6 -3.99 -8.68 -12.54
N GLU A 7 -4.30 -9.11 -11.35
CA GLU A 7 -5.36 -8.41 -10.56
C GLU A 7 -4.70 -7.38 -9.64
N LEU A 8 -3.45 -7.56 -9.32
CA LEU A 8 -2.77 -6.58 -8.41
C LEU A 8 -2.97 -5.16 -8.94
N SER A 9 -2.92 -4.99 -10.22
CA SER A 9 -3.12 -3.62 -10.81
C SER A 9 -4.56 -3.15 -10.55
N ASP A 10 -5.50 -4.04 -10.58
CA ASP A 10 -6.91 -3.64 -10.33
C ASP A 10 -7.11 -3.26 -8.86
N LEU A 11 -6.12 -3.48 -8.05
CA LEU A 11 -6.23 -3.13 -6.61
C LEU A 11 -5.64 -1.75 -6.35
N PHE A 12 -4.57 -1.42 -7.01
CA PHE A 12 -3.94 -0.09 -6.80
C PHE A 12 -4.96 1.03 -7.03
N ARG A 13 -5.95 0.80 -7.86
CA ARG A 13 -6.97 1.85 -8.12
C ARG A 13 -7.80 2.11 -6.86
N MET A 14 -8.07 1.09 -6.09
CA MET A 14 -8.87 1.29 -4.85
C MET A 14 -8.05 2.00 -3.78
N PHE A 15 -6.88 1.51 -3.49
CA PHE A 15 -6.03 2.16 -2.45
C PHE A 15 -5.85 3.65 -2.77
N ASP A 16 -5.87 4.01 -4.02
CA ASP A 16 -5.69 5.44 -4.39
C ASP A 16 -6.91 6.25 -3.95
N LYS A 17 -7.20 6.28 -2.67
CA LYS A 17 -8.37 7.06 -2.19
C LYS A 17 -8.02 8.54 -2.12
N ASN A 18 -6.77 8.87 -2.29
CA ASN A 18 -6.37 10.31 -2.24
C ASN A 18 -6.46 10.93 -3.64
N ALA A 19 -6.53 10.12 -4.65
CA ALA A 19 -6.62 10.66 -6.04
C ALA A 19 -5.32 11.35 -6.43
N ASP A 20 -4.51 10.71 -7.23
CA ASP A 20 -3.21 11.33 -7.65
C ASP A 20 -2.43 10.37 -8.55
N GLY A 21 -2.60 9.09 -8.37
CA GLY A 21 -1.86 8.11 -9.23
C GLY A 21 -0.80 7.40 -8.37
N TYR A 22 -0.44 7.98 -7.26
CA TYR A 22 0.59 7.34 -6.39
C TYR A 22 0.04 7.19 -4.96
N ILE A 23 0.71 6.44 -4.14
CA ILE A 23 0.22 6.25 -2.74
C ILE A 23 1.26 6.75 -1.73
N ASP A 24 1.01 7.87 -1.12
CA ASP A 24 1.99 8.41 -0.12
C ASP A 24 1.81 7.69 1.22
N LEU A 25 2.56 8.07 2.21
CA LEU A 25 2.44 7.40 3.55
C LEU A 25 1.08 7.72 4.18
N ASP A 26 0.55 8.89 3.93
CA ASP A 26 -0.76 9.26 4.52
C ASP A 26 -1.88 8.40 3.93
N GLU A 27 -1.67 7.84 2.78
CA GLU A 27 -2.73 6.99 2.16
C GLU A 27 -2.74 5.61 2.80
N LEU A 28 -1.59 5.01 2.95
CA LEU A 28 -1.52 3.65 3.57
C LEU A 28 -2.19 3.67 4.96
N LYS A 29 -2.36 4.85 5.52
CA LYS A 29 -3.00 4.94 6.86
C LYS A 29 -4.49 4.60 6.76
N ILE A 30 -5.17 5.15 5.80
CA ILE A 30 -6.62 4.85 5.65
C ILE A 30 -6.84 3.64 4.74
N MET A 31 -5.96 3.44 3.79
CA MET A 31 -6.12 2.28 2.87
C MET A 31 -6.21 0.97 3.67
N LEU A 32 -5.58 0.91 4.81
CA LEU A 32 -5.63 -0.34 5.61
C LEU A 32 -6.83 -0.33 6.57
N GLN A 33 -7.41 0.81 6.80
CA GLN A 33 -8.58 0.88 7.73
C GLN A 33 -9.60 -0.22 7.37
N ALA A 34 -9.58 -0.69 6.17
CA ALA A 34 -10.55 -1.76 5.76
C ALA A 34 -10.49 -2.93 6.74
N THR A 35 -9.39 -3.08 7.44
CA THR A 35 -9.26 -4.20 8.41
C THR A 35 -9.17 -3.66 9.83
N GLY A 36 -9.47 -2.40 10.02
CA GLY A 36 -9.39 -1.80 11.38
C GLY A 36 -7.94 -1.59 11.78
N GLU A 37 -7.10 -1.24 10.84
CA GLU A 37 -5.66 -1.01 11.16
C GLU A 37 -5.53 -0.01 12.30
N THR A 38 -5.46 -0.49 13.51
CA THR A 38 -5.32 0.45 14.66
C THR A 38 -3.94 0.28 15.29
N ILE A 39 -2.99 1.06 14.87
CA ILE A 39 -1.62 0.95 15.43
C ILE A 39 -1.03 2.33 15.68
N THR A 40 0.09 2.41 16.35
CA THR A 40 0.70 3.73 16.62
C THR A 40 1.24 4.34 15.32
N GLU A 41 1.36 5.64 15.27
CA GLU A 41 1.88 6.28 14.02
C GLU A 41 3.22 5.67 13.62
N ASP A 42 4.01 5.26 14.57
CA ASP A 42 5.34 4.66 14.22
C ASP A 42 5.15 3.36 13.46
N ASP A 43 3.99 2.76 13.58
CA ASP A 43 3.74 1.47 12.85
C ASP A 43 3.46 1.74 11.37
N ILE A 44 3.21 2.97 11.01
CA ILE A 44 2.92 3.28 9.58
C ILE A 44 4.17 3.06 8.73
N GLU A 45 5.21 3.81 8.98
CA GLU A 45 6.47 3.64 8.19
C GLU A 45 6.88 2.16 8.17
N GLU A 46 6.40 1.40 9.10
CA GLU A 46 6.77 -0.05 9.15
C GLU A 46 6.43 -0.73 7.82
N LEU A 47 5.33 -0.37 7.21
CA LEU A 47 4.96 -1.00 5.91
C LEU A 47 5.59 -0.23 4.74
N MET A 48 5.83 1.03 4.91
CA MET A 48 6.45 1.82 3.80
C MET A 48 7.71 1.13 3.28
N LYS A 49 8.30 0.28 4.07
CA LYS A 49 9.53 -0.43 3.62
C LYS A 49 9.17 -1.52 2.61
N ASP A 50 8.16 -2.29 2.89
CA ASP A 50 7.77 -3.38 1.95
C ASP A 50 7.21 -2.78 0.66
N GLY A 51 6.59 -1.63 0.73
CA GLY A 51 6.03 -1.00 -0.49
C GLY A 51 6.96 0.11 -0.99
N ASP A 52 7.80 0.61 -0.13
CA ASP A 52 8.74 1.68 -0.55
C ASP A 52 10.13 1.44 0.03
N LYS A 53 10.86 0.51 -0.50
CA LYS A 53 12.22 0.23 0.02
C LYS A 53 13.16 1.40 -0.31
N ASN A 54 12.76 2.24 -1.22
CA ASN A 54 13.61 3.41 -1.59
C ASN A 54 13.30 4.59 -0.68
N ASN A 55 12.23 4.51 0.07
CA ASN A 55 11.88 5.64 0.98
C ASN A 55 11.73 6.94 0.19
N ASP A 56 11.54 6.84 -1.10
CA ASP A 56 11.39 8.08 -1.93
C ASP A 56 10.19 8.90 -1.45
N GLY A 57 9.29 8.27 -0.74
CA GLY A 57 8.09 9.01 -0.24
C GLY A 57 6.93 8.80 -1.21
N ARG A 58 6.96 7.75 -1.99
CA ARG A 58 5.86 7.48 -2.94
C ARG A 58 5.83 6.00 -3.32
N ILE A 59 4.67 5.38 -3.26
CA ILE A 59 4.59 3.94 -3.61
C ILE A 59 3.95 3.77 -4.99
N ASP A 60 4.72 3.34 -5.96
CA ASP A 60 4.15 3.15 -7.32
C ASP A 60 3.60 1.74 -7.47
N TYR A 61 3.22 1.35 -8.67
CA TYR A 61 2.66 -0.02 -8.86
C TYR A 61 3.75 -1.08 -8.65
N ASP A 62 4.77 -1.07 -9.46
CA ASP A 62 5.86 -2.07 -9.30
C ASP A 62 6.25 -2.21 -7.82
N GLU A 63 6.30 -1.11 -7.11
CA GLU A 63 6.67 -1.19 -5.67
C GLU A 63 5.55 -1.83 -4.86
N PHE A 64 4.34 -1.73 -5.32
CA PHE A 64 3.19 -2.33 -4.58
C PHE A 64 3.27 -3.86 -4.65
N LEU A 65 3.59 -4.39 -5.79
CA LEU A 65 3.68 -5.88 -5.93
C LEU A 65 4.40 -6.47 -4.72
N GLU A 66 5.53 -5.94 -4.37
CA GLU A 66 6.29 -6.48 -3.20
C GLU A 66 5.52 -6.21 -1.90
N PHE A 67 4.70 -5.20 -1.88
CA PHE A 67 3.92 -4.88 -0.65
C PHE A 67 3.20 -6.14 -0.15
N MET A 68 2.67 -6.93 -1.04
CA MET A 68 1.93 -8.16 -0.62
C MET A 68 2.93 -9.19 -0.06
N LYS A 69 3.96 -9.50 -0.78
CA LYS A 69 4.95 -10.49 -0.30
C LYS A 69 4.28 -11.86 -0.13
N GLY A 70 3.14 -12.05 -0.74
CA GLY A 70 2.44 -13.35 -0.61
C GLY A 70 1.07 -13.14 0.03
N VAL A 71 1.04 -12.77 1.29
CA VAL A 71 -0.26 -12.53 1.96
C VAL A 71 -1.15 -13.78 1.85
N GLU A 72 -0.87 -14.79 2.62
CA GLU A 72 -1.69 -16.03 2.56
C GLU A 72 -1.92 -16.44 1.10
N MET A 1 -8.23 -11.54 -3.89
CA MET A 1 -7.04 -11.51 -2.99
C MET A 1 -5.81 -10.99 -3.75
N GLY A 2 -4.74 -10.74 -3.05
CA GLY A 2 -3.52 -10.23 -3.73
C GLY A 2 -2.94 -11.32 -4.63
N LYS A 3 -2.99 -11.13 -5.92
CA LYS A 3 -2.44 -12.15 -6.86
C LYS A 3 -1.73 -11.47 -8.03
N SER A 4 -1.81 -12.04 -9.20
CA SER A 4 -1.15 -11.40 -10.38
C SER A 4 -1.60 -9.94 -10.50
N GLU A 5 -1.06 -9.23 -11.45
CA GLU A 5 -1.47 -7.81 -11.62
C GLU A 5 -2.97 -7.71 -11.89
N GLU A 6 -3.60 -8.81 -12.20
CA GLU A 6 -5.07 -8.79 -12.48
C GLU A 6 -5.83 -8.29 -11.24
N GLU A 7 -5.47 -8.77 -10.08
CA GLU A 7 -6.18 -8.32 -8.85
C GLU A 7 -5.44 -7.15 -8.19
N LEU A 8 -4.14 -7.15 -8.27
CA LEU A 8 -3.35 -6.04 -7.65
C LEU A 8 -3.61 -4.73 -8.40
N SER A 9 -4.15 -4.81 -9.59
CA SER A 9 -4.42 -3.57 -10.36
C SER A 9 -5.64 -2.84 -9.78
N ASP A 10 -6.78 -3.47 -9.77
CA ASP A 10 -8.00 -2.81 -9.22
C ASP A 10 -7.78 -2.46 -7.75
N LEU A 11 -6.92 -3.17 -7.08
CA LEU A 11 -6.66 -2.88 -5.64
C LEU A 11 -5.84 -1.60 -5.51
N PHE A 12 -4.82 -1.46 -6.30
CA PHE A 12 -3.98 -0.23 -6.22
C PHE A 12 -4.83 1.00 -6.50
N ARG A 13 -5.88 0.84 -7.27
CA ARG A 13 -6.77 1.99 -7.58
C ARG A 13 -7.40 2.52 -6.28
N MET A 14 -7.83 1.63 -5.43
CA MET A 14 -8.45 2.06 -4.14
C MET A 14 -7.36 2.24 -3.08
N PHE A 15 -6.39 1.37 -3.07
CA PHE A 15 -5.30 1.49 -2.05
C PHE A 15 -4.82 2.94 -1.97
N ASP A 16 -5.00 3.69 -3.02
CA ASP A 16 -4.56 5.12 -3.01
C ASP A 16 -5.76 6.04 -2.75
N LYS A 17 -5.89 6.53 -1.55
CA LYS A 17 -7.04 7.42 -1.23
C LYS A 17 -6.98 8.70 -2.08
N ASN A 18 -5.80 9.21 -2.31
CA ASN A 18 -5.68 10.45 -3.13
C ASN A 18 -5.72 10.11 -4.62
N ALA A 19 -5.48 8.88 -4.96
CA ALA A 19 -5.50 8.48 -6.40
C ALA A 19 -4.71 9.48 -7.24
N ASP A 20 -3.48 9.16 -7.57
CA ASP A 20 -2.67 10.10 -8.40
C ASP A 20 -1.51 9.35 -9.05
N GLY A 21 -1.63 8.05 -9.20
CA GLY A 21 -0.54 7.27 -9.84
C GLY A 21 0.41 6.75 -8.76
N TYR A 22 0.32 7.26 -7.57
CA TYR A 22 1.22 6.80 -6.48
C TYR A 22 0.47 6.79 -5.14
N ILE A 23 1.12 6.36 -4.08
CA ILE A 23 0.44 6.33 -2.75
C ILE A 23 1.30 7.04 -1.70
N ASP A 24 0.66 7.62 -0.71
CA ASP A 24 1.44 8.32 0.36
C ASP A 24 1.28 7.58 1.69
N LEU A 25 2.20 7.77 2.60
CA LEU A 25 2.10 7.07 3.91
C LEU A 25 0.77 7.40 4.60
N ASP A 26 0.16 8.49 4.24
CA ASP A 26 -1.14 8.87 4.87
C ASP A 26 -2.30 8.15 4.17
N GLU A 27 -2.15 7.85 2.91
CA GLU A 27 -3.24 7.16 2.18
C GLU A 27 -3.32 5.69 2.60
N LEU A 28 -2.19 5.05 2.79
CA LEU A 28 -2.21 3.61 3.20
C LEU A 28 -2.86 3.47 4.58
N LYS A 29 -2.44 4.26 5.53
CA LYS A 29 -3.03 4.16 6.90
C LYS A 29 -4.56 4.30 6.84
N ILE A 30 -5.04 5.46 6.45
CA ILE A 30 -6.52 5.66 6.38
C ILE A 30 -7.17 4.54 5.57
N MET A 31 -6.42 3.87 4.75
CA MET A 31 -7.00 2.76 3.92
C MET A 31 -7.13 1.48 4.75
N LEU A 32 -6.40 1.38 5.83
CA LEU A 32 -6.49 0.15 6.67
C LEU A 32 -7.75 0.18 7.53
N GLN A 33 -8.43 1.30 7.55
CA GLN A 33 -9.67 1.40 8.36
C GLN A 33 -10.63 0.24 8.05
N ALA A 34 -10.44 -0.40 6.92
CA ALA A 34 -11.33 -1.54 6.56
C ALA A 34 -11.24 -2.65 7.61
N THR A 35 -10.10 -2.80 8.22
CA THR A 35 -9.94 -3.86 9.25
C THR A 35 -9.80 -3.23 10.64
N GLY A 36 -10.23 -2.01 10.80
CA GLY A 36 -10.11 -1.34 12.13
C GLY A 36 -8.87 -0.46 12.14
N GLU A 37 -7.91 -0.76 11.31
CA GLU A 37 -6.67 0.07 11.26
C GLU A 37 -6.16 0.36 12.68
N THR A 38 -5.96 -0.66 13.46
CA THR A 38 -5.45 -0.42 14.85
C THR A 38 -4.01 -0.89 14.96
N ILE A 39 -3.08 -0.01 14.74
CA ILE A 39 -1.64 -0.40 14.83
C ILE A 39 -0.85 0.70 15.54
N THR A 40 0.29 0.38 16.07
CA THR A 40 1.11 1.42 16.76
C THR A 40 1.59 2.45 15.75
N GLU A 41 1.63 3.70 16.12
CA GLU A 41 2.09 4.74 15.16
C GLU A 41 3.47 4.38 14.58
N ASP A 42 4.17 3.49 15.23
CA ASP A 42 5.52 3.10 14.72
C ASP A 42 5.39 2.06 13.60
N ASP A 43 4.27 1.38 13.52
CA ASP A 43 4.10 0.34 12.45
C ASP A 43 3.51 0.97 11.20
N ILE A 44 3.05 2.20 11.29
CA ILE A 44 2.46 2.86 10.09
C ILE A 44 3.47 2.90 8.95
N GLU A 45 4.71 3.18 9.24
CA GLU A 45 5.74 3.23 8.16
C GLU A 45 6.23 1.82 7.84
N GLU A 46 6.01 0.88 8.71
CA GLU A 46 6.47 -0.51 8.44
C GLU A 46 5.77 -1.06 7.20
N LEU A 47 4.56 -0.65 6.96
CA LEU A 47 3.82 -1.16 5.77
C LEU A 47 4.30 -0.44 4.50
N MET A 48 4.48 0.85 4.58
CA MET A 48 4.94 1.60 3.36
C MET A 48 6.36 1.17 2.99
N LYS A 49 7.14 0.74 3.94
CA LYS A 49 8.54 0.32 3.64
C LYS A 49 8.55 -0.65 2.45
N ASP A 50 7.98 -1.81 2.62
CA ASP A 50 7.95 -2.81 1.49
C ASP A 50 7.45 -2.14 0.21
N GLY A 51 6.54 -1.22 0.32
CA GLY A 51 6.00 -0.55 -0.89
C GLY A 51 7.01 0.50 -1.39
N ASP A 52 7.65 1.19 -0.48
CA ASP A 52 8.64 2.22 -0.91
C ASP A 52 10.01 1.94 -0.27
N LYS A 53 10.50 0.74 -0.45
CA LYS A 53 11.83 0.40 0.15
C LYS A 53 12.87 1.45 -0.24
N ASN A 54 12.61 2.19 -1.29
CA ASN A 54 13.58 3.24 -1.72
C ASN A 54 13.41 4.49 -0.85
N ASN A 55 12.44 4.50 0.02
CA ASN A 55 12.22 5.68 0.90
C ASN A 55 12.03 6.94 0.05
N ASP A 56 11.22 6.85 -0.97
CA ASP A 56 10.97 8.03 -1.84
C ASP A 56 9.74 8.80 -1.37
N GLY A 57 8.93 8.17 -0.55
CA GLY A 57 7.70 8.86 -0.05
C GLY A 57 6.52 8.55 -0.97
N ARG A 58 6.79 8.01 -2.14
CA ARG A 58 5.67 7.69 -3.09
C ARG A 58 5.72 6.22 -3.48
N ILE A 59 4.62 5.54 -3.37
CA ILE A 59 4.59 4.09 -3.75
C ILE A 59 3.84 3.91 -5.08
N ASP A 60 4.52 3.44 -6.09
CA ASP A 60 3.84 3.25 -7.41
C ASP A 60 3.42 1.79 -7.58
N TYR A 61 2.64 1.50 -8.58
CA TYR A 61 2.19 0.09 -8.81
C TYR A 61 3.40 -0.84 -8.86
N ASP A 62 4.34 -0.57 -9.74
CA ASP A 62 5.54 -1.44 -9.84
C ASP A 62 6.11 -1.74 -8.46
N GLU A 63 5.84 -0.89 -7.50
CA GLU A 63 6.37 -1.13 -6.13
C GLU A 63 5.34 -1.87 -5.27
N PHE A 64 4.08 -1.72 -5.60
CA PHE A 64 3.02 -2.42 -4.80
C PHE A 64 3.18 -3.95 -4.92
N LEU A 65 3.78 -4.41 -5.98
CA LEU A 65 3.96 -5.88 -6.14
C LEU A 65 4.77 -6.45 -4.98
N GLU A 66 5.99 -6.01 -4.81
CA GLU A 66 6.83 -6.54 -3.69
C GLU A 66 6.04 -6.48 -2.37
N PHE A 67 5.08 -5.61 -2.29
CA PHE A 67 4.28 -5.51 -1.03
C PHE A 67 3.30 -6.69 -0.92
N MET A 68 2.46 -6.86 -1.89
CA MET A 68 1.48 -8.00 -1.84
C MET A 68 2.21 -9.32 -2.08
N LYS A 69 3.47 -9.27 -2.42
CA LYS A 69 4.23 -10.53 -2.65
C LYS A 69 4.48 -11.25 -1.33
N GLY A 70 3.44 -11.78 -0.73
CA GLY A 70 3.62 -12.49 0.58
C GLY A 70 2.42 -12.22 1.48
N VAL A 71 1.24 -12.19 0.92
CA VAL A 71 0.03 -11.93 1.76
C VAL A 71 -0.85 -13.18 1.81
N GLU A 72 -0.40 -14.25 1.22
CA GLU A 72 -1.21 -15.50 1.24
C GLU A 72 -1.04 -16.22 2.58
N MET A 1 -9.10 -9.88 -2.22
CA MET A 1 -7.74 -9.57 -1.70
C MET A 1 -6.76 -9.39 -2.86
N GLY A 2 -5.56 -8.96 -2.58
CA GLY A 2 -4.56 -8.78 -3.67
C GLY A 2 -3.84 -10.11 -3.95
N LYS A 3 -3.66 -10.44 -5.20
CA LYS A 3 -2.97 -11.71 -5.54
C LYS A 3 -1.81 -11.45 -6.50
N SER A 4 -2.09 -11.30 -7.76
CA SER A 4 -1.01 -11.03 -8.74
C SER A 4 -1.25 -9.69 -9.44
N GLU A 5 -0.31 -9.25 -10.23
CA GLU A 5 -0.50 -7.95 -10.94
C GLU A 5 -1.92 -7.86 -11.51
N GLU A 6 -2.53 -8.98 -11.78
CA GLU A 6 -3.91 -8.96 -12.33
C GLU A 6 -4.85 -8.22 -11.38
N GLU A 7 -5.02 -8.74 -10.20
CA GLU A 7 -5.92 -8.06 -9.20
C GLU A 7 -5.19 -6.90 -8.53
N LEU A 8 -3.92 -7.03 -8.32
CA LEU A 8 -3.15 -5.93 -7.67
C LEU A 8 -3.28 -4.64 -8.50
N SER A 9 -3.62 -4.77 -9.75
CA SER A 9 -3.77 -3.55 -10.60
C SER A 9 -4.89 -2.65 -10.06
N ASP A 10 -6.08 -3.17 -9.97
CA ASP A 10 -7.21 -2.34 -9.44
C ASP A 10 -7.02 -2.09 -7.95
N LEU A 11 -6.38 -2.99 -7.26
CA LEU A 11 -6.16 -2.79 -5.80
C LEU A 11 -5.57 -1.41 -5.53
N PHE A 12 -4.40 -1.15 -6.05
CA PHE A 12 -3.76 0.19 -5.83
C PHE A 12 -4.76 1.31 -6.16
N ARG A 13 -5.52 1.15 -7.20
CA ARG A 13 -6.51 2.20 -7.57
C ARG A 13 -7.34 2.60 -6.35
N MET A 14 -7.80 1.64 -5.61
CA MET A 14 -8.62 1.96 -4.40
C MET A 14 -7.73 2.52 -3.29
N PHE A 15 -6.66 1.84 -2.97
CA PHE A 15 -5.76 2.34 -1.90
C PHE A 15 -5.44 3.82 -2.11
N ASP A 16 -5.16 4.21 -3.32
CA ASP A 16 -4.84 5.64 -3.59
C ASP A 16 -6.09 6.51 -3.48
N LYS A 17 -6.47 6.86 -2.29
CA LYS A 17 -7.69 7.71 -2.11
C LYS A 17 -7.34 9.18 -2.36
N ASN A 18 -6.06 9.47 -2.47
CA ASN A 18 -5.65 10.88 -2.71
C ASN A 18 -5.90 11.27 -4.17
N ALA A 19 -6.26 10.32 -5.00
CA ALA A 19 -6.52 10.63 -6.43
C ALA A 19 -5.25 11.20 -7.07
N ASP A 20 -4.13 10.58 -6.82
CA ASP A 20 -2.85 11.09 -7.40
C ASP A 20 -2.20 9.99 -8.26
N GLY A 21 -2.51 8.75 -7.99
CA GLY A 21 -1.92 7.65 -8.79
C GLY A 21 -0.75 7.03 -8.01
N TYR A 22 -0.62 7.36 -6.76
CA TYR A 22 0.49 6.80 -5.95
C TYR A 22 0.05 6.59 -4.50
N ILE A 23 0.89 6.04 -3.68
CA ILE A 23 0.51 5.81 -2.25
C ILE A 23 1.63 6.29 -1.33
N ASP A 24 1.37 7.28 -0.52
CA ASP A 24 2.41 7.80 0.41
C ASP A 24 2.24 7.16 1.79
N LEU A 25 2.97 7.65 2.76
CA LEU A 25 2.85 7.07 4.13
C LEU A 25 1.52 7.50 4.77
N ASP A 26 0.95 8.59 4.32
CA ASP A 26 -0.34 9.05 4.90
C ASP A 26 -1.51 8.39 4.16
N GLU A 27 -1.24 7.80 3.02
CA GLU A 27 -2.34 7.15 2.26
C GLU A 27 -2.39 5.65 2.59
N LEU A 28 -1.28 5.10 3.00
CA LEU A 28 -1.26 3.65 3.34
C LEU A 28 -2.20 3.35 4.52
N LYS A 29 -2.55 4.36 5.26
CA LYS A 29 -3.45 4.15 6.43
C LYS A 29 -4.92 4.37 6.05
N ILE A 30 -5.16 5.01 4.93
CA ILE A 30 -6.57 5.26 4.51
C ILE A 30 -7.09 4.11 3.64
N MET A 31 -6.23 3.52 2.87
CA MET A 31 -6.66 2.39 1.98
C MET A 31 -7.35 1.29 2.79
N LEU A 32 -7.05 1.21 4.06
CA LEU A 32 -7.66 0.14 4.90
C LEU A 32 -9.02 0.62 5.45
N GLN A 33 -9.34 1.87 5.27
CA GLN A 33 -10.64 2.39 5.78
C GLN A 33 -11.78 1.44 5.39
N ALA A 34 -11.59 0.66 4.36
CA ALA A 34 -12.66 -0.29 3.95
C ALA A 34 -12.54 -1.61 4.70
N THR A 35 -11.40 -1.86 5.29
CA THR A 35 -11.22 -3.14 6.04
C THR A 35 -11.10 -2.86 7.55
N GLY A 36 -11.70 -1.79 8.01
CA GLY A 36 -11.62 -1.47 9.47
C GLY A 36 -10.43 -0.55 9.73
N GLU A 37 -9.43 -0.59 8.90
CA GLU A 37 -8.26 0.29 9.10
C GLU A 37 -7.83 0.26 10.57
N THR A 38 -7.79 -0.89 11.18
CA THR A 38 -7.38 -0.95 12.61
C THR A 38 -5.93 -1.43 12.72
N ILE A 39 -5.00 -0.52 12.76
CA ILE A 39 -3.57 -0.92 12.87
C ILE A 39 -2.84 0.02 13.84
N THR A 40 -1.69 -0.36 14.30
CA THR A 40 -0.94 0.52 15.24
C THR A 40 -0.29 1.67 14.48
N GLU A 41 -0.35 2.86 15.00
CA GLU A 41 0.26 4.02 14.29
C GLU A 41 1.74 3.74 14.01
N ASP A 42 2.34 2.85 14.75
CA ASP A 42 3.78 2.54 14.52
C ASP A 42 3.92 1.61 13.31
N ASP A 43 2.83 1.05 12.84
CA ASP A 43 2.91 0.14 11.66
C ASP A 43 2.69 0.93 10.36
N ILE A 44 2.03 2.06 10.44
CA ILE A 44 1.79 2.87 9.22
C ILE A 44 3.09 3.00 8.40
N GLU A 45 4.21 3.12 9.06
CA GLU A 45 5.49 3.25 8.33
C GLU A 45 6.13 1.87 8.15
N GLU A 46 5.75 0.91 8.96
CA GLU A 46 6.34 -0.45 8.83
C GLU A 46 6.04 -1.02 7.44
N LEU A 47 4.83 -0.86 6.98
CA LEU A 47 4.47 -1.39 5.63
C LEU A 47 5.38 -0.79 4.56
N MET A 48 5.55 0.51 4.58
CA MET A 48 6.41 1.16 3.56
C MET A 48 7.70 0.36 3.36
N LYS A 49 8.20 -0.25 4.40
CA LYS A 49 9.46 -1.04 4.27
C LYS A 49 9.29 -2.13 3.20
N ASP A 50 8.21 -2.85 3.23
CA ASP A 50 7.99 -3.93 2.22
C ASP A 50 7.38 -3.36 0.95
N GLY A 51 6.57 -2.34 1.07
CA GLY A 51 5.93 -1.75 -0.14
C GLY A 51 6.81 -0.61 -0.69
N ASP A 52 7.98 -0.43 -0.16
CA ASP A 52 8.86 0.66 -0.66
C ASP A 52 10.27 0.53 -0.08
N LYS A 53 10.87 -0.62 -0.18
CA LYS A 53 12.25 -0.78 0.37
C LYS A 53 13.16 0.28 -0.25
N ASN A 54 12.77 0.83 -1.36
CA ASN A 54 13.61 1.88 -2.02
C ASN A 54 13.43 3.21 -1.27
N ASN A 55 12.32 3.39 -0.62
CA ASN A 55 12.08 4.65 0.13
C ASN A 55 12.29 5.86 -0.80
N ASP A 56 11.25 6.29 -1.46
CA ASP A 56 11.38 7.46 -2.37
C ASP A 56 10.31 8.51 -2.03
N GLY A 57 9.53 8.26 -1.01
CA GLY A 57 8.48 9.24 -0.62
C GLY A 57 7.14 8.81 -1.20
N ARG A 58 7.09 7.70 -1.90
CA ARG A 58 5.81 7.23 -2.49
C ARG A 58 5.91 5.75 -2.87
N ILE A 59 4.81 5.04 -2.82
CA ILE A 59 4.83 3.60 -3.18
C ILE A 59 4.22 3.39 -4.56
N ASP A 60 5.02 3.40 -5.59
CA ASP A 60 4.46 3.20 -6.97
C ASP A 60 3.95 1.77 -7.12
N TYR A 61 3.02 1.56 -8.01
CA TYR A 61 2.47 0.19 -8.21
C TYR A 61 3.60 -0.81 -8.50
N ASP A 62 4.60 -0.37 -9.21
CA ASP A 62 5.72 -1.30 -9.54
C ASP A 62 6.38 -1.82 -8.25
N GLU A 63 6.56 -0.99 -7.27
CA GLU A 63 7.19 -1.44 -6.01
C GLU A 63 6.15 -2.07 -5.06
N PHE A 64 4.90 -1.78 -5.28
CA PHE A 64 3.84 -2.34 -4.40
C PHE A 64 3.94 -3.87 -4.37
N LEU A 65 4.34 -4.48 -5.45
CA LEU A 65 4.46 -5.97 -5.47
C LEU A 65 5.39 -6.46 -4.37
N GLU A 66 6.45 -5.74 -4.10
CA GLU A 66 7.40 -6.18 -3.04
C GLU A 66 6.69 -6.23 -1.68
N PHE A 67 5.51 -5.69 -1.59
CA PHE A 67 4.78 -5.71 -0.29
C PHE A 67 3.94 -6.98 -0.16
N MET A 68 3.38 -7.44 -1.23
CA MET A 68 2.55 -8.68 -1.16
C MET A 68 3.41 -9.92 -1.40
N LYS A 69 4.64 -9.73 -1.80
CA LYS A 69 5.53 -10.91 -2.04
C LYS A 69 5.86 -11.60 -0.72
N GLY A 70 5.51 -11.01 0.38
CA GLY A 70 5.81 -11.64 1.69
C GLY A 70 4.52 -11.82 2.49
N VAL A 71 3.51 -11.05 2.19
CA VAL A 71 2.22 -11.20 2.94
C VAL A 71 1.63 -12.59 2.70
N GLU A 72 1.87 -13.16 1.56
CA GLU A 72 1.32 -14.52 1.28
C GLU A 72 2.31 -15.60 1.72
N MET A 1 -8.97 -11.62 -4.88
CA MET A 1 -8.62 -10.54 -5.84
C MET A 1 -7.46 -9.70 -5.29
N GLY A 2 -6.25 -10.12 -5.55
CA GLY A 2 -5.07 -9.34 -5.05
C GLY A 2 -3.87 -10.29 -4.92
N LYS A 3 -3.36 -10.78 -6.01
CA LYS A 3 -2.19 -11.70 -5.94
C LYS A 3 -1.07 -11.21 -6.86
N SER A 4 -1.27 -11.31 -8.15
CA SER A 4 -0.21 -10.85 -9.10
C SER A 4 -0.66 -9.57 -9.81
N GLU A 5 0.21 -8.96 -10.55
CA GLU A 5 -0.16 -7.70 -11.27
C GLU A 5 -1.53 -7.85 -11.93
N GLU A 6 -1.90 -9.05 -12.29
CA GLU A 6 -3.23 -9.27 -12.94
C GLU A 6 -4.35 -8.70 -12.06
N GLU A 7 -4.44 -9.17 -10.85
CA GLU A 7 -5.52 -8.66 -9.94
C GLU A 7 -5.05 -7.41 -9.20
N LEU A 8 -3.82 -7.39 -8.77
CA LEU A 8 -3.30 -6.20 -8.04
C LEU A 8 -3.60 -4.91 -8.83
N SER A 9 -3.71 -5.02 -10.13
CA SER A 9 -4.00 -3.81 -10.95
C SER A 9 -5.32 -3.17 -10.50
N ASP A 10 -6.42 -3.87 -10.65
CA ASP A 10 -7.72 -3.29 -10.24
C ASP A 10 -7.67 -2.87 -8.76
N LEU A 11 -7.04 -3.65 -7.94
CA LEU A 11 -6.94 -3.29 -6.49
C LEU A 11 -6.21 -1.96 -6.32
N PHE A 12 -4.97 -1.90 -6.75
CA PHE A 12 -4.21 -0.63 -6.60
C PHE A 12 -5.06 0.56 -7.09
N ARG A 13 -5.89 0.34 -8.08
CA ARG A 13 -6.74 1.44 -8.60
C ARG A 13 -7.51 2.10 -7.45
N MET A 14 -8.31 1.35 -6.74
CA MET A 14 -9.09 1.93 -5.62
C MET A 14 -8.20 2.11 -4.39
N PHE A 15 -7.33 1.18 -4.14
CA PHE A 15 -6.43 1.30 -2.95
C PHE A 15 -5.86 2.72 -2.85
N ASP A 16 -5.13 3.15 -3.84
CA ASP A 16 -4.54 4.51 -3.80
C ASP A 16 -5.60 5.55 -3.40
N LYS A 17 -5.53 6.05 -2.20
CA LYS A 17 -6.53 7.05 -1.74
C LYS A 17 -6.43 8.32 -2.62
N ASN A 18 -5.24 8.77 -2.87
CA ASN A 18 -5.08 10.00 -3.71
C ASN A 18 -5.37 9.66 -5.18
N ALA A 19 -5.33 8.40 -5.53
CA ALA A 19 -5.61 8.01 -6.94
C ALA A 19 -4.73 8.82 -7.90
N ASP A 20 -3.45 8.59 -7.89
CA ASP A 20 -2.55 9.34 -8.81
C ASP A 20 -1.50 8.41 -9.41
N GLY A 21 -1.65 7.13 -9.20
CA GLY A 21 -0.67 6.17 -9.76
C GLY A 21 0.30 5.71 -8.66
N TYR A 22 0.49 6.53 -7.66
CA TYR A 22 1.42 6.15 -6.57
C TYR A 22 0.71 6.23 -5.22
N ILE A 23 1.37 5.87 -4.16
CA ILE A 23 0.72 5.93 -2.81
C ILE A 23 1.65 6.60 -1.80
N ASP A 24 1.10 7.39 -0.90
CA ASP A 24 1.96 8.07 0.10
C ASP A 24 1.66 7.52 1.51
N LEU A 25 2.55 7.73 2.44
CA LEU A 25 2.31 7.23 3.82
C LEU A 25 0.90 7.58 4.28
N ASP A 26 0.58 8.84 4.34
CA ASP A 26 -0.78 9.25 4.78
C ASP A 26 -1.85 8.40 4.08
N GLU A 27 -1.57 7.97 2.88
CA GLU A 27 -2.56 7.13 2.15
C GLU A 27 -2.56 5.69 2.68
N LEU A 28 -1.40 5.14 2.91
CA LEU A 28 -1.34 3.73 3.42
C LEU A 28 -2.14 3.61 4.72
N LYS A 29 -2.20 4.66 5.49
CA LYS A 29 -2.97 4.60 6.78
C LYS A 29 -4.48 4.65 6.50
N ILE A 30 -4.92 5.58 5.70
CA ILE A 30 -6.37 5.68 5.39
C ILE A 30 -6.82 4.54 4.47
N MET A 31 -5.89 3.89 3.82
CA MET A 31 -6.27 2.77 2.90
C MET A 31 -6.72 1.55 3.71
N LEU A 32 -6.32 1.47 4.94
CA LEU A 32 -6.73 0.29 5.78
C LEU A 32 -8.18 0.44 6.24
N GLN A 33 -8.74 1.62 6.12
CA GLN A 33 -10.14 1.83 6.56
C GLN A 33 -11.03 0.67 6.11
N ALA A 34 -10.69 0.05 5.01
CA ALA A 34 -11.52 -1.09 4.52
C ALA A 34 -11.56 -2.22 5.55
N THR A 35 -10.72 -2.16 6.55
CA THR A 35 -10.71 -3.23 7.58
C THR A 35 -10.75 -2.63 9.00
N GLY A 36 -11.26 -1.43 9.12
CA GLY A 36 -11.34 -0.78 10.47
C GLY A 36 -10.10 0.09 10.69
N GLU A 37 -9.01 -0.24 10.03
CA GLU A 37 -7.77 0.56 10.20
C GLU A 37 -7.34 0.59 11.67
N THR A 38 -7.19 -0.55 12.27
CA THR A 38 -6.76 -0.58 13.71
C THR A 38 -5.32 -1.09 13.80
N ILE A 39 -4.37 -0.19 13.83
CA ILE A 39 -2.95 -0.63 13.92
C ILE A 39 -2.19 0.26 14.92
N THR A 40 -0.99 -0.10 15.26
CA THR A 40 -0.21 0.73 16.22
C THR A 40 0.23 2.03 15.55
N GLU A 41 0.60 3.01 16.32
CA GLU A 41 1.05 4.30 15.71
C GLU A 41 2.37 4.10 14.95
N ASP A 42 3.29 3.37 15.53
CA ASP A 42 4.60 3.15 14.85
C ASP A 42 4.45 2.12 13.73
N ASP A 43 3.56 1.18 13.88
CA ASP A 43 3.37 0.15 12.82
C ASP A 43 2.90 0.81 11.51
N ILE A 44 2.44 2.03 11.59
CA ILE A 44 1.96 2.73 10.36
C ILE A 44 3.07 2.76 9.30
N GLU A 45 4.07 3.58 9.50
CA GLU A 45 5.18 3.67 8.51
C GLU A 45 5.90 2.32 8.40
N GLU A 46 5.75 1.46 9.38
CA GLU A 46 6.43 0.14 9.32
C GLU A 46 6.03 -0.62 8.06
N LEU A 47 4.80 -0.45 7.61
CA LEU A 47 4.35 -1.17 6.39
C LEU A 47 4.90 -0.49 5.14
N MET A 48 5.30 0.75 5.26
CA MET A 48 5.84 1.47 4.06
C MET A 48 7.17 0.85 3.63
N LYS A 49 8.04 0.55 4.56
CA LYS A 49 9.35 -0.04 4.20
C LYS A 49 9.15 -1.33 3.38
N ASP A 50 8.22 -2.15 3.77
CA ASP A 50 7.97 -3.42 3.02
C ASP A 50 7.36 -3.11 1.65
N GLY A 51 6.73 -1.97 1.51
CA GLY A 51 6.11 -1.63 0.20
C GLY A 51 7.02 -0.64 -0.56
N ASP A 52 7.86 0.07 0.13
CA ASP A 52 8.76 1.04 -0.56
C ASP A 52 10.15 1.00 0.05
N LYS A 53 10.84 -0.10 -0.07
CA LYS A 53 12.22 -0.19 0.50
C LYS A 53 13.06 0.98 0.00
N ASN A 54 12.73 1.51 -1.15
CA ASN A 54 13.51 2.66 -1.70
C ASN A 54 12.91 3.97 -1.19
N ASN A 55 11.81 3.91 -0.51
CA ASN A 55 11.17 5.14 0.03
C ASN A 55 10.84 6.12 -1.13
N ASP A 56 11.76 6.97 -1.48
CA ASP A 56 11.49 7.93 -2.61
C ASP A 56 10.24 8.77 -2.29
N GLY A 57 9.80 8.76 -1.05
CA GLY A 57 8.60 9.56 -0.69
C GLY A 57 7.43 9.20 -1.61
N ARG A 58 7.47 8.05 -2.22
CA ARG A 58 6.35 7.66 -3.13
C ARG A 58 6.35 6.14 -3.35
N ILE A 59 5.19 5.55 -3.50
CA ILE A 59 5.11 4.08 -3.72
C ILE A 59 4.51 3.80 -5.10
N ASP A 60 5.21 3.07 -5.93
CA ASP A 60 4.67 2.78 -7.30
C ASP A 60 4.09 1.36 -7.36
N TYR A 61 3.94 0.83 -8.55
CA TYR A 61 3.37 -0.54 -8.69
C TYR A 61 4.41 -1.59 -8.29
N ASP A 62 5.49 -1.68 -9.01
CA ASP A 62 6.54 -2.70 -8.65
C ASP A 62 6.74 -2.73 -7.14
N GLU A 63 6.74 -1.59 -6.50
CA GLU A 63 6.94 -1.56 -5.02
C GLU A 63 5.69 -2.08 -4.32
N PHE A 64 4.56 -1.99 -4.96
CA PHE A 64 3.30 -2.49 -4.33
C PHE A 64 3.34 -4.00 -4.18
N LEU A 65 4.25 -4.65 -4.85
CA LEU A 65 4.33 -6.14 -4.74
C LEU A 65 5.01 -6.54 -3.43
N GLU A 66 6.28 -6.26 -3.31
CA GLU A 66 7.00 -6.63 -2.05
C GLU A 66 6.17 -6.27 -0.82
N PHE A 67 5.28 -5.33 -0.95
CA PHE A 67 4.44 -4.92 0.22
C PHE A 67 3.55 -6.10 0.66
N MET A 68 2.65 -6.54 -0.18
CA MET A 68 1.76 -7.67 0.20
C MET A 68 2.32 -8.99 -0.34
N LYS A 69 3.40 -8.93 -1.07
CA LYS A 69 4.00 -10.18 -1.64
C LYS A 69 3.96 -11.31 -0.61
N GLY A 70 4.01 -10.99 0.66
CA GLY A 70 3.98 -12.05 1.70
C GLY A 70 2.62 -12.08 2.39
N VAL A 71 1.59 -11.68 1.70
CA VAL A 71 0.22 -11.69 2.32
C VAL A 71 -0.66 -12.74 1.64
N GLU A 72 -1.58 -13.31 2.37
CA GLU A 72 -2.46 -14.34 1.77
C GLU A 72 -3.58 -13.68 0.95
N MET A 1 -10.00 -10.86 -3.45
CA MET A 1 -9.57 -9.50 -3.86
C MET A 1 -8.15 -9.22 -3.36
N GLY A 2 -7.41 -8.40 -4.05
CA GLY A 2 -6.02 -8.09 -3.61
C GLY A 2 -5.24 -9.38 -3.40
N LYS A 3 -4.74 -9.96 -4.46
CA LYS A 3 -3.96 -11.23 -4.31
C LYS A 3 -2.87 -11.29 -5.38
N SER A 4 -3.22 -11.59 -6.60
CA SER A 4 -2.20 -11.67 -7.68
C SER A 4 -2.41 -10.56 -8.69
N GLU A 5 -1.46 -10.33 -9.55
CA GLU A 5 -1.60 -9.25 -10.57
C GLU A 5 -3.03 -9.22 -11.12
N GLU A 6 -3.69 -10.34 -11.14
CA GLU A 6 -5.08 -10.36 -11.66
C GLU A 6 -5.89 -9.21 -11.04
N GLU A 7 -6.09 -9.25 -9.76
CA GLU A 7 -6.86 -8.15 -9.10
C GLU A 7 -5.89 -7.09 -8.59
N LEU A 8 -4.63 -7.43 -8.46
CA LEU A 8 -3.63 -6.45 -7.98
C LEU A 8 -3.79 -5.11 -8.72
N SER A 9 -4.00 -5.17 -10.00
CA SER A 9 -4.16 -3.91 -10.79
C SER A 9 -5.34 -3.09 -10.22
N ASP A 10 -6.36 -3.75 -9.76
CA ASP A 10 -7.53 -3.01 -9.20
C ASP A 10 -7.21 -2.54 -7.77
N LEU A 11 -6.35 -3.25 -7.09
CA LEU A 11 -6.01 -2.84 -5.69
C LEU A 11 -5.38 -1.45 -5.69
N PHE A 12 -4.31 -1.26 -6.43
CA PHE A 12 -3.67 0.09 -6.47
C PHE A 12 -4.72 1.17 -6.70
N ARG A 13 -5.67 0.92 -7.57
CA ARG A 13 -6.72 1.95 -7.83
C ARG A 13 -7.27 2.48 -6.51
N MET A 14 -7.92 1.66 -5.74
CA MET A 14 -8.48 2.13 -4.44
C MET A 14 -7.35 2.39 -3.45
N PHE A 15 -6.23 1.75 -3.62
CA PHE A 15 -5.09 1.96 -2.69
C PHE A 15 -4.73 3.45 -2.62
N ASP A 16 -4.90 4.16 -3.71
CA ASP A 16 -4.57 5.61 -3.71
C ASP A 16 -5.75 6.42 -3.17
N LYS A 17 -6.07 6.26 -1.93
CA LYS A 17 -7.22 7.03 -1.35
C LYS A 17 -7.15 8.48 -1.81
N ASN A 18 -5.97 8.96 -2.11
CA ASN A 18 -5.83 10.38 -2.56
C ASN A 18 -6.01 10.46 -4.08
N ALA A 19 -5.77 9.39 -4.77
CA ALA A 19 -5.92 9.40 -6.25
C ALA A 19 -4.94 10.39 -6.88
N ASP A 20 -3.73 9.97 -7.14
CA ASP A 20 -2.73 10.88 -7.75
C ASP A 20 -1.64 10.08 -8.48
N GLY A 21 -1.90 8.85 -8.79
CA GLY A 21 -0.88 8.02 -9.49
C GLY A 21 0.10 7.41 -8.49
N TYR A 22 0.00 7.77 -7.24
CA TYR A 22 0.94 7.21 -6.23
C TYR A 22 0.26 7.11 -4.86
N ILE A 23 0.89 6.47 -3.91
CA ILE A 23 0.28 6.34 -2.56
C ILE A 23 1.18 7.01 -1.52
N ASP A 24 0.61 7.83 -0.67
CA ASP A 24 1.44 8.50 0.37
C ASP A 24 1.46 7.65 1.66
N LEU A 25 2.50 7.79 2.44
CA LEU A 25 2.58 6.99 3.70
C LEU A 25 1.33 7.18 4.54
N ASP A 26 0.64 8.27 4.36
CA ASP A 26 -0.60 8.53 5.16
C ASP A 26 -1.82 7.90 4.48
N GLU A 27 -1.69 7.47 3.26
CA GLU A 27 -2.85 6.86 2.56
C GLU A 27 -2.82 5.34 2.72
N LEU A 28 -1.76 4.81 3.29
CA LEU A 28 -1.68 3.33 3.48
C LEU A 28 -2.30 2.93 4.81
N LYS A 29 -2.54 3.88 5.68
CA LYS A 29 -3.14 3.55 7.00
C LYS A 29 -4.67 3.66 6.96
N ILE A 30 -5.21 4.27 5.94
CA ILE A 30 -6.69 4.41 5.85
C ILE A 30 -7.30 3.21 5.13
N MET A 31 -6.61 2.67 4.16
CA MET A 31 -7.17 1.50 3.42
C MET A 31 -7.20 0.27 4.31
N LEU A 32 -6.50 0.30 5.42
CA LEU A 32 -6.50 -0.88 6.34
C LEU A 32 -7.79 -0.92 7.15
N GLN A 33 -8.51 0.17 7.22
CA GLN A 33 -9.78 0.18 8.00
C GLN A 33 -10.65 -1.02 7.61
N ALA A 34 -10.50 -1.50 6.41
CA ALA A 34 -11.32 -2.67 5.98
C ALA A 34 -11.03 -3.87 6.87
N THR A 35 -9.95 -3.83 7.61
CA THR A 35 -9.61 -4.96 8.52
C THR A 35 -9.52 -4.48 9.97
N GLY A 36 -10.05 -3.31 10.24
CA GLY A 36 -9.99 -2.77 11.63
C GLY A 36 -8.87 -1.73 11.72
N GLU A 37 -7.95 -1.76 10.80
CA GLU A 37 -6.83 -0.77 10.84
C GLU A 37 -6.33 -0.59 12.28
N THR A 38 -6.05 -1.67 12.95
CA THR A 38 -5.55 -1.57 14.34
C THR A 38 -4.09 -2.03 14.41
N ILE A 39 -3.17 -1.11 14.30
CA ILE A 39 -1.73 -1.50 14.34
C ILE A 39 -0.95 -0.48 15.19
N THR A 40 0.27 -0.79 15.51
CA THR A 40 1.09 0.15 16.33
C THR A 40 1.21 1.50 15.61
N GLU A 41 1.63 2.53 16.31
CA GLU A 41 1.76 3.86 15.66
C GLU A 41 2.93 3.85 14.66
N ASP A 42 3.90 3.00 14.87
CA ASP A 42 5.06 2.96 13.93
C ASP A 42 4.77 1.98 12.79
N ASP A 43 3.99 0.97 13.03
CA ASP A 43 3.67 -0.01 11.95
C ASP A 43 2.98 0.69 10.78
N ILE A 44 2.51 1.89 10.99
CA ILE A 44 1.83 2.63 9.89
C ILE A 44 2.73 2.72 8.67
N GLU A 45 3.83 3.43 8.78
CA GLU A 45 4.76 3.55 7.62
C GLU A 45 5.57 2.26 7.46
N GLU A 46 5.64 1.46 8.48
CA GLU A 46 6.42 0.19 8.38
C GLU A 46 5.95 -0.61 7.17
N LEU A 47 4.69 -0.49 6.82
CA LEU A 47 4.17 -1.25 5.65
C LEU A 47 4.73 -0.65 4.35
N MET A 48 5.13 0.59 4.39
CA MET A 48 5.69 1.24 3.16
C MET A 48 7.12 0.76 2.91
N LYS A 49 7.79 0.31 3.93
CA LYS A 49 9.20 -0.18 3.73
C LYS A 49 9.29 -1.01 2.45
N ASP A 50 8.33 -1.86 2.21
CA ASP A 50 8.38 -2.68 0.98
C ASP A 50 7.80 -1.91 -0.20
N GLY A 51 6.71 -1.22 0.00
CA GLY A 51 6.12 -0.42 -1.11
C GLY A 51 7.09 0.67 -1.55
N ASP A 52 7.97 1.08 -0.66
CA ASP A 52 8.94 2.14 -1.01
C ASP A 52 10.34 1.77 -0.47
N LYS A 53 10.78 0.57 -0.72
CA LYS A 53 12.12 0.15 -0.21
C LYS A 53 13.17 1.21 -0.53
N ASN A 54 12.92 2.01 -1.54
CA ASN A 54 13.92 3.07 -1.90
C ASN A 54 13.66 4.35 -1.09
N ASN A 55 12.74 4.30 -0.17
CA ASN A 55 12.44 5.50 0.67
C ASN A 55 12.45 6.76 -0.20
N ASP A 56 11.56 6.83 -1.16
CA ASP A 56 11.50 8.03 -2.04
C ASP A 56 10.26 8.86 -1.73
N GLY A 57 9.36 8.32 -0.94
CA GLY A 57 8.13 9.07 -0.59
C GLY A 57 7.07 8.86 -1.67
N ARG A 58 7.31 7.95 -2.58
CA ARG A 58 6.31 7.70 -3.66
C ARG A 58 6.20 6.19 -3.94
N ILE A 59 5.01 5.72 -4.20
CA ILE A 59 4.84 4.27 -4.50
C ILE A 59 4.27 4.08 -5.90
N ASP A 60 5.09 3.78 -6.87
CA ASP A 60 4.59 3.59 -8.26
C ASP A 60 3.94 2.21 -8.40
N TYR A 61 3.68 1.79 -9.61
CA TYR A 61 3.04 0.45 -9.83
C TYR A 61 4.09 -0.65 -9.77
N ASP A 62 5.34 -0.32 -9.94
CA ASP A 62 6.41 -1.36 -9.90
C ASP A 62 6.79 -1.67 -8.46
N GLU A 63 6.99 -0.67 -7.65
CA GLU A 63 7.37 -0.90 -6.22
C GLU A 63 6.18 -1.49 -5.45
N PHE A 64 4.98 -1.17 -5.84
CA PHE A 64 3.79 -1.70 -5.12
C PHE A 64 3.77 -3.23 -5.18
N LEU A 65 4.04 -3.79 -6.32
CA LEU A 65 4.04 -5.28 -6.44
C LEU A 65 4.89 -5.90 -5.33
N GLU A 66 5.91 -5.22 -4.90
CA GLU A 66 6.77 -5.76 -3.81
C GLU A 66 6.08 -5.58 -2.46
N PHE A 67 5.12 -4.69 -2.38
CA PHE A 67 4.41 -4.47 -1.10
C PHE A 67 3.55 -5.68 -0.75
N MET A 68 2.86 -6.22 -1.73
CA MET A 68 2.00 -7.42 -1.45
C MET A 68 2.85 -8.69 -1.51
N LYS A 69 3.49 -8.94 -2.62
CA LYS A 69 4.34 -10.16 -2.74
C LYS A 69 3.47 -11.42 -2.60
N GLY A 70 2.17 -11.29 -2.69
CA GLY A 70 1.30 -12.48 -2.55
C GLY A 70 0.29 -12.26 -1.42
N VAL A 71 0.77 -11.97 -0.24
CA VAL A 71 -0.15 -11.74 0.90
C VAL A 71 -1.07 -12.96 1.08
N GLU A 72 -0.60 -13.97 1.77
CA GLU A 72 -1.45 -15.18 1.98
C GLU A 72 -2.62 -14.86 2.91
N MET A 1 -9.86 -8.75 -6.40
CA MET A 1 -9.70 -8.04 -5.10
C MET A 1 -8.38 -8.46 -4.43
N GLY A 2 -7.27 -8.26 -5.12
CA GLY A 2 -5.96 -8.64 -4.52
C GLY A 2 -5.73 -10.14 -4.70
N LYS A 3 -5.22 -10.53 -5.84
CA LYS A 3 -4.97 -11.99 -6.07
C LYS A 3 -3.60 -12.18 -6.74
N SER A 4 -3.45 -11.71 -7.94
CA SER A 4 -2.14 -11.86 -8.64
C SER A 4 -1.75 -10.56 -9.33
N GLU A 5 -0.56 -10.48 -9.87
CA GLU A 5 -0.14 -9.22 -10.56
C GLU A 5 -1.28 -8.68 -11.42
N GLU A 6 -2.13 -9.54 -11.90
CA GLU A 6 -3.27 -9.06 -12.74
C GLU A 6 -4.15 -8.11 -11.93
N GLU A 7 -4.73 -8.58 -10.86
CA GLU A 7 -5.59 -7.70 -10.03
C GLU A 7 -4.73 -6.83 -9.11
N LEU A 8 -3.54 -7.28 -8.80
CA LEU A 8 -2.65 -6.48 -7.91
C LEU A 8 -2.59 -5.03 -8.39
N SER A 9 -2.37 -4.82 -9.66
CA SER A 9 -2.29 -3.43 -10.19
C SER A 9 -3.71 -2.83 -10.33
N ASP A 10 -4.70 -3.67 -10.42
CA ASP A 10 -6.09 -3.15 -10.55
C ASP A 10 -6.58 -2.58 -9.22
N LEU A 11 -6.17 -3.16 -8.12
CA LEU A 11 -6.62 -2.64 -6.80
C LEU A 11 -5.66 -1.55 -6.32
N PHE A 12 -4.45 -1.55 -6.80
CA PHE A 12 -3.46 -0.51 -6.37
C PHE A 12 -4.02 0.89 -6.64
N ARG A 13 -4.59 1.10 -7.79
CA ARG A 13 -5.15 2.45 -8.12
C ARG A 13 -6.53 2.61 -7.49
N MET A 14 -7.14 1.53 -7.08
CA MET A 14 -8.49 1.63 -6.47
C MET A 14 -8.39 2.01 -4.98
N PHE A 15 -7.20 2.02 -4.45
CA PHE A 15 -7.04 2.38 -3.01
C PHE A 15 -6.48 3.79 -2.87
N ASP A 16 -5.84 4.30 -3.89
CA ASP A 16 -5.27 5.67 -3.80
C ASP A 16 -6.40 6.70 -3.62
N LYS A 17 -6.94 6.79 -2.43
CA LYS A 17 -8.04 7.77 -2.19
C LYS A 17 -7.54 9.20 -2.42
N ASN A 18 -6.25 9.41 -2.35
CA ASN A 18 -5.71 10.78 -2.57
C ASN A 18 -5.86 11.19 -4.04
N ALA A 19 -6.30 10.28 -4.86
CA ALA A 19 -6.48 10.62 -6.31
C ALA A 19 -5.17 11.21 -6.88
N ASP A 20 -4.41 10.41 -7.57
CA ASP A 20 -3.13 10.92 -8.15
C ASP A 20 -2.41 9.81 -8.91
N GLY A 21 -2.53 8.59 -8.45
CA GLY A 21 -1.86 7.46 -9.15
C GLY A 21 -0.80 6.85 -8.22
N TYR A 22 -0.72 7.32 -7.00
CA TYR A 22 0.29 6.78 -6.06
C TYR A 22 -0.32 6.66 -4.65
N ILE A 23 0.42 6.11 -3.72
CA ILE A 23 -0.11 5.98 -2.34
C ILE A 23 0.93 6.47 -1.33
N ASP A 24 0.68 7.57 -0.67
CA ASP A 24 1.66 8.09 0.32
C ASP A 24 1.58 7.29 1.63
N LEU A 25 2.07 7.85 2.71
CA LEU A 25 2.02 7.12 4.01
C LEU A 25 0.66 7.31 4.68
N ASP A 26 0.14 8.51 4.66
CA ASP A 26 -1.18 8.76 5.30
C ASP A 26 -2.27 7.91 4.64
N GLU A 27 -2.32 7.90 3.34
CA GLU A 27 -3.36 7.09 2.64
C GLU A 27 -3.28 5.62 3.08
N LEU A 28 -2.10 5.11 3.28
CA LEU A 28 -1.96 3.68 3.70
C LEU A 28 -2.77 3.45 4.98
N LYS A 29 -2.76 4.37 5.90
CA LYS A 29 -3.53 4.18 7.16
C LYS A 29 -4.96 3.79 6.84
N ILE A 30 -5.73 4.68 6.28
CA ILE A 30 -7.15 4.34 5.94
C ILE A 30 -7.19 3.14 4.99
N MET A 31 -6.09 2.84 4.36
CA MET A 31 -6.06 1.69 3.42
C MET A 31 -6.19 0.37 4.20
N LEU A 32 -5.77 0.35 5.43
CA LEU A 32 -5.85 -0.90 6.23
C LEU A 32 -7.20 -0.96 6.96
N GLN A 33 -7.95 0.11 6.94
CA GLN A 33 -9.26 0.12 7.65
C GLN A 33 -10.00 -1.20 7.41
N ALA A 34 -9.73 -1.87 6.32
CA ALA A 34 -10.41 -3.16 6.03
C ALA A 34 -10.50 -4.01 7.30
N THR A 35 -9.60 -3.83 8.23
CA THR A 35 -9.64 -4.62 9.49
C THR A 35 -9.63 -3.71 10.71
N GLY A 36 -9.91 -2.45 10.54
CA GLY A 36 -9.91 -1.52 11.70
C GLY A 36 -8.65 -0.65 11.67
N GLU A 37 -7.65 -1.07 10.93
CA GLU A 37 -6.39 -0.27 10.85
C GLU A 37 -6.06 0.36 12.21
N THR A 38 -6.00 -0.43 13.24
CA THR A 38 -5.67 0.13 14.59
C THR A 38 -4.29 -0.36 15.01
N ILE A 39 -3.27 0.38 14.73
CA ILE A 39 -1.90 -0.04 15.11
C ILE A 39 -1.12 1.14 15.68
N THR A 40 0.00 0.89 16.29
CA THR A 40 0.81 2.00 16.87
C THR A 40 1.21 2.98 15.76
N GLU A 41 1.12 4.26 16.02
CA GLU A 41 1.50 5.25 14.98
C GLU A 41 2.92 4.97 14.45
N ASP A 42 3.69 4.21 15.18
CA ASP A 42 5.07 3.89 14.72
C ASP A 42 5.04 2.76 13.69
N ASP A 43 3.99 1.97 13.69
CA ASP A 43 3.90 0.85 12.72
C ASP A 43 3.56 1.38 11.32
N ILE A 44 2.84 2.47 11.25
CA ILE A 44 2.48 3.04 9.92
C ILE A 44 3.72 3.18 9.04
N GLU A 45 4.83 3.56 9.62
CA GLU A 45 6.08 3.72 8.81
C GLU A 45 6.77 2.36 8.64
N GLU A 46 6.31 1.36 9.33
CA GLU A 46 6.95 0.02 9.20
C GLU A 46 6.40 -0.73 7.99
N LEU A 47 5.19 -0.44 7.61
CA LEU A 47 4.60 -1.14 6.42
C LEU A 47 5.14 -0.53 5.13
N MET A 48 5.43 0.74 5.14
CA MET A 48 5.96 1.40 3.90
C MET A 48 7.26 0.72 3.46
N LYS A 49 8.05 0.25 4.39
CA LYS A 49 9.32 -0.43 4.02
C LYS A 49 9.06 -1.51 2.97
N ASP A 50 7.89 -2.08 2.97
CA ASP A 50 7.57 -3.13 1.97
C ASP A 50 6.88 -2.52 0.76
N GLY A 51 6.17 -1.45 0.96
CA GLY A 51 5.46 -0.79 -0.19
C GLY A 51 6.40 0.17 -0.91
N ASP A 52 7.54 0.44 -0.33
CA ASP A 52 8.50 1.37 -0.98
C ASP A 52 9.85 1.34 -0.27
N LYS A 53 10.60 0.29 -0.43
CA LYS A 53 11.93 0.21 0.25
C LYS A 53 12.79 1.41 -0.17
N ASN A 54 12.43 2.06 -1.24
CA ASN A 54 13.21 3.24 -1.70
C ASN A 54 12.59 4.53 -1.15
N ASN A 55 11.65 4.40 -0.25
CA ASN A 55 11.00 5.62 0.31
C ASN A 55 10.41 6.46 -0.82
N ASP A 56 11.19 7.38 -1.35
CA ASP A 56 10.68 8.23 -2.47
C ASP A 56 9.56 9.16 -1.99
N GLY A 57 8.54 8.62 -1.37
CA GLY A 57 7.41 9.47 -0.90
C GLY A 57 6.17 9.12 -1.71
N ARG A 58 6.18 8.00 -2.38
CA ARG A 58 5.01 7.58 -3.19
C ARG A 58 5.12 6.09 -3.51
N ILE A 59 4.08 5.34 -3.28
CA ILE A 59 4.13 3.87 -3.57
C ILE A 59 3.61 3.59 -4.98
N ASP A 60 4.45 3.09 -5.84
CA ASP A 60 4.01 2.79 -7.24
C ASP A 60 3.63 1.31 -7.36
N TYR A 61 2.98 0.94 -8.43
CA TYR A 61 2.58 -0.48 -8.62
C TYR A 61 3.80 -1.39 -8.49
N ASP A 62 4.88 -1.05 -9.14
CA ASP A 62 6.10 -1.91 -9.06
C ASP A 62 6.50 -2.11 -7.59
N GLU A 63 6.37 -1.10 -6.79
CA GLU A 63 6.74 -1.24 -5.35
C GLU A 63 5.57 -1.80 -4.55
N PHE A 64 4.38 -1.69 -5.06
CA PHE A 64 3.19 -2.21 -4.32
C PHE A 64 3.18 -3.74 -4.35
N LEU A 65 3.95 -4.34 -5.22
CA LEU A 65 3.97 -5.82 -5.30
C LEU A 65 4.71 -6.40 -4.09
N GLU A 66 6.01 -6.20 -4.02
CA GLU A 66 6.78 -6.74 -2.86
C GLU A 66 6.07 -6.39 -1.55
N PHE A 67 5.25 -5.37 -1.56
CA PHE A 67 4.54 -4.96 -0.31
C PHE A 67 3.85 -6.19 0.32
N MET A 68 2.87 -6.74 -0.34
CA MET A 68 2.15 -7.92 0.23
C MET A 68 2.70 -9.21 -0.37
N LYS A 69 3.60 -9.11 -1.31
CA LYS A 69 4.16 -10.35 -1.93
C LYS A 69 4.79 -11.24 -0.86
N GLY A 70 3.99 -12.03 -0.19
CA GLY A 70 4.53 -12.92 0.86
C GLY A 70 3.48 -13.11 1.96
N VAL A 71 2.52 -12.24 2.02
CA VAL A 71 1.46 -12.36 3.06
C VAL A 71 0.57 -13.58 2.78
N GLU A 72 0.62 -14.09 1.58
CA GLU A 72 -0.22 -15.27 1.23
C GLU A 72 0.08 -15.74 -0.19
N MET A 1 -9.79 -6.97 -1.55
CA MET A 1 -9.52 -8.14 -2.45
C MET A 1 -8.20 -7.92 -3.20
N GLY A 2 -7.50 -8.99 -3.49
CA GLY A 2 -6.21 -8.84 -4.22
C GLY A 2 -5.71 -10.22 -4.65
N LYS A 3 -5.19 -10.32 -5.84
CA LYS A 3 -4.67 -11.64 -6.33
C LYS A 3 -3.46 -11.43 -7.22
N SER A 4 -3.24 -12.31 -8.16
CA SER A 4 -2.07 -12.15 -9.07
C SER A 4 -2.00 -10.70 -9.57
N GLU A 5 -0.95 -10.34 -10.25
CA GLU A 5 -0.83 -8.94 -10.75
C GLU A 5 -2.11 -8.54 -11.49
N GLU A 6 -2.86 -9.50 -11.94
CA GLU A 6 -4.13 -9.17 -12.66
C GLU A 6 -5.00 -8.27 -11.78
N GLU A 7 -5.49 -8.78 -10.68
CA GLU A 7 -6.31 -7.95 -9.77
C GLU A 7 -5.42 -6.97 -9.02
N LEU A 8 -4.14 -7.27 -8.95
CA LEU A 8 -3.19 -6.36 -8.24
C LEU A 8 -3.01 -5.07 -9.04
N SER A 9 -3.30 -5.10 -10.31
CA SER A 9 -3.14 -3.88 -11.14
C SER A 9 -4.30 -2.91 -10.88
N ASP A 10 -5.49 -3.43 -10.69
CA ASP A 10 -6.65 -2.55 -10.44
C ASP A 10 -6.90 -2.40 -8.93
N LEU A 11 -6.25 -3.22 -8.14
CA LEU A 11 -6.45 -3.13 -6.66
C LEU A 11 -5.61 -1.99 -6.08
N PHE A 12 -4.50 -1.68 -6.69
CA PHE A 12 -3.64 -0.58 -6.16
C PHE A 12 -4.28 0.78 -6.46
N ARG A 13 -4.78 0.96 -7.66
CA ARG A 13 -5.40 2.27 -8.00
C ARG A 13 -6.77 2.40 -7.32
N MET A 14 -7.26 1.34 -6.74
CA MET A 14 -8.59 1.41 -6.08
C MET A 14 -8.42 1.68 -4.57
N PHE A 15 -7.24 1.46 -4.06
CA PHE A 15 -7.01 1.70 -2.60
C PHE A 15 -6.72 3.18 -2.35
N ASP A 16 -6.09 3.84 -3.28
CA ASP A 16 -5.78 5.28 -3.10
C ASP A 16 -7.07 6.11 -2.98
N LYS A 17 -7.52 6.34 -1.78
CA LYS A 17 -8.76 7.14 -1.60
C LYS A 17 -8.48 8.62 -1.85
N ASN A 18 -7.23 8.99 -1.89
CA ASN A 18 -6.90 10.43 -2.14
C ASN A 18 -7.09 10.77 -3.61
N ALA A 19 -7.47 9.80 -4.41
CA ALA A 19 -7.68 10.07 -5.86
C ALA A 19 -6.43 10.70 -6.47
N ASP A 20 -5.52 9.91 -6.95
CA ASP A 20 -4.27 10.46 -7.55
C ASP A 20 -3.47 9.34 -8.22
N GLY A 21 -3.42 8.20 -7.60
CA GLY A 21 -2.65 7.06 -8.20
C GLY A 21 -1.33 6.88 -7.43
N TYR A 22 -1.24 7.44 -6.26
CA TYR A 22 0.02 7.28 -5.46
C TYR A 22 -0.31 7.10 -3.97
N ILE A 23 0.17 6.06 -3.38
CA ILE A 23 -0.11 5.83 -1.93
C ILE A 23 1.06 6.35 -1.08
N ASP A 24 0.80 7.28 -0.21
CA ASP A 24 1.89 7.83 0.65
C ASP A 24 1.66 7.44 2.11
N LEU A 25 2.54 7.84 2.99
CA LEU A 25 2.38 7.49 4.43
C LEU A 25 1.01 7.96 4.93
N ASP A 26 0.55 9.09 4.47
CA ASP A 26 -0.78 9.60 4.92
C ASP A 26 -1.89 8.74 4.34
N GLU A 27 -1.71 8.20 3.17
CA GLU A 27 -2.77 7.35 2.56
C GLU A 27 -2.52 5.88 2.89
N LEU A 28 -1.31 5.52 3.23
CA LEU A 28 -1.01 4.10 3.57
C LEU A 28 -1.92 3.63 4.70
N LYS A 29 -2.33 4.52 5.56
CA LYS A 29 -3.21 4.12 6.69
C LYS A 29 -4.68 4.17 6.25
N ILE A 30 -5.01 5.02 5.33
CA ILE A 30 -6.42 5.12 4.86
C ILE A 30 -6.70 4.08 3.78
N MET A 31 -5.71 3.69 3.04
CA MET A 31 -5.93 2.68 1.96
C MET A 31 -6.36 1.34 2.56
N LEU A 32 -5.83 1.00 3.70
CA LEU A 32 -6.20 -0.30 4.34
C LEU A 32 -7.44 -0.13 5.23
N GLN A 33 -7.79 1.09 5.57
CA GLN A 33 -8.98 1.30 6.43
C GLN A 33 -10.17 0.48 5.91
N ALA A 34 -10.16 0.16 4.65
CA ALA A 34 -11.28 -0.65 4.07
C ALA A 34 -11.24 -2.07 4.63
N THR A 35 -10.21 -2.41 5.35
CA THR A 35 -10.11 -3.78 5.92
C THR A 35 -10.18 -3.74 7.45
N GLY A 36 -10.12 -2.57 8.02
CA GLY A 36 -10.18 -2.46 9.50
C GLY A 36 -8.77 -2.43 10.07
N GLU A 37 -7.84 -1.86 9.36
CA GLU A 37 -6.44 -1.81 9.87
C GLU A 37 -6.38 -1.01 11.18
N THR A 38 -6.48 -1.67 12.29
CA THR A 38 -6.43 -0.96 13.60
C THR A 38 -5.10 -1.23 14.29
N ILE A 39 -4.14 -0.35 14.10
CA ILE A 39 -2.82 -0.55 14.76
C ILE A 39 -2.30 0.79 15.32
N THR A 40 -1.26 0.74 16.11
CA THR A 40 -0.72 2.01 16.68
C THR A 40 -0.14 2.89 15.56
N GLU A 41 0.45 4.00 15.91
CA GLU A 41 1.04 4.89 14.86
C GLU A 41 2.46 4.44 14.53
N ASP A 42 3.05 3.63 15.36
CA ASP A 42 4.43 3.15 15.08
C ASP A 42 4.41 2.01 14.07
N ASP A 43 3.25 1.46 13.81
CA ASP A 43 3.16 0.35 12.83
C ASP A 43 2.97 0.89 11.41
N ILE A 44 2.47 2.09 11.29
CA ILE A 44 2.27 2.69 9.94
C ILE A 44 3.62 2.88 9.24
N GLU A 45 4.63 3.26 9.98
CA GLU A 45 5.96 3.48 9.35
C GLU A 45 6.56 2.15 8.91
N GLU A 46 6.18 1.07 9.53
CA GLU A 46 6.73 -0.26 9.13
C GLU A 46 6.27 -0.61 7.71
N LEU A 47 5.03 -0.34 7.39
CA LEU A 47 4.52 -0.66 6.03
C LEU A 47 5.32 0.11 4.97
N MET A 48 5.78 1.29 5.30
CA MET A 48 6.57 2.07 4.32
C MET A 48 7.82 1.30 3.91
N LYS A 49 8.46 0.65 4.85
CA LYS A 49 9.69 -0.13 4.51
C LYS A 49 9.36 -1.19 3.46
N ASP A 50 8.57 -2.16 3.82
CA ASP A 50 8.20 -3.23 2.85
C ASP A 50 7.54 -2.60 1.62
N GLY A 51 6.54 -1.78 1.83
CA GLY A 51 5.85 -1.13 0.67
C GLY A 51 6.88 -0.37 -0.15
N ASP A 52 7.93 0.12 0.48
CA ASP A 52 8.97 0.87 -0.27
C ASP A 52 10.31 0.76 0.44
N LYS A 53 11.05 -0.28 0.17
CA LYS A 53 12.38 -0.46 0.84
C LYS A 53 13.30 0.72 0.49
N ASN A 54 12.92 1.51 -0.48
CA ASN A 54 13.77 2.67 -0.86
C ASN A 54 13.12 3.97 -0.37
N ASN A 55 12.31 3.89 0.65
CA ASN A 55 11.64 5.11 1.18
C ASN A 55 11.06 5.95 0.03
N ASP A 56 11.80 6.90 -0.46
CA ASP A 56 11.27 7.75 -1.58
C ASP A 56 10.13 8.65 -1.08
N GLY A 57 9.10 8.06 -0.53
CA GLY A 57 7.96 8.87 -0.02
C GLY A 57 6.72 8.60 -0.87
N ARG A 58 6.87 7.86 -1.94
CA ARG A 58 5.69 7.55 -2.80
C ARG A 58 5.69 6.08 -3.22
N ILE A 59 4.57 5.42 -3.08
CA ILE A 59 4.51 3.98 -3.46
C ILE A 59 3.75 3.83 -4.78
N ASP A 60 4.36 3.23 -5.76
CA ASP A 60 3.68 3.06 -7.08
C ASP A 60 3.42 1.57 -7.36
N TYR A 61 2.77 1.27 -8.45
CA TYR A 61 2.49 -0.16 -8.79
C TYR A 61 3.80 -0.94 -8.88
N ASP A 62 4.91 -0.27 -9.00
CA ASP A 62 6.22 -0.98 -9.09
C ASP A 62 6.62 -1.52 -7.72
N GLU A 63 6.63 -0.68 -6.72
CA GLU A 63 7.01 -1.14 -5.36
C GLU A 63 5.80 -1.77 -4.66
N PHE A 64 4.63 -1.43 -5.08
CA PHE A 64 3.41 -2.02 -4.44
C PHE A 64 3.42 -3.55 -4.58
N LEU A 65 4.13 -4.05 -5.55
CA LEU A 65 4.18 -5.53 -5.73
C LEU A 65 5.05 -6.17 -4.64
N GLU A 66 6.30 -5.81 -4.57
CA GLU A 66 7.18 -6.39 -3.51
C GLU A 66 6.46 -6.33 -2.16
N PHE A 67 5.60 -5.36 -2.00
CA PHE A 67 4.85 -5.23 -0.71
C PHE A 67 3.99 -6.47 -0.47
N MET A 68 3.33 -6.96 -1.49
CA MET A 68 2.47 -8.16 -1.32
C MET A 68 3.34 -9.37 -0.96
N LYS A 69 4.24 -9.76 -1.83
CA LYS A 69 5.11 -10.93 -1.53
C LYS A 69 4.27 -12.15 -1.18
N GLY A 70 3.00 -12.13 -1.52
CA GLY A 70 2.13 -13.30 -1.21
C GLY A 70 1.30 -13.00 0.04
N VAL A 71 1.77 -12.11 0.87
CA VAL A 71 1.00 -11.78 2.11
C VAL A 71 0.54 -13.05 2.80
N GLU A 72 1.36 -13.61 3.66
CA GLU A 72 0.96 -14.86 4.37
C GLU A 72 1.38 -14.78 5.84
N MET A 1 -8.44 -10.58 -2.89
CA MET A 1 -7.27 -10.35 -2.00
C MET A 1 -5.99 -10.17 -2.83
N GLY A 2 -4.93 -9.74 -2.21
CA GLY A 2 -3.65 -9.56 -2.97
C GLY A 2 -3.19 -10.89 -3.54
N LYS A 3 -3.14 -11.02 -4.84
CA LYS A 3 -2.69 -12.30 -5.45
C LYS A 3 -1.66 -12.03 -6.56
N SER A 4 -2.10 -11.46 -7.65
CA SER A 4 -1.16 -11.16 -8.76
C SER A 4 -1.44 -9.77 -9.33
N GLU A 5 -0.66 -9.33 -10.28
CA GLU A 5 -0.88 -7.98 -10.88
C GLU A 5 -2.34 -7.84 -11.33
N GLU A 6 -3.03 -8.93 -11.51
CA GLU A 6 -4.44 -8.85 -11.96
C GLU A 6 -5.36 -8.45 -10.80
N GLU A 7 -5.01 -8.84 -9.60
CA GLU A 7 -5.87 -8.48 -8.43
C GLU A 7 -5.34 -7.21 -7.74
N LEU A 8 -4.07 -6.94 -7.88
CA LEU A 8 -3.50 -5.73 -7.22
C LEU A 8 -3.76 -4.49 -8.08
N SER A 9 -4.06 -4.68 -9.34
CA SER A 9 -4.32 -3.52 -10.23
C SER A 9 -5.60 -2.78 -9.79
N ASP A 10 -6.62 -3.51 -9.45
CA ASP A 10 -7.89 -2.85 -9.01
C ASP A 10 -7.74 -2.33 -7.57
N LEU A 11 -6.75 -2.79 -6.87
CA LEU A 11 -6.55 -2.32 -5.47
C LEU A 11 -5.70 -1.05 -5.44
N PHE A 12 -4.57 -1.08 -6.10
CA PHE A 12 -3.68 0.12 -6.11
C PHE A 12 -4.51 1.38 -6.43
N ARG A 13 -5.26 1.35 -7.50
CA ARG A 13 -6.08 2.53 -7.88
C ARG A 13 -7.15 2.78 -6.81
N MET A 14 -7.40 1.82 -5.96
CA MET A 14 -8.42 2.00 -4.90
C MET A 14 -7.78 2.56 -3.63
N PHE A 15 -6.59 2.14 -3.32
CA PHE A 15 -5.91 2.65 -2.10
C PHE A 15 -5.41 4.07 -2.32
N ASP A 16 -5.53 4.57 -3.53
CA ASP A 16 -5.06 5.96 -3.80
C ASP A 16 -6.14 6.97 -3.44
N LYS A 17 -6.32 7.23 -2.17
CA LYS A 17 -7.36 8.20 -1.74
C LYS A 17 -6.91 9.63 -2.06
N ASN A 18 -5.67 9.81 -2.39
CA ASN A 18 -5.17 11.19 -2.70
C ASN A 18 -5.21 11.44 -4.21
N ALA A 19 -5.20 10.40 -4.99
CA ALA A 19 -5.24 10.56 -6.47
C ALA A 19 -4.00 11.34 -6.94
N ASP A 20 -2.84 10.78 -6.77
CA ASP A 20 -1.60 11.49 -7.21
C ASP A 20 -0.79 10.60 -8.16
N GLY A 21 -1.12 9.33 -8.23
CA GLY A 21 -0.37 8.42 -9.14
C GLY A 21 0.55 7.52 -8.31
N TYR A 22 0.64 7.76 -7.03
CA TYR A 22 1.51 6.90 -6.17
C TYR A 22 0.91 6.79 -4.77
N ILE A 23 1.52 5.99 -3.93
CA ILE A 23 0.99 5.82 -2.55
C ILE A 23 2.07 6.16 -1.52
N ASP A 24 1.93 7.27 -0.84
CA ASP A 24 2.96 7.65 0.17
C ASP A 24 2.69 6.93 1.50
N LEU A 25 3.44 7.26 2.52
CA LEU A 25 3.22 6.60 3.85
C LEU A 25 1.91 7.07 4.47
N ASP A 26 1.61 8.34 4.36
CA ASP A 26 0.35 8.86 4.94
C ASP A 26 -0.85 8.33 4.15
N GLU A 27 -0.70 8.15 2.87
CA GLU A 27 -1.82 7.63 2.04
C GLU A 27 -2.07 6.16 2.37
N LEU A 28 -1.03 5.43 2.68
CA LEU A 28 -1.20 3.99 3.01
C LEU A 28 -2.05 3.85 4.28
N LYS A 29 -2.15 4.90 5.04
CA LYS A 29 -2.96 4.85 6.29
C LYS A 29 -4.44 5.09 5.98
N ILE A 30 -4.75 5.54 4.79
CA ILE A 30 -6.18 5.80 4.44
C ILE A 30 -6.79 4.55 3.79
N MET A 31 -6.10 3.95 2.85
CA MET A 31 -6.66 2.73 2.19
C MET A 31 -7.21 1.77 3.24
N LEU A 32 -6.71 1.85 4.45
CA LEU A 32 -7.20 0.95 5.53
C LEU A 32 -8.67 1.26 5.85
N GLN A 33 -9.19 2.33 5.32
CA GLN A 33 -10.61 2.69 5.59
C GLN A 33 -11.53 1.49 5.32
N ALA A 34 -11.08 0.56 4.53
CA ALA A 34 -11.93 -0.63 4.23
C ALA A 34 -11.70 -1.72 5.27
N THR A 35 -10.80 -1.52 6.19
CA THR A 35 -10.54 -2.56 7.23
C THR A 35 -10.79 -1.98 8.62
N GLY A 36 -11.49 -0.88 8.72
CA GLY A 36 -11.75 -0.28 10.05
C GLY A 36 -10.58 0.64 10.43
N GLU A 37 -9.48 0.52 9.75
CA GLU A 37 -8.31 1.39 10.06
C GLU A 37 -7.76 1.08 11.45
N THR A 38 -7.84 -0.14 11.88
CA THR A 38 -7.31 -0.48 13.23
C THR A 38 -5.95 -1.16 13.10
N ILE A 39 -4.89 -0.39 13.14
CA ILE A 39 -3.52 -0.99 13.02
C ILE A 39 -2.58 -0.34 14.03
N THR A 40 -1.39 -0.87 14.19
CA THR A 40 -0.43 -0.27 15.16
C THR A 40 0.24 0.95 14.51
N GLU A 41 0.44 1.99 15.27
CA GLU A 41 1.08 3.22 14.69
C GLU A 41 2.42 2.85 14.04
N ASP A 42 3.09 1.85 14.55
CA ASP A 42 4.40 1.46 13.95
C ASP A 42 4.18 0.61 12.69
N ASP A 43 3.07 -0.09 12.63
CA ASP A 43 2.80 -0.93 11.43
C ASP A 43 2.68 -0.06 10.18
N ILE A 44 2.49 1.23 10.35
CA ILE A 44 2.36 2.13 9.17
C ILE A 44 3.69 2.19 8.41
N GLU A 45 4.76 2.51 9.09
CA GLU A 45 6.08 2.58 8.40
C GLU A 45 6.63 1.17 8.17
N GLU A 46 6.23 0.23 8.97
CA GLU A 46 6.73 -1.17 8.79
C GLU A 46 6.31 -1.72 7.43
N LEU A 47 5.05 -1.58 7.08
CA LEU A 47 4.58 -2.09 5.77
C LEU A 47 5.25 -1.33 4.63
N MET A 48 5.39 -0.04 4.76
CA MET A 48 6.03 0.76 3.68
C MET A 48 7.37 0.14 3.28
N LYS A 49 8.09 -0.40 4.23
CA LYS A 49 9.41 -1.01 3.90
C LYS A 49 9.22 -2.19 2.95
N ASP A 50 8.05 -2.77 2.93
CA ASP A 50 7.79 -3.92 2.02
C ASP A 50 7.12 -3.44 0.73
N GLY A 51 6.43 -2.33 0.79
CA GLY A 51 5.75 -1.82 -0.43
C GLY A 51 6.71 -0.93 -1.22
N ASP A 52 7.73 -0.42 -0.58
CA ASP A 52 8.69 0.46 -1.30
C ASP A 52 10.06 0.45 -0.60
N LYS A 53 10.85 -0.55 -0.83
CA LYS A 53 12.19 -0.60 -0.18
C LYS A 53 13.01 0.64 -0.58
N ASN A 54 12.59 1.33 -1.61
CA ASN A 54 13.33 2.54 -2.05
C ASN A 54 13.16 3.66 -1.02
N ASN A 55 12.21 3.52 -0.14
CA ASN A 55 11.97 4.57 0.89
C ASN A 55 12.16 5.97 0.30
N ASP A 56 11.87 6.15 -0.96
CA ASP A 56 12.03 7.48 -1.59
C ASP A 56 10.89 8.41 -1.17
N GLY A 57 9.89 7.88 -0.52
CA GLY A 57 8.76 8.74 -0.09
C GLY A 57 7.60 8.61 -1.08
N ARG A 58 7.65 7.64 -1.95
CA ARG A 58 6.56 7.47 -2.95
C ARG A 58 6.48 6.01 -3.41
N ILE A 59 5.29 5.49 -3.55
CA ILE A 59 5.14 4.09 -4.00
C ILE A 59 4.55 4.04 -5.42
N ASP A 60 4.95 3.08 -6.21
CA ASP A 60 4.41 3.00 -7.61
C ASP A 60 3.67 1.68 -7.82
N TYR A 61 3.28 1.40 -9.03
CA TYR A 61 2.56 0.13 -9.32
C TYR A 61 3.50 -1.06 -9.21
N ASP A 62 4.52 -1.11 -10.03
CA ASP A 62 5.48 -2.24 -9.97
C ASP A 62 5.92 -2.49 -8.52
N GLU A 63 6.08 -1.46 -7.75
CA GLU A 63 6.51 -1.64 -6.33
C GLU A 63 5.34 -2.13 -5.48
N PHE A 64 4.15 -2.08 -6.00
CA PHE A 64 2.97 -2.54 -5.22
C PHE A 64 2.87 -4.06 -5.28
N LEU A 65 3.54 -4.68 -6.20
CA LEU A 65 3.48 -6.17 -6.32
C LEU A 65 4.22 -6.82 -5.13
N GLU A 66 5.49 -6.53 -4.99
CA GLU A 66 6.25 -7.12 -3.86
C GLU A 66 5.55 -6.85 -2.53
N PHE A 67 4.67 -5.89 -2.51
CA PHE A 67 3.95 -5.57 -1.23
C PHE A 67 2.98 -6.70 -0.88
N MET A 68 2.31 -7.25 -1.86
CA MET A 68 1.35 -8.35 -1.57
C MET A 68 2.03 -9.71 -1.78
N LYS A 69 3.17 -9.73 -2.40
CA LYS A 69 3.87 -11.03 -2.63
C LYS A 69 4.69 -11.40 -1.40
N GLY A 70 4.05 -11.88 -0.37
CA GLY A 70 4.79 -12.26 0.86
C GLY A 70 4.46 -11.29 1.98
N VAL A 71 3.20 -11.06 2.24
CA VAL A 71 2.81 -10.12 3.33
C VAL A 71 1.65 -10.70 4.15
N GLU A 72 1.72 -11.96 4.49
CA GLU A 72 0.62 -12.58 5.28
C GLU A 72 1.11 -12.87 6.71
N MET A 1 -9.60 -9.67 -2.38
CA MET A 1 -8.43 -10.42 -1.87
C MET A 1 -7.17 -10.07 -2.67
N GLY A 2 -7.00 -10.64 -3.82
CA GLY A 2 -5.80 -10.33 -4.64
C GLY A 2 -5.24 -11.61 -5.26
N LYS A 3 -4.84 -11.56 -6.50
CA LYS A 3 -4.29 -12.78 -7.17
C LYS A 3 -3.18 -12.38 -8.16
N SER A 4 -3.52 -12.22 -9.41
CA SER A 4 -2.49 -11.83 -10.41
C SER A 4 -2.50 -10.31 -10.61
N GLU A 5 -1.60 -9.79 -11.40
CA GLU A 5 -1.58 -8.32 -11.63
C GLU A 5 -2.84 -7.89 -12.38
N GLU A 6 -3.61 -8.83 -12.86
CA GLU A 6 -4.85 -8.47 -13.61
C GLU A 6 -5.76 -7.63 -12.71
N GLU A 7 -6.09 -8.13 -11.55
CA GLU A 7 -6.97 -7.34 -10.63
C GLU A 7 -6.09 -6.49 -9.71
N LEU A 8 -4.92 -6.97 -9.38
CA LEU A 8 -4.01 -6.19 -8.48
C LEU A 8 -3.88 -4.76 -8.98
N SER A 9 -3.53 -4.59 -10.23
CA SER A 9 -3.38 -3.22 -10.80
C SER A 9 -4.53 -2.33 -10.34
N ASP A 10 -5.75 -2.70 -10.66
CA ASP A 10 -6.92 -1.87 -10.25
C ASP A 10 -6.93 -1.68 -8.73
N LEU A 11 -6.42 -2.63 -7.99
CA LEU A 11 -6.41 -2.50 -6.51
C LEU A 11 -5.40 -1.43 -6.06
N PHE A 12 -4.45 -1.13 -6.89
CA PHE A 12 -3.43 -0.10 -6.51
C PHE A 12 -4.08 1.28 -6.39
N ARG A 13 -4.58 1.80 -7.47
CA ARG A 13 -5.23 3.15 -7.42
C ARG A 13 -6.43 3.11 -6.47
N MET A 14 -6.86 1.95 -6.08
CA MET A 14 -8.03 1.86 -5.15
C MET A 14 -7.67 2.43 -3.78
N PHE A 15 -6.67 1.88 -3.14
CA PHE A 15 -6.28 2.40 -1.80
C PHE A 15 -5.80 3.84 -1.91
N ASP A 16 -5.38 4.26 -3.08
CA ASP A 16 -4.90 5.66 -3.25
C ASP A 16 -6.08 6.62 -3.26
N LYS A 17 -6.34 7.27 -2.15
CA LYS A 17 -7.48 8.23 -2.09
C LYS A 17 -7.06 9.60 -2.63
N ASN A 18 -5.77 9.83 -2.73
CA ASN A 18 -5.30 11.15 -3.25
C ASN A 18 -5.41 11.19 -4.77
N ALA A 19 -5.62 10.05 -5.39
CA ALA A 19 -5.74 10.03 -6.87
C ALA A 19 -4.60 10.82 -7.51
N ASP A 20 -3.37 10.42 -7.28
CA ASP A 20 -2.22 11.15 -7.87
C ASP A 20 -1.36 10.19 -8.70
N GLY A 21 -1.61 8.92 -8.61
CA GLY A 21 -0.80 7.94 -9.40
C GLY A 21 0.13 7.17 -8.46
N TYR A 22 0.17 7.53 -7.21
CA TYR A 22 1.06 6.81 -6.25
C TYR A 22 0.40 6.73 -4.87
N ILE A 23 1.08 6.16 -3.91
CA ILE A 23 0.49 6.05 -2.55
C ILE A 23 1.39 6.78 -1.53
N ASP A 24 0.80 7.52 -0.64
CA ASP A 24 1.62 8.25 0.38
C ASP A 24 1.52 7.56 1.74
N LEU A 25 2.27 8.00 2.70
CA LEU A 25 2.22 7.37 4.05
C LEU A 25 0.86 7.64 4.70
N ASP A 26 0.19 8.69 4.31
CA ASP A 26 -1.14 9.01 4.90
C ASP A 26 -2.24 8.22 4.17
N GLU A 27 -2.04 7.98 2.90
CA GLU A 27 -3.07 7.22 2.13
C GLU A 27 -2.89 5.71 2.35
N LEU A 28 -1.84 5.33 3.03
CA LEU A 28 -1.60 3.87 3.28
C LEU A 28 -2.41 3.40 4.49
N LYS A 29 -2.69 4.27 5.42
CA LYS A 29 -3.47 3.86 6.62
C LYS A 29 -4.96 4.10 6.42
N ILE A 30 -5.31 5.05 5.59
CA ILE A 30 -6.75 5.33 5.35
C ILE A 30 -7.40 4.18 4.58
N MET A 31 -6.71 3.62 3.63
CA MET A 31 -7.29 2.49 2.85
C MET A 31 -7.31 1.22 3.69
N LEU A 32 -6.48 1.15 4.71
CA LEU A 32 -6.46 -0.06 5.57
C LEU A 32 -7.61 -0.01 6.58
N GLN A 33 -8.13 1.15 6.86
CA GLN A 33 -9.25 1.25 7.83
C GLN A 33 -10.41 0.36 7.41
N ALA A 34 -10.45 -0.01 6.15
CA ALA A 34 -11.56 -0.89 5.68
C ALA A 34 -11.74 -2.08 6.62
N THR A 35 -10.66 -2.62 7.10
CA THR A 35 -10.77 -3.79 8.05
C THR A 35 -10.73 -3.29 9.49
N GLY A 36 -10.41 -2.04 9.69
CA GLY A 36 -10.35 -1.50 11.08
C GLY A 36 -8.90 -1.40 11.53
N GLU A 37 -8.00 -1.12 10.62
CA GLU A 37 -6.56 -1.01 11.01
C GLU A 37 -6.42 -0.11 12.24
N THR A 38 -6.43 -0.68 13.41
CA THR A 38 -6.29 0.13 14.64
C THR A 38 -4.93 -0.12 15.28
N ILE A 39 -3.95 0.68 14.95
CA ILE A 39 -2.60 0.48 15.53
C ILE A 39 -1.99 1.83 15.93
N THR A 40 -0.89 1.81 16.63
CA THR A 40 -0.26 3.10 17.03
C THR A 40 0.21 3.87 15.80
N GLU A 41 0.97 4.92 15.99
CA GLU A 41 1.45 5.71 14.82
C GLU A 41 2.78 5.13 14.30
N ASP A 42 3.68 4.80 15.17
CA ASP A 42 4.99 4.24 14.72
C ASP A 42 4.78 2.92 13.97
N ASP A 43 3.60 2.37 14.01
CA ASP A 43 3.36 1.09 13.30
C ASP A 43 2.79 1.34 11.90
N ILE A 44 2.41 2.56 11.62
CA ILE A 44 1.86 2.88 10.27
C ILE A 44 2.94 2.71 9.20
N GLU A 45 4.17 2.96 9.53
CA GLU A 45 5.26 2.83 8.53
C GLU A 45 5.65 1.36 8.34
N GLU A 46 5.35 0.53 9.31
CA GLU A 46 5.71 -0.91 9.18
C GLU A 46 5.21 -1.47 7.85
N LEU A 47 3.96 -1.24 7.54
CA LEU A 47 3.41 -1.77 6.26
C LEU A 47 4.12 -1.12 5.07
N MET A 48 4.71 0.03 5.28
CA MET A 48 5.42 0.72 4.15
C MET A 48 6.79 0.08 3.92
N LYS A 49 7.44 -0.37 4.95
CA LYS A 49 8.78 -0.99 4.78
C LYS A 49 8.78 -1.94 3.58
N ASP A 50 7.74 -2.72 3.43
CA ASP A 50 7.68 -3.66 2.28
C ASP A 50 7.11 -2.95 1.04
N GLY A 51 6.15 -2.08 1.23
CA GLY A 51 5.57 -1.36 0.07
C GLY A 51 6.60 -0.36 -0.48
N ASP A 52 7.55 0.03 0.32
CA ASP A 52 8.58 0.99 -0.16
C ASP A 52 9.98 0.52 0.25
N LYS A 53 10.24 -0.75 0.13
CA LYS A 53 11.59 -1.26 0.52
C LYS A 53 12.68 -0.41 -0.13
N ASN A 54 12.37 0.22 -1.24
CA ASN A 54 13.39 1.06 -1.93
C ASN A 54 13.57 2.37 -1.16
N ASN A 55 12.78 2.60 -0.16
CA ASN A 55 12.91 3.86 0.64
C ASN A 55 13.14 5.06 -0.29
N ASP A 56 12.10 5.52 -0.93
CA ASP A 56 12.25 6.68 -1.85
C ASP A 56 11.27 7.79 -1.46
N GLY A 57 10.39 7.52 -0.53
CA GLY A 57 9.41 8.56 -0.09
C GLY A 57 8.07 8.32 -0.80
N ARG A 58 8.03 7.39 -1.71
CA ARG A 58 6.75 7.12 -2.42
C ARG A 58 6.65 5.63 -2.80
N ILE A 59 5.47 5.13 -3.01
CA ILE A 59 5.30 3.69 -3.37
C ILE A 59 4.64 3.58 -4.74
N ASP A 60 5.41 3.36 -5.77
CA ASP A 60 4.83 3.23 -7.13
C ASP A 60 4.05 1.92 -7.26
N TYR A 61 3.70 1.54 -8.46
CA TYR A 61 2.93 0.27 -8.64
C TYR A 61 3.89 -0.91 -8.78
N ASP A 62 5.07 -0.67 -9.31
CA ASP A 62 6.05 -1.79 -9.46
C ASP A 62 6.43 -2.34 -8.09
N GLU A 63 6.60 -1.49 -7.12
CA GLU A 63 6.99 -1.97 -5.75
C GLU A 63 5.78 -2.65 -5.09
N PHE A 64 4.61 -2.13 -5.28
CA PHE A 64 3.40 -2.74 -4.67
C PHE A 64 3.38 -4.25 -4.91
N LEU A 65 3.76 -4.68 -6.08
CA LEU A 65 3.77 -6.14 -6.37
C LEU A 65 4.66 -6.87 -5.37
N GLU A 66 5.88 -6.43 -5.21
CA GLU A 66 6.80 -7.10 -4.25
C GLU A 66 6.20 -7.10 -2.84
N PHE A 67 5.26 -6.22 -2.60
CA PHE A 67 4.64 -6.16 -1.24
C PHE A 67 3.45 -7.13 -1.16
N MET A 68 2.67 -7.22 -2.21
CA MET A 68 1.51 -8.16 -2.20
C MET A 68 1.94 -9.53 -2.70
N LYS A 69 3.10 -9.63 -3.28
CA LYS A 69 3.58 -10.95 -3.79
C LYS A 69 3.72 -11.94 -2.64
N GLY A 70 2.63 -12.45 -2.14
CA GLY A 70 2.71 -13.43 -1.01
C GLY A 70 3.15 -12.71 0.27
N VAL A 71 2.31 -11.88 0.81
CA VAL A 71 2.68 -11.16 2.07
C VAL A 71 3.10 -12.14 3.15
N GLU A 72 4.21 -11.91 3.79
CA GLU A 72 4.67 -12.84 4.86
C GLU A 72 3.66 -12.86 6.02
N MET A 1 -7.50 -11.83 -0.97
CA MET A 1 -7.19 -10.85 -2.03
C MET A 1 -5.68 -10.56 -2.05
N GLY A 2 -5.13 -10.27 -3.20
CA GLY A 2 -3.67 -9.97 -3.27
C GLY A 2 -2.94 -11.17 -3.89
N LYS A 3 -2.64 -11.11 -5.16
CA LYS A 3 -1.93 -12.24 -5.82
C LYS A 3 -0.85 -11.70 -6.77
N SER A 4 -1.27 -11.20 -7.90
CA SER A 4 -0.27 -10.65 -8.87
C SER A 4 -0.82 -9.38 -9.52
N GLU A 5 -0.10 -8.81 -10.45
CA GLU A 5 -0.59 -7.57 -11.11
C GLU A 5 -2.01 -7.80 -11.67
N GLU A 6 -2.41 -9.03 -11.83
CA GLU A 6 -3.77 -9.30 -12.36
C GLU A 6 -4.81 -9.01 -11.29
N GLU A 7 -4.58 -9.43 -10.08
CA GLU A 7 -5.55 -9.17 -8.99
C GLU A 7 -5.25 -7.83 -8.32
N LEU A 8 -4.02 -7.37 -8.42
CA LEU A 8 -3.66 -6.07 -7.80
C LEU A 8 -4.00 -4.91 -8.73
N SER A 9 -4.06 -5.16 -10.01
CA SER A 9 -4.39 -4.08 -10.98
C SER A 9 -5.67 -3.35 -10.55
N ASP A 10 -6.53 -4.01 -9.82
CA ASP A 10 -7.79 -3.36 -9.37
C ASP A 10 -7.62 -2.80 -7.96
N LEU A 11 -6.57 -3.18 -7.28
CA LEU A 11 -6.35 -2.68 -5.89
C LEU A 11 -5.58 -1.36 -5.91
N PHE A 12 -4.67 -1.21 -6.84
CA PHE A 12 -3.88 0.05 -6.91
C PHE A 12 -4.81 1.25 -7.12
N ARG A 13 -5.83 1.11 -7.92
CA ARG A 13 -6.76 2.25 -8.16
C ARG A 13 -7.74 2.39 -7.00
N MET A 14 -8.13 1.30 -6.40
CA MET A 14 -9.09 1.38 -5.26
C MET A 14 -8.35 1.76 -3.96
N PHE A 15 -7.29 1.07 -3.65
CA PHE A 15 -6.54 1.38 -2.41
C PHE A 15 -6.20 2.88 -2.36
N ASP A 16 -5.65 3.41 -3.41
CA ASP A 16 -5.31 4.86 -3.42
C ASP A 16 -6.51 5.69 -2.96
N LYS A 17 -6.54 6.04 -1.71
CA LYS A 17 -7.68 6.85 -1.20
C LYS A 17 -7.60 8.28 -1.72
N ASN A 18 -6.43 8.72 -2.12
CA ASN A 18 -6.30 10.11 -2.64
C ASN A 18 -6.47 10.12 -4.17
N ALA A 19 -6.23 9.01 -4.80
CA ALA A 19 -6.39 8.95 -6.28
C ALA A 19 -5.49 9.97 -6.96
N ASP A 20 -4.22 9.66 -7.13
CA ASP A 20 -3.30 10.62 -7.78
C ASP A 20 -2.29 9.88 -8.67
N GLY A 21 -2.47 8.60 -8.86
CA GLY A 21 -1.53 7.82 -9.69
C GLY A 21 -0.57 7.02 -8.80
N TYR A 22 -0.31 7.51 -7.62
CA TYR A 22 0.62 6.78 -6.71
C TYR A 22 0.06 6.77 -5.29
N ILE A 23 0.74 6.16 -4.37
CA ILE A 23 0.24 6.10 -2.96
C ILE A 23 1.28 6.67 -2.00
N ASP A 24 0.85 7.31 -0.94
CA ASP A 24 1.81 7.88 0.04
C ASP A 24 1.70 7.15 1.39
N LEU A 25 2.55 7.47 2.32
CA LEU A 25 2.49 6.80 3.65
C LEU A 25 1.15 7.07 4.33
N ASP A 26 0.53 8.18 4.01
CA ASP A 26 -0.77 8.52 4.64
C ASP A 26 -1.92 7.79 3.92
N GLU A 27 -1.80 7.59 2.64
CA GLU A 27 -2.88 6.88 1.89
C GLU A 27 -2.97 5.42 2.33
N LEU A 28 -1.86 4.75 2.46
CA LEU A 28 -1.90 3.32 2.89
C LEU A 28 -2.52 3.21 4.29
N LYS A 29 -2.09 4.03 5.20
CA LYS A 29 -2.65 3.98 6.58
C LYS A 29 -4.15 4.32 6.56
N ILE A 30 -4.54 5.24 5.73
CA ILE A 30 -5.98 5.61 5.66
C ILE A 30 -6.78 4.50 4.98
N MET A 31 -6.15 3.70 4.17
CA MET A 31 -6.88 2.61 3.46
C MET A 31 -6.84 1.33 4.31
N LEU A 32 -5.92 1.23 5.22
CA LEU A 32 -5.83 0.00 6.07
C LEU A 32 -6.89 0.03 7.17
N GLN A 33 -7.29 1.19 7.60
CA GLN A 33 -8.32 1.28 8.68
C GLN A 33 -9.56 0.47 8.30
N ALA A 34 -9.72 0.15 7.05
CA ALA A 34 -10.90 -0.64 6.62
C ALA A 34 -11.15 -1.80 7.60
N THR A 35 -10.13 -2.25 8.27
CA THR A 35 -10.31 -3.37 9.24
C THR A 35 -10.01 -2.90 10.66
N GLY A 36 -9.60 -1.67 10.83
CA GLY A 36 -9.31 -1.16 12.19
C GLY A 36 -7.79 -1.08 12.39
N GLU A 37 -7.06 -0.79 11.34
CA GLU A 37 -5.58 -0.70 11.46
C GLU A 37 -5.18 0.10 12.70
N THR A 38 -4.99 -0.55 13.81
CA THR A 38 -4.60 0.19 15.05
C THR A 38 -3.16 -0.18 15.43
N ILE A 39 -2.21 0.59 14.99
CA ILE A 39 -0.79 0.29 15.32
C ILE A 39 -0.05 1.58 15.69
N THR A 40 1.05 1.46 16.38
CA THR A 40 1.83 2.68 16.76
C THR A 40 2.38 3.36 15.51
N GLU A 41 2.48 4.66 15.52
CA GLU A 41 3.03 5.37 14.33
C GLU A 41 4.35 4.73 13.89
N ASP A 42 5.01 4.03 14.79
CA ASP A 42 6.29 3.38 14.42
C ASP A 42 6.04 2.17 13.53
N ASP A 43 4.82 1.70 13.48
CA ASP A 43 4.51 0.53 12.62
C ASP A 43 3.98 0.98 11.26
N ILE A 44 3.64 2.24 11.13
CA ILE A 44 3.13 2.75 9.82
C ILE A 44 4.24 2.73 8.78
N GLU A 45 5.33 3.40 9.06
CA GLU A 45 6.45 3.43 8.07
C GLU A 45 6.80 2.01 7.62
N GLU A 46 6.45 1.03 8.42
CA GLU A 46 6.76 -0.38 8.05
C GLU A 46 6.00 -0.79 6.78
N LEU A 47 4.71 -0.93 6.87
CA LEU A 47 3.91 -1.32 5.67
C LEU A 47 4.35 -0.51 4.44
N MET A 48 4.69 0.74 4.62
CA MET A 48 5.13 1.56 3.46
C MET A 48 6.47 1.07 2.93
N LYS A 49 7.31 0.57 3.80
CA LYS A 49 8.65 0.08 3.33
C LYS A 49 8.47 -1.08 2.35
N ASP A 50 7.73 -2.09 2.72
CA ASP A 50 7.51 -3.23 1.79
C ASP A 50 7.04 -2.72 0.43
N GLY A 51 6.35 -1.62 0.41
CA GLY A 51 5.86 -1.06 -0.88
C GLY A 51 6.77 0.09 -1.31
N ASP A 52 7.61 0.55 -0.44
CA ASP A 52 8.54 1.67 -0.79
C ASP A 52 9.93 1.42 -0.20
N LYS A 53 10.47 0.25 -0.41
CA LYS A 53 11.82 -0.06 0.15
C LYS A 53 12.79 1.08 -0.16
N ASN A 54 12.51 1.86 -1.17
CA ASN A 54 13.42 2.99 -1.52
C ASN A 54 13.10 4.21 -0.66
N ASN A 55 11.87 4.33 -0.22
CA ASN A 55 11.50 5.51 0.62
C ASN A 55 11.72 6.81 -0.18
N ASP A 56 11.25 6.86 -1.39
CA ASP A 56 11.43 8.09 -2.20
C ASP A 56 10.30 9.09 -1.92
N GLY A 57 9.23 8.65 -1.33
CA GLY A 57 8.11 9.56 -1.02
C GLY A 57 6.93 9.26 -1.96
N ARG A 58 7.07 8.28 -2.80
CA ARG A 58 5.96 7.94 -3.74
C ARG A 58 5.99 6.44 -4.06
N ILE A 59 4.85 5.80 -4.08
CA ILE A 59 4.82 4.34 -4.38
C ILE A 59 4.16 4.09 -5.74
N ASP A 60 4.92 3.69 -6.71
CA ASP A 60 4.33 3.43 -8.06
C ASP A 60 3.63 2.08 -8.06
N TYR A 61 3.23 1.60 -9.21
CA TYR A 61 2.55 0.27 -9.27
C TYR A 61 3.57 -0.86 -9.22
N ASP A 62 4.67 -0.71 -9.90
CA ASP A 62 5.71 -1.77 -9.88
C ASP A 62 6.17 -2.03 -8.44
N GLU A 63 6.04 -1.06 -7.58
CA GLU A 63 6.46 -1.25 -6.17
C GLU A 63 5.31 -1.83 -5.36
N PHE A 64 4.10 -1.46 -5.67
CA PHE A 64 2.92 -2.00 -4.91
C PHE A 64 2.92 -3.52 -4.99
N LEU A 65 3.62 -4.08 -5.94
CA LEU A 65 3.65 -5.57 -6.07
C LEU A 65 4.35 -6.20 -4.86
N GLU A 66 5.54 -5.73 -4.55
CA GLU A 66 6.26 -6.30 -3.38
C GLU A 66 5.50 -6.01 -2.08
N PHE A 67 4.70 -4.97 -2.07
CA PHE A 67 3.93 -4.64 -0.84
C PHE A 67 3.16 -5.87 -0.36
N MET A 68 2.82 -6.75 -1.25
CA MET A 68 2.06 -7.98 -0.86
C MET A 68 3.01 -9.15 -0.67
N LYS A 69 3.70 -9.55 -1.70
CA LYS A 69 4.65 -10.69 -1.58
C LYS A 69 3.90 -11.96 -1.15
N GLY A 70 2.60 -11.95 -1.27
CA GLY A 70 1.81 -13.15 -0.86
C GLY A 70 1.57 -13.12 0.65
N VAL A 71 0.69 -12.26 1.10
CA VAL A 71 0.42 -12.17 2.56
C VAL A 71 -0.66 -13.18 2.95
N GLU A 72 -1.47 -13.60 2.02
CA GLU A 72 -2.55 -14.58 2.35
C GLU A 72 -2.02 -16.01 2.21
N MET A 1 -11.29 -8.96 -4.30
CA MET A 1 -10.46 -10.14 -3.96
C MET A 1 -9.06 -10.01 -4.57
N GLY A 2 -8.45 -8.86 -4.41
CA GLY A 2 -7.08 -8.67 -4.97
C GLY A 2 -6.22 -9.89 -4.65
N LYS A 3 -5.53 -10.43 -5.62
CA LYS A 3 -4.68 -11.63 -5.34
C LYS A 3 -3.36 -11.52 -6.11
N SER A 4 -3.39 -11.56 -7.41
CA SER A 4 -2.13 -11.46 -8.20
C SER A 4 -2.18 -10.27 -9.15
N GLU A 5 -1.18 -10.14 -9.99
CA GLU A 5 -1.15 -8.99 -10.96
C GLU A 5 -2.48 -8.90 -11.70
N GLU A 6 -3.22 -9.97 -11.77
CA GLU A 6 -4.53 -9.93 -12.49
C GLU A 6 -5.39 -8.79 -11.93
N GLU A 7 -5.71 -8.84 -10.68
CA GLU A 7 -6.55 -7.75 -10.09
C GLU A 7 -5.65 -6.71 -9.40
N LEU A 8 -4.46 -7.09 -9.04
CA LEU A 8 -3.54 -6.11 -8.37
C LEU A 8 -3.59 -4.75 -9.10
N SER A 9 -3.60 -4.78 -10.40
CA SER A 9 -3.64 -3.51 -11.17
C SER A 9 -4.81 -2.64 -10.71
N ASP A 10 -5.88 -3.24 -10.26
CA ASP A 10 -7.04 -2.45 -9.79
C ASP A 10 -7.00 -2.29 -8.27
N LEU A 11 -6.62 -3.32 -7.56
CA LEU A 11 -6.55 -3.22 -6.07
C LEU A 11 -5.94 -1.88 -5.66
N PHE A 12 -4.82 -1.53 -6.25
CA PHE A 12 -4.17 -0.24 -5.88
C PHE A 12 -5.11 0.93 -6.19
N ARG A 13 -5.82 0.86 -7.29
CA ARG A 13 -6.75 1.97 -7.64
C ARG A 13 -7.83 2.13 -6.56
N MET A 14 -8.17 1.05 -5.91
CA MET A 14 -9.22 1.15 -4.84
C MET A 14 -8.57 1.57 -3.52
N PHE A 15 -7.36 1.16 -3.28
CA PHE A 15 -6.69 1.55 -2.01
C PHE A 15 -6.27 3.02 -2.06
N ASP A 16 -6.10 3.56 -3.24
CA ASP A 16 -5.71 4.99 -3.35
C ASP A 16 -6.86 5.88 -2.87
N LYS A 17 -7.13 5.87 -1.60
CA LYS A 17 -8.24 6.71 -1.06
C LYS A 17 -8.16 8.13 -1.62
N ASN A 18 -6.99 8.70 -1.65
CA ASN A 18 -6.84 10.08 -2.19
C ASN A 18 -7.02 10.08 -3.71
N ALA A 19 -7.19 8.94 -4.31
CA ALA A 19 -7.37 8.89 -5.78
C ALA A 19 -6.36 9.81 -6.47
N ASP A 20 -5.10 9.48 -6.40
CA ASP A 20 -4.07 10.34 -7.05
C ASP A 20 -3.13 9.50 -7.91
N GLY A 21 -3.35 8.20 -7.94
CA GLY A 21 -2.47 7.32 -8.76
C GLY A 21 -1.34 6.76 -7.90
N TYR A 22 -1.05 7.41 -6.80
CA TYR A 22 0.05 6.91 -5.91
C TYR A 22 -0.36 7.02 -4.45
N ILE A 23 -0.20 5.96 -3.70
CA ILE A 23 -0.57 6.00 -2.26
C ILE A 23 0.57 6.60 -1.43
N ASP A 24 0.28 7.60 -0.64
CA ASP A 24 1.35 8.24 0.18
C ASP A 24 1.43 7.59 1.56
N LEU A 25 2.29 8.08 2.42
CA LEU A 25 2.41 7.49 3.78
C LEU A 25 1.13 7.73 4.59
N ASP A 26 0.31 8.65 4.17
CA ASP A 26 -0.95 8.92 4.93
C ASP A 26 -2.10 8.06 4.40
N GLU A 27 -2.26 7.98 3.11
CA GLU A 27 -3.36 7.16 2.53
C GLU A 27 -3.12 5.66 2.80
N LEU A 28 -1.95 5.31 3.26
CA LEU A 28 -1.67 3.87 3.53
C LEU A 28 -2.43 3.40 4.77
N LYS A 29 -2.06 3.86 5.92
CA LYS A 29 -2.77 3.43 7.17
C LYS A 29 -4.28 3.42 6.95
N ILE A 30 -4.77 4.20 6.03
CA ILE A 30 -6.24 4.23 5.79
C ILE A 30 -6.63 3.26 4.66
N MET A 31 -5.68 2.84 3.86
CA MET A 31 -6.00 1.89 2.76
C MET A 31 -6.40 0.54 3.34
N LEU A 32 -5.78 0.13 4.41
CA LEU A 32 -6.11 -1.18 5.03
C LEU A 32 -7.26 -1.00 6.03
N GLN A 33 -7.56 0.21 6.41
CA GLN A 33 -8.66 0.45 7.37
C GLN A 33 -9.90 -0.37 6.99
N ALA A 34 -10.03 -0.69 5.73
CA ALA A 34 -11.21 -1.48 5.29
C ALA A 34 -11.18 -2.87 5.94
N THR A 35 -10.05 -3.30 6.40
CA THR A 35 -9.96 -4.64 7.04
C THR A 35 -10.02 -4.50 8.56
N GLY A 36 -9.53 -3.42 9.09
CA GLY A 36 -9.56 -3.23 10.56
C GLY A 36 -8.12 -3.19 11.10
N GLU A 37 -7.21 -2.66 10.33
CA GLU A 37 -5.80 -2.60 10.80
C GLU A 37 -5.68 -1.67 12.02
N THR A 38 -5.76 -2.23 13.20
CA THR A 38 -5.66 -1.38 14.42
C THR A 38 -4.32 -1.65 15.13
N ILE A 39 -3.32 -0.87 14.84
CA ILE A 39 -2.00 -1.06 15.49
C ILE A 39 -1.42 0.29 15.92
N THR A 40 -0.34 0.27 16.67
CA THR A 40 0.27 1.56 17.10
C THR A 40 0.72 2.37 15.87
N GLU A 41 0.85 3.66 16.02
CA GLU A 41 1.27 4.50 14.86
C GLU A 41 2.71 4.13 14.45
N ASP A 42 3.57 3.90 15.40
CA ASP A 42 4.97 3.54 15.06
C ASP A 42 5.01 2.32 14.14
N ASP A 43 3.97 1.53 14.15
CA ASP A 43 3.95 0.32 13.27
C ASP A 43 3.50 0.71 11.86
N ILE A 44 2.91 1.87 11.71
CA ILE A 44 2.45 2.29 10.36
C ILE A 44 3.65 2.55 9.45
N GLU A 45 4.53 3.45 9.83
CA GLU A 45 5.72 3.74 8.97
C GLU A 45 6.46 2.43 8.64
N GLU A 46 6.30 1.43 9.46
CA GLU A 46 7.00 0.14 9.19
C GLU A 46 6.44 -0.52 7.92
N LEU A 47 5.17 -0.38 7.68
CA LEU A 47 4.58 -0.99 6.45
C LEU A 47 5.02 -0.22 5.20
N MET A 48 5.27 1.05 5.34
CA MET A 48 5.71 1.85 4.16
C MET A 48 7.12 1.44 3.74
N LYS A 49 7.85 0.79 4.60
CA LYS A 49 9.23 0.38 4.25
C LYS A 49 9.21 -0.50 2.99
N ASP A 50 8.34 -1.47 2.94
CA ASP A 50 8.28 -2.35 1.74
C ASP A 50 7.57 -1.62 0.59
N GLY A 51 6.51 -0.92 0.89
CA GLY A 51 5.78 -0.19 -0.19
C GLY A 51 6.65 0.96 -0.71
N ASP A 52 7.54 1.47 0.10
CA ASP A 52 8.40 2.59 -0.36
C ASP A 52 9.72 2.59 0.41
N LYS A 53 10.59 1.64 0.16
CA LYS A 53 11.88 1.61 0.89
C LYS A 53 12.77 2.78 0.41
N ASN A 54 12.38 3.41 -0.66
CA ASN A 54 13.18 4.56 -1.17
C ASN A 54 12.74 5.86 -0.50
N ASN A 55 11.56 5.87 0.04
CA ASN A 55 11.06 7.11 0.71
C ASN A 55 11.11 8.29 -0.25
N ASP A 56 10.72 8.08 -1.48
CA ASP A 56 10.75 9.20 -2.47
C ASP A 56 9.59 10.16 -2.20
N GLY A 57 8.71 9.81 -1.32
CA GLY A 57 7.54 10.70 -1.02
C GLY A 57 6.25 10.06 -1.52
N ARG A 58 6.35 9.13 -2.43
CA ARG A 58 5.12 8.47 -2.95
C ARG A 58 5.40 7.00 -3.26
N ILE A 59 4.40 6.17 -3.18
CA ILE A 59 4.60 4.72 -3.46
C ILE A 59 4.33 4.42 -4.94
N ASP A 60 5.22 3.73 -5.59
CA ASP A 60 5.01 3.41 -7.02
C ASP A 60 4.51 1.96 -7.16
N TYR A 61 3.85 1.66 -8.24
CA TYR A 61 3.32 0.28 -8.44
C TYR A 61 4.46 -0.75 -8.29
N ASP A 62 5.54 -0.55 -8.98
CA ASP A 62 6.68 -1.51 -8.89
C ASP A 62 6.89 -1.93 -7.43
N GLU A 63 6.84 -0.99 -6.52
CA GLU A 63 7.05 -1.32 -5.09
C GLU A 63 5.85 -2.11 -4.56
N PHE A 64 4.65 -1.74 -4.94
CA PHE A 64 3.45 -2.48 -4.46
C PHE A 64 3.62 -3.98 -4.73
N LEU A 65 3.85 -4.35 -5.97
CA LEU A 65 4.02 -5.79 -6.29
C LEU A 65 4.94 -6.45 -5.26
N GLU A 66 6.22 -6.14 -5.31
CA GLU A 66 7.15 -6.76 -4.32
C GLU A 66 6.57 -6.63 -2.91
N PHE A 67 5.91 -5.55 -2.63
CA PHE A 67 5.30 -5.37 -1.28
C PHE A 67 4.14 -6.35 -1.10
N MET A 68 3.48 -6.70 -2.17
CA MET A 68 2.35 -7.65 -2.07
C MET A 68 2.83 -9.05 -2.43
N LYS A 69 4.01 -9.17 -2.97
CA LYS A 69 4.54 -10.51 -3.34
C LYS A 69 4.88 -11.31 -2.08
N GLY A 70 5.21 -10.64 -1.01
CA GLY A 70 5.55 -11.36 0.25
C GLY A 70 4.27 -11.80 0.94
N VAL A 71 3.14 -11.35 0.48
CA VAL A 71 1.86 -11.76 1.11
C VAL A 71 0.82 -12.11 0.04
N GLU A 72 -0.10 -12.97 0.37
CA GLU A 72 -1.13 -13.37 -0.64
C GLU A 72 -2.17 -12.26 -0.79
N MET A 1 -9.20 -8.63 -2.41
CA MET A 1 -8.24 -9.70 -2.81
C MET A 1 -6.95 -9.08 -3.34
N GLY A 2 -6.05 -9.89 -3.84
CA GLY A 2 -4.77 -9.35 -4.38
C GLY A 2 -3.68 -10.41 -4.26
N LYS A 3 -3.24 -10.94 -5.38
CA LYS A 3 -2.19 -11.99 -5.34
C LYS A 3 -1.10 -11.69 -6.38
N SER A 4 -1.24 -12.23 -7.56
CA SER A 4 -0.22 -11.98 -8.62
C SER A 4 -0.58 -10.72 -9.40
N GLU A 5 0.35 -10.17 -10.13
CA GLU A 5 0.07 -8.94 -10.92
C GLU A 5 -1.23 -9.10 -11.72
N GLU A 6 -1.63 -10.32 -11.97
CA GLU A 6 -2.89 -10.53 -12.75
C GLU A 6 -3.98 -9.58 -12.24
N GLU A 7 -4.36 -9.71 -11.00
CA GLU A 7 -5.39 -8.81 -10.44
C GLU A 7 -4.73 -7.63 -9.73
N LEU A 8 -3.50 -7.80 -9.31
CA LEU A 8 -2.77 -6.71 -8.61
C LEU A 8 -2.82 -5.43 -9.47
N SER A 9 -2.58 -5.54 -10.74
CA SER A 9 -2.60 -4.34 -11.62
C SER A 9 -3.81 -3.46 -11.27
N ASP A 10 -4.96 -4.05 -11.12
CA ASP A 10 -6.18 -3.24 -10.79
C ASP A 10 -6.18 -2.89 -9.30
N LEU A 11 -5.64 -3.75 -8.47
CA LEU A 11 -5.62 -3.45 -7.01
C LEU A 11 -4.93 -2.11 -6.75
N PHE A 12 -3.82 -1.88 -7.40
CA PHE A 12 -3.10 -0.58 -7.18
C PHE A 12 -4.07 0.59 -7.36
N ARG A 13 -5.00 0.46 -8.28
CA ARG A 13 -5.98 1.56 -8.50
C ARG A 13 -6.84 1.76 -7.23
N MET A 14 -7.52 0.72 -6.81
CA MET A 14 -8.36 0.84 -5.58
C MET A 14 -7.48 1.16 -4.37
N PHE A 15 -6.27 0.65 -4.37
CA PHE A 15 -5.36 0.91 -3.22
C PHE A 15 -5.26 2.42 -2.97
N ASP A 16 -5.42 3.21 -4.01
CA ASP A 16 -5.34 4.69 -3.84
C ASP A 16 -6.60 5.21 -3.14
N LYS A 17 -6.46 5.70 -1.94
CA LYS A 17 -7.65 6.23 -1.22
C LYS A 17 -7.98 7.65 -1.70
N ASN A 18 -7.01 8.34 -2.25
CA ASN A 18 -7.26 9.72 -2.75
C ASN A 18 -7.34 9.73 -4.27
N ALA A 19 -7.04 8.63 -4.90
CA ALA A 19 -7.10 8.57 -6.39
C ALA A 19 -6.23 9.67 -7.00
N ASP A 20 -4.95 9.43 -7.11
CA ASP A 20 -4.05 10.47 -7.69
C ASP A 20 -2.90 9.80 -8.46
N GLY A 21 -2.99 8.52 -8.69
CA GLY A 21 -1.90 7.81 -9.43
C GLY A 21 -0.77 7.45 -8.46
N TYR A 22 -0.94 7.73 -7.19
CA TYR A 22 0.14 7.39 -6.22
C TYR A 22 -0.45 7.25 -4.81
N ILE A 23 0.31 6.73 -3.88
CA ILE A 23 -0.20 6.56 -2.50
C ILE A 23 0.82 7.08 -1.48
N ASP A 24 0.39 7.86 -0.54
CA ASP A 24 1.33 8.39 0.48
C ASP A 24 1.19 7.62 1.80
N LEU A 25 1.94 7.99 2.80
CA LEU A 25 1.84 7.27 4.11
C LEU A 25 0.45 7.49 4.73
N ASP A 26 -0.04 8.70 4.70
CA ASP A 26 -1.38 8.97 5.29
C ASP A 26 -2.45 8.08 4.66
N GLU A 27 -2.38 7.88 3.37
CA GLU A 27 -3.39 7.02 2.69
C GLU A 27 -3.07 5.54 2.89
N LEU A 28 -1.89 5.24 3.36
CA LEU A 28 -1.52 3.81 3.57
C LEU A 28 -2.16 3.26 4.85
N LYS A 29 -2.18 4.04 5.89
CA LYS A 29 -2.80 3.56 7.17
C LYS A 29 -4.32 3.74 7.14
N ILE A 30 -4.83 4.44 6.17
CA ILE A 30 -6.31 4.64 6.10
C ILE A 30 -6.95 3.56 5.22
N MET A 31 -6.53 3.44 3.99
CA MET A 31 -7.12 2.40 3.10
C MET A 31 -7.16 1.05 3.82
N LEU A 32 -6.18 0.78 4.65
CA LEU A 32 -6.16 -0.51 5.38
C LEU A 32 -7.12 -0.48 6.57
N GLN A 33 -7.62 0.68 6.92
CA GLN A 33 -8.56 0.77 8.07
C GLN A 33 -9.80 -0.09 7.82
N ALA A 34 -10.04 -0.44 6.58
CA ALA A 34 -11.23 -1.28 6.27
C ALA A 34 -11.23 -2.55 7.13
N THR A 35 -10.08 -3.11 7.38
CA THR A 35 -10.02 -4.35 8.22
C THR A 35 -9.90 -3.99 9.70
N GLY A 36 -9.75 -2.73 10.00
CA GLY A 36 -9.62 -2.31 11.42
C GLY A 36 -8.14 -2.23 11.81
N GLU A 37 -7.29 -1.92 10.87
CA GLU A 37 -5.83 -1.83 11.19
C GLU A 37 -5.61 -0.92 12.40
N THR A 38 -5.58 -1.49 13.58
CA THR A 38 -5.36 -0.66 14.79
C THR A 38 -3.99 -0.96 15.39
N ILE A 39 -2.99 -0.20 15.02
CA ILE A 39 -1.63 -0.45 15.57
C ILE A 39 -0.95 0.87 15.94
N THR A 40 0.09 0.82 16.73
CA THR A 40 0.78 2.07 17.13
C THR A 40 1.25 2.84 15.88
N GLU A 41 1.08 4.13 15.87
CA GLU A 41 1.53 4.92 14.68
C GLU A 41 2.94 4.51 14.26
N ASP A 42 3.81 4.29 15.21
CA ASP A 42 5.20 3.88 14.86
C ASP A 42 5.17 2.62 13.98
N ASP A 43 4.09 1.90 13.99
CA ASP A 43 4.02 0.66 13.17
C ASP A 43 3.57 1.00 11.74
N ILE A 44 3.00 2.15 11.55
CA ILE A 44 2.53 2.54 10.18
C ILE A 44 3.69 2.40 9.18
N GLU A 45 4.87 2.76 9.57
CA GLU A 45 6.04 2.66 8.65
C GLU A 45 6.28 1.19 8.28
N GLU A 46 5.72 0.28 9.02
CA GLU A 46 5.92 -1.17 8.71
C GLU A 46 5.38 -1.49 7.32
N LEU A 47 4.40 -0.75 6.86
CA LEU A 47 3.83 -1.03 5.52
C LEU A 47 4.53 -0.16 4.45
N MET A 48 5.00 0.99 4.83
CA MET A 48 5.69 1.87 3.83
C MET A 48 6.86 1.13 3.18
N LYS A 49 7.74 0.58 3.97
CA LYS A 49 8.91 -0.15 3.40
C LYS A 49 8.45 -1.21 2.40
N ASP A 50 7.24 -1.68 2.53
CA ASP A 50 6.74 -2.72 1.59
C ASP A 50 6.42 -2.09 0.23
N GLY A 51 6.12 -0.83 0.20
CA GLY A 51 5.79 -0.16 -1.09
C GLY A 51 6.65 1.09 -1.27
N ASP A 52 7.63 1.27 -0.42
CA ASP A 52 8.52 2.46 -0.54
C ASP A 52 9.87 2.18 0.10
N LYS A 53 10.53 1.13 -0.31
CA LYS A 53 11.86 0.79 0.29
C LYS A 53 12.77 2.02 0.24
N ASN A 54 12.66 2.82 -0.79
CA ASN A 54 13.54 4.04 -0.88
C ASN A 54 12.89 5.21 -0.13
N ASN A 55 11.64 5.08 0.21
CA ASN A 55 10.94 6.18 0.95
C ASN A 55 10.96 7.47 0.12
N ASP A 56 10.55 7.41 -1.12
CA ASP A 56 10.54 8.63 -1.97
C ASP A 56 9.40 9.55 -1.54
N GLY A 57 8.47 9.04 -0.77
CA GLY A 57 7.32 9.88 -0.32
C GLY A 57 6.06 9.44 -1.05
N ARG A 58 6.17 8.50 -1.96
CA ARG A 58 4.97 8.03 -2.71
C ARG A 58 5.17 6.58 -3.16
N ILE A 59 4.14 5.78 -3.10
CA ILE A 59 4.28 4.36 -3.53
C ILE A 59 3.84 4.21 -4.99
N ASP A 60 4.76 4.30 -5.91
CA ASP A 60 4.39 4.17 -7.35
C ASP A 60 3.78 2.80 -7.62
N TYR A 61 3.44 2.53 -8.86
CA TYR A 61 2.84 1.20 -9.20
C TYR A 61 3.91 0.11 -9.19
N ASP A 62 5.04 0.37 -9.79
CA ASP A 62 6.12 -0.65 -9.81
C ASP A 62 6.56 -1.02 -8.39
N GLU A 63 6.68 -0.04 -7.53
CA GLU A 63 7.10 -0.34 -6.13
C GLU A 63 5.96 -1.03 -5.38
N PHE A 64 4.75 -0.86 -5.83
CA PHE A 64 3.60 -1.51 -5.14
C PHE A 64 3.73 -3.03 -5.24
N LEU A 65 4.47 -3.52 -6.20
CA LEU A 65 4.64 -4.99 -6.36
C LEU A 65 5.38 -5.56 -5.15
N GLU A 66 6.35 -4.85 -4.64
CA GLU A 66 7.12 -5.35 -3.46
C GLU A 66 6.23 -5.29 -2.21
N PHE A 67 5.11 -4.64 -2.30
CA PHE A 67 4.20 -4.55 -1.12
C PHE A 67 3.63 -5.92 -0.79
N MET A 68 3.04 -6.59 -1.76
CA MET A 68 2.47 -7.94 -1.49
C MET A 68 3.58 -8.96 -1.26
N LYS A 69 4.46 -9.12 -2.20
CA LYS A 69 5.57 -10.10 -2.02
C LYS A 69 5.00 -11.47 -1.63
N GLY A 70 3.76 -11.72 -1.91
CA GLY A 70 3.15 -13.03 -1.55
C GLY A 70 2.38 -12.89 -0.24
N VAL A 71 1.31 -12.15 -0.23
CA VAL A 71 0.52 -11.98 1.03
C VAL A 71 0.17 -13.36 1.62
N GLU A 72 -0.90 -13.93 1.19
CA GLU A 72 -1.30 -15.27 1.74
C GLU A 72 -0.92 -16.38 0.73
N MET A 1 -1.88 -10.11 -0.33
CA MET A 1 -1.59 -10.77 -1.64
C MET A 1 -2.90 -11.11 -2.36
N GLY A 2 -3.25 -10.34 -3.36
CA GLY A 2 -4.51 -10.64 -4.10
C GLY A 2 -4.40 -11.99 -4.80
N LYS A 3 -4.01 -11.98 -6.05
CA LYS A 3 -3.87 -13.27 -6.79
C LYS A 3 -2.89 -13.09 -7.95
N SER A 4 -3.24 -12.28 -8.90
CA SER A 4 -2.33 -12.05 -10.06
C SER A 4 -2.33 -10.57 -10.42
N GLU A 5 -1.50 -10.17 -11.36
CA GLU A 5 -1.47 -8.73 -11.74
C GLU A 5 -2.83 -8.30 -12.30
N GLU A 6 -3.70 -9.23 -12.57
CA GLU A 6 -5.05 -8.87 -13.10
C GLU A 6 -5.77 -7.96 -12.09
N GLU A 7 -6.16 -8.50 -10.98
CA GLU A 7 -6.87 -7.66 -9.96
C GLU A 7 -5.86 -6.73 -9.28
N LEU A 8 -4.65 -7.19 -9.10
CA LEU A 8 -3.62 -6.34 -8.45
C LEU A 8 -3.69 -4.90 -8.99
N SER A 9 -3.82 -4.76 -10.28
CA SER A 9 -3.89 -3.39 -10.88
C SER A 9 -5.15 -2.66 -10.40
N ASP A 10 -6.30 -3.12 -10.82
CA ASP A 10 -7.57 -2.45 -10.39
C ASP A 10 -7.62 -2.29 -8.87
N LEU A 11 -6.82 -3.04 -8.16
CA LEU A 11 -6.84 -2.93 -6.66
C LEU A 11 -6.19 -1.61 -6.22
N PHE A 12 -5.15 -1.19 -6.86
CA PHE A 12 -4.48 0.09 -6.47
C PHE A 12 -5.46 1.26 -6.57
N ARG A 13 -6.53 1.10 -7.29
CA ARG A 13 -7.51 2.21 -7.42
C ARG A 13 -8.18 2.48 -6.08
N MET A 14 -8.63 1.46 -5.40
CA MET A 14 -9.29 1.67 -4.08
C MET A 14 -8.26 1.72 -2.96
N PHE A 15 -7.07 1.23 -3.22
CA PHE A 15 -6.01 1.25 -2.17
C PHE A 15 -5.59 2.69 -1.87
N ASP A 16 -5.70 3.56 -2.83
CA ASP A 16 -5.29 4.98 -2.61
C ASP A 16 -6.53 5.86 -2.40
N LYS A 17 -6.70 6.37 -1.21
CA LYS A 17 -7.88 7.24 -0.94
C LYS A 17 -7.67 8.61 -1.59
N ASN A 18 -6.45 9.00 -1.80
CA ASN A 18 -6.18 10.32 -2.43
C ASN A 18 -6.58 10.29 -3.91
N ALA A 19 -6.62 9.12 -4.50
CA ALA A 19 -7.00 9.02 -5.94
C ALA A 19 -6.08 9.92 -6.79
N ASP A 20 -4.79 9.79 -6.62
CA ASP A 20 -3.86 10.64 -7.41
C ASP A 20 -2.93 9.76 -8.26
N GLY A 21 -3.01 8.46 -8.09
CA GLY A 21 -2.14 7.54 -8.87
C GLY A 21 -1.01 7.02 -7.99
N TYR A 22 -0.59 7.80 -7.02
CA TYR A 22 0.51 7.34 -6.14
C TYR A 22 0.01 7.25 -4.68
N ILE A 23 0.48 6.30 -3.93
CA ILE A 23 0.02 6.16 -2.52
C ILE A 23 1.10 6.71 -1.58
N ASP A 24 0.70 7.42 -0.56
CA ASP A 24 1.68 7.97 0.41
C ASP A 24 1.61 7.22 1.74
N LEU A 25 2.31 7.69 2.73
CA LEU A 25 2.29 7.01 4.06
C LEU A 25 1.02 7.39 4.83
N ASP A 26 0.30 8.37 4.35
CA ASP A 26 -0.94 8.80 5.06
C ASP A 26 -2.17 8.11 4.46
N GLU A 27 -2.04 7.57 3.28
CA GLU A 27 -3.21 6.90 2.64
C GLU A 27 -3.15 5.39 2.90
N LEU A 28 -1.99 4.85 3.16
CA LEU A 28 -1.87 3.39 3.41
C LEU A 28 -2.62 3.01 4.69
N LYS A 29 -2.57 3.86 5.69
CA LYS A 29 -3.25 3.54 6.97
C LYS A 29 -4.71 4.02 6.93
N ILE A 30 -5.04 4.86 5.99
CA ILE A 30 -6.44 5.36 5.91
C ILE A 30 -7.27 4.48 4.96
N MET A 31 -6.65 3.90 3.97
CA MET A 31 -7.41 3.04 3.02
C MET A 31 -7.67 1.68 3.66
N LEU A 32 -6.94 1.33 4.68
CA LEU A 32 -7.14 0.02 5.34
C LEU A 32 -8.19 0.15 6.46
N GLN A 33 -8.58 1.35 6.77
CA GLN A 33 -9.59 1.55 7.86
C GLN A 33 -10.74 0.55 7.71
N ALA A 34 -10.96 0.06 6.52
CA ALA A 34 -12.07 -0.93 6.32
C ALA A 34 -12.11 -1.93 7.46
N THR A 35 -10.98 -2.47 7.85
CA THR A 35 -10.96 -3.47 8.95
C THR A 35 -10.70 -2.77 10.29
N GLY A 36 -10.97 -1.50 10.37
CA GLY A 36 -10.74 -0.76 11.65
C GLY A 36 -9.29 -0.25 11.70
N GLU A 37 -8.40 -0.88 10.99
CA GLU A 37 -6.98 -0.42 10.97
C GLU A 37 -6.54 0.03 12.37
N THR A 38 -6.29 -0.90 13.25
CA THR A 38 -5.85 -0.52 14.62
C THR A 38 -4.39 -0.95 14.81
N ILE A 39 -3.48 -0.06 14.55
CA ILE A 39 -2.04 -0.41 14.71
C ILE A 39 -1.28 0.74 15.39
N THR A 40 -0.05 0.52 15.76
CA THR A 40 0.74 1.60 16.42
C THR A 40 1.19 2.63 15.39
N GLU A 41 1.29 3.87 15.79
CA GLU A 41 1.72 4.93 14.83
C GLU A 41 3.00 4.52 14.10
N ASP A 42 3.75 3.61 14.65
CA ASP A 42 5.02 3.17 13.99
C ASP A 42 4.73 2.00 13.04
N ASP A 43 3.84 1.12 13.40
CA ASP A 43 3.54 -0.04 12.52
C ASP A 43 3.11 0.45 11.13
N ILE A 44 2.76 1.71 11.01
CA ILE A 44 2.33 2.24 9.68
C ILE A 44 3.49 2.19 8.68
N GLU A 45 4.70 2.42 9.13
CA GLU A 45 5.86 2.38 8.20
C GLU A 45 6.36 0.96 8.03
N GLU A 46 6.11 0.11 9.00
CA GLU A 46 6.58 -1.30 8.90
C GLU A 46 6.12 -1.92 7.58
N LEU A 47 5.03 -1.44 7.03
CA LEU A 47 4.52 -2.01 5.75
C LEU A 47 5.17 -1.30 4.56
N MET A 48 5.30 0.00 4.64
CA MET A 48 5.92 0.75 3.51
C MET A 48 7.16 0.01 2.98
N LYS A 49 8.08 -0.31 3.84
CA LYS A 49 9.31 -1.03 3.38
C LYS A 49 8.96 -2.09 2.34
N ASP A 50 7.78 -2.64 2.41
CA ASP A 50 7.38 -3.67 1.41
C ASP A 50 6.85 -3.01 0.14
N GLY A 51 6.09 -1.97 0.28
CA GLY A 51 5.53 -1.27 -0.92
C GLY A 51 6.47 -0.15 -1.34
N ASP A 52 7.52 0.07 -0.59
CA ASP A 52 8.48 1.16 -0.95
C ASP A 52 9.85 0.88 -0.33
N LYS A 53 10.69 0.16 -1.04
CA LYS A 53 12.04 -0.14 -0.50
C LYS A 53 12.96 1.08 -0.63
N ASN A 54 12.50 2.11 -1.28
CA ASN A 54 13.35 3.33 -1.44
C ASN A 54 13.04 4.33 -0.33
N ASN A 55 11.87 4.27 0.23
CA ASN A 55 11.51 5.22 1.32
C ASN A 55 11.68 6.67 0.83
N ASP A 56 11.32 6.93 -0.39
CA ASP A 56 11.46 8.32 -0.93
C ASP A 56 10.31 9.19 -0.42
N GLY A 57 9.26 8.59 0.09
CA GLY A 57 8.12 9.39 0.60
C GLY A 57 6.92 9.21 -0.33
N ARG A 58 6.95 8.24 -1.20
CA ARG A 58 5.81 8.03 -2.12
C ARG A 58 5.81 6.59 -2.66
N ILE A 59 4.65 5.99 -2.75
CA ILE A 59 4.59 4.59 -3.27
C ILE A 59 4.04 4.57 -4.69
N ASP A 60 4.90 4.41 -5.66
CA ASP A 60 4.42 4.38 -7.07
C ASP A 60 3.54 3.15 -7.30
N TYR A 61 3.28 2.79 -8.54
CA TYR A 61 2.44 1.60 -8.81
C TYR A 61 3.30 0.34 -8.80
N ASP A 62 4.25 0.25 -9.69
CA ASP A 62 5.13 -0.95 -9.73
C ASP A 62 5.62 -1.27 -8.31
N GLU A 63 5.92 -0.27 -7.53
CA GLU A 63 6.40 -0.52 -6.14
C GLU A 63 5.32 -1.26 -5.35
N PHE A 64 4.12 -1.25 -5.82
CA PHE A 64 3.03 -1.95 -5.09
C PHE A 64 3.12 -3.46 -5.33
N LEU A 65 3.35 -3.86 -6.56
CA LEU A 65 3.45 -5.32 -6.86
C LEU A 65 4.45 -5.98 -5.91
N GLU A 66 5.45 -5.26 -5.47
CA GLU A 66 6.45 -5.85 -4.55
C GLU A 66 5.87 -5.97 -3.13
N PHE A 67 5.03 -5.05 -2.75
CA PHE A 67 4.43 -5.10 -1.38
C PHE A 67 3.76 -6.47 -1.17
N MET A 68 2.98 -6.92 -2.11
CA MET A 68 2.31 -8.24 -1.95
C MET A 68 3.34 -9.37 -2.03
N LYS A 69 4.48 -9.09 -2.61
CA LYS A 69 5.53 -10.15 -2.72
C LYS A 69 5.89 -10.68 -1.32
N GLY A 70 6.47 -9.86 -0.50
CA GLY A 70 6.85 -10.32 0.87
C GLY A 70 5.57 -10.60 1.67
N VAL A 71 4.59 -9.76 1.54
CA VAL A 71 3.31 -9.97 2.30
C VAL A 71 2.88 -11.44 2.16
N GLU A 72 2.79 -12.14 3.26
CA GLU A 72 2.37 -13.56 3.20
C GLU A 72 0.84 -13.66 3.20
N MET A 1 -10.16 -9.31 -5.27
CA MET A 1 -9.51 -8.02 -4.89
C MET A 1 -8.02 -8.07 -5.23
N GLY A 2 -7.22 -8.57 -4.34
CA GLY A 2 -5.75 -8.64 -4.62
C GLY A 2 -5.34 -10.10 -4.80
N LYS A 3 -4.80 -10.42 -5.95
CA LYS A 3 -4.37 -11.83 -6.19
C LYS A 3 -3.27 -11.88 -7.24
N SER A 4 -3.64 -12.00 -8.50
CA SER A 4 -2.61 -12.04 -9.57
C SER A 4 -2.40 -10.64 -10.16
N GLU A 5 -1.55 -10.53 -11.14
CA GLU A 5 -1.30 -9.18 -11.74
C GLU A 5 -2.57 -8.68 -12.44
N GLU A 6 -3.55 -9.53 -12.61
CA GLU A 6 -4.81 -9.09 -13.27
C GLU A 6 -5.42 -7.92 -12.50
N GLU A 7 -5.89 -8.18 -11.31
CA GLU A 7 -6.49 -7.08 -10.50
C GLU A 7 -5.39 -6.20 -9.91
N LEU A 8 -4.26 -6.78 -9.58
CA LEU A 8 -3.14 -6.00 -9.00
C LEU A 8 -3.00 -4.67 -9.75
N SER A 9 -2.87 -4.72 -11.05
CA SER A 9 -2.73 -3.45 -11.83
C SER A 9 -3.92 -2.53 -11.56
N ASP A 10 -5.07 -3.09 -11.34
CA ASP A 10 -6.28 -2.26 -11.06
C ASP A 10 -6.46 -2.09 -9.54
N LEU A 11 -5.67 -2.76 -8.77
CA LEU A 11 -5.80 -2.63 -7.28
C LEU A 11 -5.31 -1.25 -6.83
N PHE A 12 -4.09 -0.92 -7.15
CA PHE A 12 -3.56 0.41 -6.75
C PHE A 12 -4.62 1.50 -6.98
N ARG A 13 -5.47 1.30 -7.94
CA ARG A 13 -6.53 2.31 -8.22
C ARG A 13 -7.32 2.61 -6.94
N MET A 14 -7.64 1.59 -6.19
CA MET A 14 -8.40 1.82 -4.92
C MET A 14 -7.44 1.94 -3.74
N PHE A 15 -6.25 1.42 -3.86
CA PHE A 15 -5.27 1.51 -2.75
C PHE A 15 -4.87 2.97 -2.52
N ASP A 16 -4.94 3.79 -3.53
CA ASP A 16 -4.57 5.22 -3.37
C ASP A 16 -5.78 6.03 -2.90
N LYS A 17 -6.14 5.93 -1.65
CA LYS A 17 -7.30 6.70 -1.14
C LYS A 17 -7.26 8.13 -1.68
N ASN A 18 -6.09 8.70 -1.78
CA ASN A 18 -5.97 10.09 -2.30
C ASN A 18 -5.87 10.08 -3.83
N ALA A 19 -5.45 8.98 -4.39
CA ALA A 19 -5.34 8.90 -5.87
C ALA A 19 -4.43 10.02 -6.39
N ASP A 20 -3.14 9.84 -6.30
CA ASP A 20 -2.20 10.90 -6.79
C ASP A 20 -1.01 10.27 -7.52
N GLY A 21 -1.06 8.98 -7.74
CA GLY A 21 0.07 8.32 -8.45
C GLY A 21 0.94 7.55 -7.45
N TYR A 22 0.74 7.80 -6.19
CA TYR A 22 1.56 7.08 -5.15
C TYR A 22 0.77 6.92 -3.86
N ILE A 23 1.33 6.23 -2.89
CA ILE A 23 0.61 6.04 -1.60
C ILE A 23 1.54 6.38 -0.44
N ASP A 24 1.25 7.43 0.29
CA ASP A 24 2.12 7.81 1.43
C ASP A 24 1.90 6.86 2.61
N LEU A 25 2.78 6.88 3.58
CA LEU A 25 2.61 5.98 4.76
C LEU A 25 1.27 6.24 5.44
N ASP A 26 0.84 7.47 5.46
CA ASP A 26 -0.46 7.80 6.12
C ASP A 26 -1.62 7.21 5.31
N GLU A 27 -1.57 7.33 4.00
CA GLU A 27 -2.67 6.78 3.16
C GLU A 27 -2.61 5.25 3.13
N LEU A 28 -1.58 4.68 3.70
CA LEU A 28 -1.46 3.19 3.70
C LEU A 28 -2.34 2.58 4.79
N LYS A 29 -2.36 3.18 5.95
CA LYS A 29 -3.19 2.62 7.06
C LYS A 29 -4.59 3.25 7.07
N ILE A 30 -4.74 4.42 6.49
CA ILE A 30 -6.08 5.07 6.48
C ILE A 30 -6.99 4.43 5.42
N MET A 31 -6.43 3.91 4.37
CA MET A 31 -7.26 3.29 3.31
C MET A 31 -7.99 2.06 3.86
N LEU A 32 -7.33 1.28 4.68
CA LEU A 32 -7.99 0.07 5.24
C LEU A 32 -8.71 0.41 6.55
N GLN A 33 -8.46 1.58 7.10
CA GLN A 33 -9.14 1.96 8.37
C GLN A 33 -10.63 1.61 8.30
N ALA A 34 -11.18 1.54 7.12
CA ALA A 34 -12.62 1.20 7.00
C ALA A 34 -12.88 -0.20 7.55
N THR A 35 -11.89 -1.06 7.52
CA THR A 35 -12.09 -2.44 8.04
C THR A 35 -11.81 -2.47 9.55
N GLY A 36 -11.29 -1.41 10.09
CA GLY A 36 -11.00 -1.39 11.55
C GLY A 36 -9.49 -1.35 11.79
N GLU A 37 -8.72 -1.23 10.74
CA GLU A 37 -7.23 -1.19 10.90
C GLU A 37 -6.87 -0.30 12.10
N THR A 38 -6.71 -0.87 13.25
CA THR A 38 -6.36 -0.06 14.45
C THR A 38 -4.93 -0.37 14.90
N ILE A 39 -3.97 0.39 14.46
CA ILE A 39 -2.55 0.13 14.88
C ILE A 39 -1.85 1.46 15.20
N THR A 40 -0.77 1.41 15.91
CA THR A 40 -0.04 2.66 16.24
C THR A 40 0.46 3.35 14.96
N GLU A 41 1.31 4.33 15.10
CA GLU A 41 1.83 5.04 13.89
C GLU A 41 3.07 4.33 13.36
N ASP A 42 4.00 4.00 14.22
CA ASP A 42 5.24 3.31 13.76
C ASP A 42 4.88 1.97 13.13
N ASP A 43 3.69 1.46 13.39
CA ASP A 43 3.29 0.16 12.79
C ASP A 43 3.04 0.32 11.29
N ILE A 44 2.86 1.52 10.82
CA ILE A 44 2.62 1.74 9.37
C ILE A 44 3.93 1.59 8.59
N GLU A 45 4.99 2.17 9.08
CA GLU A 45 6.30 2.06 8.37
C GLU A 45 6.72 0.59 8.29
N GLU A 46 6.17 -0.26 9.10
CA GLU A 46 6.54 -1.70 9.07
C GLU A 46 6.01 -2.35 7.79
N LEU A 47 4.87 -1.92 7.33
CA LEU A 47 4.30 -2.53 6.09
C LEU A 47 4.94 -1.91 4.85
N MET A 48 5.17 -0.62 4.87
CA MET A 48 5.80 0.03 3.68
C MET A 48 7.11 -0.68 3.31
N LYS A 49 7.76 -1.26 4.27
CA LYS A 49 9.04 -1.97 3.96
C LYS A 49 8.88 -2.88 2.75
N ASP A 50 7.67 -3.32 2.48
CA ASP A 50 7.45 -4.20 1.30
C ASP A 50 6.86 -3.39 0.13
N GLY A 51 6.56 -2.14 0.37
CA GLY A 51 5.97 -1.30 -0.72
C GLY A 51 6.95 -0.17 -1.07
N ASP A 52 7.92 0.06 -0.23
CA ASP A 52 8.90 1.14 -0.52
C ASP A 52 10.26 0.82 0.11
N LYS A 53 10.84 -0.29 -0.25
CA LYS A 53 12.17 -0.65 0.34
C LYS A 53 13.14 0.52 0.17
N ASN A 54 12.94 1.34 -0.82
CA ASN A 54 13.85 2.50 -1.03
C ASN A 54 13.60 3.55 0.06
N ASN A 55 12.50 3.45 0.75
CA ASN A 55 12.20 4.44 1.82
C ASN A 55 12.30 5.87 1.28
N ASP A 56 11.86 6.08 0.08
CA ASP A 56 11.92 7.45 -0.51
C ASP A 56 10.68 8.25 -0.11
N GLY A 57 9.73 7.61 0.50
CA GLY A 57 8.49 8.34 0.91
C GLY A 57 7.41 8.19 -0.16
N ARG A 58 7.65 7.36 -1.14
CA ARG A 58 6.63 7.18 -2.21
C ARG A 58 6.55 5.70 -2.63
N ILE A 59 5.36 5.19 -2.76
CA ILE A 59 5.21 3.76 -3.18
C ILE A 59 4.80 3.69 -4.65
N ASP A 60 5.72 3.40 -5.53
CA ASP A 60 5.38 3.33 -6.98
C ASP A 60 4.84 1.93 -7.33
N TYR A 61 4.21 1.81 -8.46
CA TYR A 61 3.66 0.49 -8.88
C TYR A 61 4.77 -0.58 -8.83
N ASP A 62 5.90 -0.31 -9.41
CA ASP A 62 7.01 -1.31 -9.38
C ASP A 62 7.17 -1.87 -7.97
N GLU A 63 6.99 -1.05 -6.97
CA GLU A 63 7.12 -1.54 -5.58
C GLU A 63 5.79 -2.13 -5.09
N PHE A 64 4.70 -1.57 -5.53
CA PHE A 64 3.37 -2.10 -5.10
C PHE A 64 3.35 -3.62 -5.26
N LEU A 65 3.76 -4.11 -6.40
CA LEU A 65 3.77 -5.58 -6.61
C LEU A 65 4.62 -6.25 -5.52
N GLU A 66 5.83 -5.80 -5.35
CA GLU A 66 6.71 -6.40 -4.30
C GLU A 66 5.92 -6.49 -2.98
N PHE A 67 5.07 -5.55 -2.73
CA PHE A 67 4.27 -5.58 -1.47
C PHE A 67 3.17 -6.63 -1.58
N MET A 68 2.40 -6.57 -2.63
CA MET A 68 1.30 -7.57 -2.81
C MET A 68 1.88 -8.97 -3.02
N LYS A 69 3.16 -9.05 -3.32
CA LYS A 69 3.78 -10.38 -3.54
C LYS A 69 4.23 -10.98 -2.21
N GLY A 70 4.13 -10.23 -1.15
CA GLY A 70 4.55 -10.76 0.18
C GLY A 70 3.47 -10.42 1.22
N VAL A 71 2.22 -10.56 0.87
CA VAL A 71 1.14 -10.23 1.84
C VAL A 71 0.13 -11.39 1.89
N GLU A 72 0.45 -12.45 2.57
CA GLU A 72 -0.48 -13.60 2.66
C GLU A 72 -1.74 -13.21 3.44
N MET A 1 -8.87 -8.70 -4.21
CA MET A 1 -8.53 -10.08 -3.78
C MET A 1 -7.06 -10.15 -3.35
N GLY A 2 -6.20 -9.43 -4.01
CA GLY A 2 -4.76 -9.46 -3.62
C GLY A 2 -4.09 -10.72 -4.18
N LYS A 3 -4.28 -10.98 -5.45
CA LYS A 3 -3.66 -12.19 -6.06
C LYS A 3 -2.60 -11.79 -7.09
N SER A 4 -2.51 -12.52 -8.17
CA SER A 4 -1.50 -12.17 -9.21
C SER A 4 -1.66 -10.71 -9.64
N GLU A 5 -0.92 -10.29 -10.63
CA GLU A 5 -1.04 -8.88 -11.10
C GLU A 5 -2.45 -8.63 -11.66
N GLU A 6 -3.20 -9.68 -11.87
CA GLU A 6 -4.57 -9.50 -12.41
C GLU A 6 -5.40 -8.63 -11.47
N GLU A 7 -5.61 -9.09 -10.27
CA GLU A 7 -6.42 -8.29 -9.29
C GLU A 7 -5.54 -7.20 -8.67
N LEU A 8 -4.25 -7.39 -8.69
CA LEU A 8 -3.33 -6.37 -8.10
C LEU A 8 -3.50 -5.03 -8.81
N SER A 9 -3.44 -5.03 -10.11
CA SER A 9 -3.60 -3.75 -10.87
C SER A 9 -4.82 -2.98 -10.38
N ASP A 10 -5.99 -3.52 -10.58
CA ASP A 10 -7.22 -2.81 -10.13
C ASP A 10 -7.20 -2.63 -8.60
N LEU A 11 -6.41 -3.41 -7.91
CA LEU A 11 -6.34 -3.28 -6.43
C LEU A 11 -5.57 -2.01 -6.05
N PHE A 12 -4.65 -1.60 -6.88
CA PHE A 12 -3.87 -0.37 -6.56
C PHE A 12 -4.77 0.86 -6.64
N ARG A 13 -5.42 1.05 -7.76
CA ARG A 13 -6.32 2.23 -7.90
C ARG A 13 -7.60 2.03 -7.09
N MET A 14 -7.77 0.86 -6.53
CA MET A 14 -8.99 0.57 -5.72
C MET A 14 -9.10 1.57 -4.56
N PHE A 15 -8.09 1.65 -3.74
CA PHE A 15 -8.14 2.59 -2.58
C PHE A 15 -7.69 3.99 -3.01
N ASP A 16 -6.41 4.18 -3.23
CA ASP A 16 -5.90 5.52 -3.65
C ASP A 16 -6.66 6.63 -2.93
N LYS A 17 -6.68 6.59 -1.62
CA LYS A 17 -7.41 7.63 -0.85
C LYS A 17 -7.19 9.02 -1.47
N ASN A 18 -5.99 9.31 -1.89
CA ASN A 18 -5.73 10.65 -2.49
C ASN A 18 -5.98 10.62 -4.00
N ALA A 19 -5.92 9.46 -4.60
CA ALA A 19 -6.18 9.38 -6.06
C ALA A 19 -5.19 10.27 -6.82
N ASP A 20 -4.01 9.78 -7.11
CA ASP A 20 -3.01 10.60 -7.84
C ASP A 20 -2.04 9.69 -8.59
N GLY A 21 -2.40 8.45 -8.81
CA GLY A 21 -1.50 7.52 -9.54
C GLY A 21 -0.58 6.83 -8.54
N TYR A 22 -0.46 7.36 -7.35
CA TYR A 22 0.43 6.74 -6.34
C TYR A 22 -0.23 6.77 -4.96
N ILE A 23 0.38 6.15 -3.98
CA ILE A 23 -0.22 6.16 -2.61
C ILE A 23 0.82 6.62 -1.58
N ASP A 24 0.41 7.38 -0.62
CA ASP A 24 1.37 7.88 0.41
C ASP A 24 1.05 7.26 1.79
N LEU A 25 1.94 7.41 2.72
CA LEU A 25 1.70 6.83 4.08
C LEU A 25 0.32 7.22 4.61
N ASP A 26 -0.15 8.40 4.28
CA ASP A 26 -1.49 8.83 4.75
C ASP A 26 -2.59 8.01 4.10
N GLU A 27 -2.41 7.62 2.87
CA GLU A 27 -3.46 6.81 2.18
C GLU A 27 -3.48 5.38 2.72
N LEU A 28 -2.34 4.75 2.82
CA LEU A 28 -2.30 3.35 3.34
C LEU A 28 -2.89 3.29 4.75
N LYS A 29 -2.71 4.32 5.54
CA LYS A 29 -3.28 4.30 6.92
C LYS A 29 -4.81 4.30 6.86
N ILE A 30 -5.40 5.28 6.23
CA ILE A 30 -6.88 5.33 6.14
C ILE A 30 -7.38 4.33 5.10
N MET A 31 -6.51 3.85 4.26
CA MET A 31 -6.94 2.86 3.22
C MET A 31 -7.42 1.57 3.88
N LEU A 32 -6.59 0.95 4.67
CA LEU A 32 -7.01 -0.30 5.36
C LEU A 32 -8.01 0.01 6.47
N GLN A 33 -8.12 1.26 6.85
CA GLN A 33 -9.09 1.63 7.92
C GLN A 33 -10.41 0.90 7.73
N ALA A 34 -10.82 0.70 6.51
CA ALA A 34 -12.12 0.01 6.24
C ALA A 34 -12.22 -1.24 7.14
N THR A 35 -11.11 -1.79 7.54
CA THR A 35 -11.15 -3.01 8.40
C THR A 35 -10.97 -2.62 9.87
N GLY A 36 -10.59 -1.40 10.12
CA GLY A 36 -10.39 -0.96 11.54
C GLY A 36 -8.92 -1.11 11.92
N GLU A 37 -8.04 -1.00 10.95
CA GLU A 37 -6.59 -1.13 11.23
C GLU A 37 -6.21 -0.25 12.43
N THR A 38 -6.25 -0.78 13.62
CA THR A 38 -5.87 0.02 14.81
C THR A 38 -4.57 -0.50 15.39
N ILE A 39 -3.46 0.07 15.01
CA ILE A 39 -2.15 -0.41 15.54
C ILE A 39 -1.27 0.78 15.90
N THR A 40 -0.19 0.54 16.60
CA THR A 40 0.72 1.66 16.97
C THR A 40 1.26 2.34 15.72
N GLU A 41 1.62 3.59 15.82
CA GLU A 41 2.15 4.31 14.63
C GLU A 41 3.33 3.53 14.01
N ASP A 42 4.22 3.05 14.83
CA ASP A 42 5.39 2.30 14.30
C ASP A 42 4.91 1.12 13.44
N ASP A 43 3.68 0.73 13.57
CA ASP A 43 3.17 -0.41 12.77
C ASP A 43 2.61 0.08 11.43
N ILE A 44 2.45 1.37 11.29
CA ILE A 44 1.89 1.92 10.01
C ILE A 44 3.03 2.29 9.05
N GLU A 45 3.97 3.07 9.50
CA GLU A 45 5.10 3.47 8.61
C GLU A 45 5.91 2.24 8.20
N GLU A 46 5.70 1.13 8.85
CA GLU A 46 6.46 -0.10 8.48
C GLU A 46 6.02 -0.60 7.10
N LEU A 47 4.75 -0.75 6.89
CA LEU A 47 4.27 -1.23 5.55
C LEU A 47 4.91 -0.40 4.43
N MET A 48 5.03 0.88 4.62
CA MET A 48 5.65 1.73 3.56
C MET A 48 7.07 1.25 3.27
N LYS A 49 7.81 0.90 4.30
CA LYS A 49 9.21 0.43 4.07
C LYS A 49 9.21 -0.68 3.02
N ASP A 50 8.42 -1.70 3.20
CA ASP A 50 8.38 -2.80 2.21
C ASP A 50 7.67 -2.33 0.93
N GLY A 51 6.71 -1.45 1.08
CA GLY A 51 5.99 -0.94 -0.12
C GLY A 51 6.91 -0.03 -0.93
N ASP A 52 7.87 0.57 -0.28
CA ASP A 52 8.81 1.48 -1.02
C ASP A 52 10.20 1.43 -0.38
N LYS A 53 10.82 0.29 -0.35
CA LYS A 53 12.17 0.20 0.25
C LYS A 53 13.07 1.30 -0.34
N ASN A 54 12.74 1.77 -1.51
CA ASN A 54 13.55 2.85 -2.14
C ASN A 54 13.34 4.17 -1.39
N ASN A 55 12.37 4.21 -0.51
CA ASN A 55 12.11 5.46 0.25
C ASN A 55 12.02 6.66 -0.69
N ASP A 56 10.89 6.83 -1.33
CA ASP A 56 10.74 7.97 -2.28
C ASP A 56 9.62 8.91 -1.79
N GLY A 57 8.71 8.40 -1.00
CA GLY A 57 7.60 9.25 -0.49
C GLY A 57 6.30 8.84 -1.16
N ARG A 58 6.36 7.95 -2.12
CA ARG A 58 5.12 7.50 -2.81
C ARG A 58 5.27 6.05 -3.27
N ILE A 59 4.24 5.25 -3.12
CA ILE A 59 4.33 3.84 -3.55
C ILE A 59 3.91 3.70 -5.02
N ASP A 60 4.85 3.46 -5.89
CA ASP A 60 4.52 3.33 -7.34
C ASP A 60 4.02 1.91 -7.63
N TYR A 61 3.34 1.73 -8.73
CA TYR A 61 2.84 0.37 -9.08
C TYR A 61 3.97 -0.65 -8.99
N ASP A 62 5.06 -0.41 -9.66
CA ASP A 62 6.20 -1.37 -9.60
C ASP A 62 6.54 -1.71 -8.16
N GLU A 63 6.64 -0.71 -7.31
CA GLU A 63 6.96 -0.99 -5.88
C GLU A 63 5.75 -1.59 -5.16
N PHE A 64 4.57 -1.25 -5.60
CA PHE A 64 3.35 -1.81 -4.95
C PHE A 64 3.40 -3.34 -4.97
N LEU A 65 4.11 -3.90 -5.91
CA LEU A 65 4.20 -5.39 -5.98
C LEU A 65 5.18 -5.91 -4.93
N GLU A 66 6.36 -5.35 -4.86
CA GLU A 66 7.35 -5.82 -3.85
C GLU A 66 6.66 -5.95 -2.49
N PHE A 67 5.68 -5.13 -2.23
CA PHE A 67 4.97 -5.21 -0.92
C PHE A 67 4.30 -6.57 -0.78
N MET A 68 3.56 -6.99 -1.77
CA MET A 68 2.88 -8.31 -1.68
C MET A 68 3.91 -9.41 -1.42
N LYS A 69 5.12 -9.22 -1.86
CA LYS A 69 6.18 -10.25 -1.64
C LYS A 69 6.58 -10.28 -0.16
N GLY A 70 6.30 -9.24 0.57
CA GLY A 70 6.67 -9.20 2.00
C GLY A 70 5.55 -9.83 2.84
N VAL A 71 4.65 -10.53 2.21
CA VAL A 71 3.53 -11.16 2.96
C VAL A 71 3.64 -12.69 2.89
N GLU A 72 4.55 -13.27 3.62
CA GLU A 72 4.70 -14.75 3.59
C GLU A 72 4.95 -15.22 2.15
N MET A 1 -8.84 -10.39 -2.81
CA MET A 1 -8.62 -10.51 -4.28
C MET A 1 -7.15 -10.25 -4.62
N GLY A 2 -6.28 -10.38 -3.66
CA GLY A 2 -4.83 -10.14 -3.93
C GLY A 2 -4.10 -11.47 -4.07
N LYS A 3 -3.53 -11.73 -5.23
CA LYS A 3 -2.80 -13.01 -5.43
C LYS A 3 -1.62 -12.79 -6.39
N SER A 4 -1.87 -12.84 -7.67
CA SER A 4 -0.76 -12.64 -8.64
C SER A 4 -0.90 -11.27 -9.31
N GLU A 5 0.03 -10.91 -10.14
CA GLU A 5 -0.05 -9.59 -10.83
C GLU A 5 -1.37 -9.46 -11.58
N GLU A 6 -2.05 -10.55 -11.81
CA GLU A 6 -3.35 -10.48 -12.54
C GLU A 6 -4.21 -9.35 -11.98
N GLU A 7 -4.70 -9.50 -10.77
CA GLU A 7 -5.54 -8.42 -10.17
C GLU A 7 -4.64 -7.43 -9.43
N LEU A 8 -3.50 -7.87 -8.99
CA LEU A 8 -2.56 -6.97 -8.26
C LEU A 8 -2.53 -5.58 -8.93
N SER A 9 -2.61 -5.55 -10.23
CA SER A 9 -2.58 -4.25 -10.95
C SER A 9 -3.79 -3.40 -10.56
N ASP A 10 -4.97 -3.93 -10.68
CA ASP A 10 -6.18 -3.15 -10.31
C ASP A 10 -6.23 -2.92 -8.80
N LEU A 11 -5.83 -3.90 -8.03
CA LEU A 11 -5.85 -3.74 -6.54
C LEU A 11 -5.26 -2.38 -6.15
N PHE A 12 -4.32 -1.89 -6.90
CA PHE A 12 -3.70 -0.56 -6.57
C PHE A 12 -4.76 0.54 -6.64
N ARG A 13 -5.60 0.50 -7.63
CA ARG A 13 -6.66 1.55 -7.76
C ARG A 13 -7.34 1.79 -6.42
N MET A 14 -8.05 0.83 -5.91
CA MET A 14 -8.73 1.01 -4.60
C MET A 14 -7.69 1.17 -3.48
N PHE A 15 -6.46 0.85 -3.76
CA PHE A 15 -5.40 0.98 -2.72
C PHE A 15 -5.06 2.45 -2.49
N ASP A 16 -5.30 3.28 -3.47
CA ASP A 16 -5.00 4.73 -3.32
C ASP A 16 -6.25 5.49 -2.88
N LYS A 17 -6.32 5.87 -1.62
CA LYS A 17 -7.52 6.61 -1.13
C LYS A 17 -7.60 7.98 -1.82
N ASN A 18 -6.52 8.44 -2.38
CA ASN A 18 -6.55 9.76 -3.08
C ASN A 18 -6.94 9.59 -4.54
N ALA A 19 -6.73 8.42 -5.09
CA ALA A 19 -7.08 8.17 -6.52
C ALA A 19 -6.40 9.21 -7.42
N ASP A 20 -5.10 9.29 -7.37
CA ASP A 20 -4.39 10.28 -8.23
C ASP A 20 -3.28 9.60 -9.03
N GLY A 21 -2.97 8.37 -8.71
CA GLY A 21 -1.89 7.65 -9.45
C GLY A 21 -0.70 7.42 -8.53
N TYR A 22 -0.83 7.74 -7.27
CA TYR A 22 0.29 7.53 -6.32
C TYR A 22 -0.25 7.35 -4.89
N ILE A 23 0.45 6.62 -4.06
CA ILE A 23 -0.02 6.42 -2.67
C ILE A 23 1.04 6.86 -1.67
N ASP A 24 0.65 7.56 -0.64
CA ASP A 24 1.64 8.02 0.37
C ASP A 24 1.52 7.18 1.65
N LEU A 25 2.11 7.63 2.72
CA LEU A 25 2.03 6.87 4.00
C LEU A 25 0.63 7.03 4.62
N ASP A 26 0.01 8.17 4.40
CA ASP A 26 -1.34 8.39 4.98
C ASP A 26 -2.38 7.53 4.26
N GLU A 27 -2.53 7.71 2.98
CA GLU A 27 -3.53 6.89 2.22
C GLU A 27 -3.30 5.41 2.47
N LEU A 28 -2.11 5.05 2.90
CA LEU A 28 -1.82 3.61 3.16
C LEU A 28 -2.54 3.15 4.43
N LYS A 29 -2.44 3.91 5.49
CA LYS A 29 -3.12 3.51 6.76
C LYS A 29 -4.59 3.90 6.72
N ILE A 30 -4.98 4.71 5.77
CA ILE A 30 -6.41 5.13 5.68
C ILE A 30 -7.19 4.19 4.75
N MET A 31 -6.60 3.81 3.65
CA MET A 31 -7.31 2.90 2.70
C MET A 31 -7.82 1.66 3.45
N LEU A 32 -7.11 1.23 4.46
CA LEU A 32 -7.56 0.03 5.22
C LEU A 32 -8.48 0.44 6.37
N GLN A 33 -8.39 1.66 6.81
CA GLN A 33 -9.26 2.11 7.93
C GLN A 33 -10.68 1.60 7.75
N ALA A 34 -11.11 1.44 6.52
CA ALA A 34 -12.50 0.94 6.29
C ALA A 34 -12.74 -0.37 7.04
N THR A 35 -11.70 -1.04 7.44
CA THR A 35 -11.88 -2.32 8.19
C THR A 35 -11.80 -2.08 9.70
N GLY A 36 -11.34 -0.92 10.10
CA GLY A 36 -11.25 -0.64 11.56
C GLY A 36 -9.80 -0.84 12.02
N GLU A 37 -8.85 -0.56 11.17
CA GLU A 37 -7.43 -0.74 11.56
C GLU A 37 -7.02 0.32 12.57
N THR A 38 -7.15 0.04 13.84
CA THR A 38 -6.76 1.03 14.87
C THR A 38 -5.41 0.67 15.47
N ILE A 39 -4.36 1.22 14.94
CA ILE A 39 -3.00 0.90 15.47
C ILE A 39 -2.16 2.17 15.59
N THR A 40 -1.01 2.08 16.20
CA THR A 40 -0.15 3.29 16.35
C THR A 40 0.24 3.83 14.97
N GLU A 41 0.47 5.11 14.86
CA GLU A 41 0.85 5.69 13.53
C GLU A 41 2.23 5.17 13.12
N ASP A 42 3.01 4.69 14.05
CA ASP A 42 4.36 4.17 13.70
C ASP A 42 4.25 2.79 13.04
N ASP A 43 3.24 2.04 13.39
CA ASP A 43 3.07 0.69 12.78
C ASP A 43 3.07 0.79 11.26
N ILE A 44 2.45 1.82 10.73
CA ILE A 44 2.41 1.97 9.24
C ILE A 44 3.83 1.82 8.66
N GLU A 45 4.79 2.47 9.25
CA GLU A 45 6.18 2.38 8.72
C GLU A 45 6.58 0.90 8.58
N GLU A 46 6.17 0.08 9.49
CA GLU A 46 6.52 -1.37 9.41
C GLU A 46 6.13 -1.93 8.04
N LEU A 47 5.06 -1.45 7.48
CA LEU A 47 4.62 -1.95 6.15
C LEU A 47 5.20 -1.07 5.03
N MET A 48 4.96 0.21 5.09
CA MET A 48 5.50 1.11 4.04
C MET A 48 6.99 0.85 3.82
N LYS A 49 7.68 0.40 4.84
CA LYS A 49 9.13 0.13 4.69
C LYS A 49 9.39 -0.75 3.45
N ASP A 50 8.42 -1.55 3.08
CA ASP A 50 8.60 -2.42 1.89
C ASP A 50 7.91 -1.82 0.68
N GLY A 51 6.93 -0.98 0.90
CA GLY A 51 6.22 -0.35 -0.25
C GLY A 51 7.08 0.78 -0.82
N ASP A 52 7.95 1.33 -0.02
CA ASP A 52 8.82 2.44 -0.51
C ASP A 52 10.17 2.39 0.21
N LYS A 53 10.82 1.26 0.19
CA LYS A 53 12.14 1.15 0.88
C LYS A 53 13.04 2.33 0.51
N ASN A 54 12.87 2.87 -0.66
CA ASN A 54 13.72 4.02 -1.07
C ASN A 54 13.01 5.35 -0.76
N ASN A 55 12.21 5.36 0.28
CA ASN A 55 11.49 6.62 0.63
C ASN A 55 10.72 7.14 -0.59
N ASP A 56 11.35 7.97 -1.39
CA ASP A 56 10.66 8.50 -2.59
C ASP A 56 9.51 9.43 -2.19
N GLY A 57 8.58 8.93 -1.42
CA GLY A 57 7.43 9.79 -1.00
C GLY A 57 6.16 9.33 -1.71
N ARG A 58 6.23 8.20 -2.37
CA ARG A 58 5.03 7.68 -3.09
C ARG A 58 5.20 6.19 -3.41
N ILE A 59 4.12 5.46 -3.42
CA ILE A 59 4.23 4.00 -3.73
C ILE A 59 3.71 3.72 -5.15
N ASP A 60 4.58 3.66 -6.11
CA ASP A 60 4.15 3.41 -7.51
C ASP A 60 3.74 1.95 -7.69
N TYR A 61 2.99 1.65 -8.72
CA TYR A 61 2.55 0.25 -8.95
C TYR A 61 3.76 -0.70 -8.94
N ASP A 62 4.80 -0.35 -9.64
CA ASP A 62 6.00 -1.24 -9.67
C ASP A 62 6.37 -1.67 -8.24
N GLU A 63 6.45 -0.73 -7.34
CA GLU A 63 6.80 -1.09 -5.93
C GLU A 63 5.59 -1.72 -5.23
N PHE A 64 4.45 -1.69 -5.85
CA PHE A 64 3.23 -2.27 -5.22
C PHE A 64 3.36 -3.80 -5.14
N LEU A 65 4.15 -4.38 -5.98
CA LEU A 65 4.31 -5.86 -5.94
C LEU A 65 5.29 -6.27 -4.83
N GLU A 66 6.50 -5.78 -4.88
CA GLU A 66 7.49 -6.14 -3.82
C GLU A 66 6.99 -5.69 -2.45
N PHE A 67 5.97 -4.86 -2.41
CA PHE A 67 5.45 -4.39 -1.10
C PHE A 67 4.76 -5.54 -0.36
N MET A 68 3.89 -6.25 -1.03
CA MET A 68 3.18 -7.38 -0.36
C MET A 68 3.88 -8.71 -0.67
N LYS A 69 4.44 -8.85 -1.84
CA LYS A 69 5.13 -10.11 -2.21
C LYS A 69 4.31 -11.32 -1.73
N GLY A 70 3.02 -11.28 -1.90
CA GLY A 70 2.18 -12.42 -1.44
C GLY A 70 2.27 -12.56 0.07
N VAL A 71 1.89 -11.56 0.81
CA VAL A 71 1.96 -11.64 2.29
C VAL A 71 1.28 -12.93 2.78
N GLU A 72 1.95 -13.70 3.59
CA GLU A 72 1.35 -14.96 4.09
C GLU A 72 0.54 -14.68 5.37
N MET A 1 -10.30 -10.79 -3.04
CA MET A 1 -9.78 -11.80 -4.00
C MET A 1 -8.77 -11.16 -4.97
N GLY A 2 -7.74 -10.55 -4.44
CA GLY A 2 -6.73 -9.91 -5.31
C GLY A 2 -5.45 -10.73 -5.31
N LYS A 3 -4.79 -10.84 -6.43
CA LYS A 3 -3.53 -11.64 -6.48
C LYS A 3 -2.59 -11.10 -7.57
N SER A 4 -2.74 -11.57 -8.77
CA SER A 4 -1.87 -11.09 -9.88
C SER A 4 -2.37 -9.74 -10.40
N GLU A 5 -1.56 -9.04 -11.14
CA GLU A 5 -1.98 -7.72 -11.69
C GLU A 5 -3.40 -7.80 -12.23
N GLU A 6 -3.83 -8.97 -12.64
CA GLU A 6 -5.21 -9.10 -13.18
C GLU A 6 -6.21 -8.31 -12.34
N GLU A 7 -6.43 -8.72 -11.12
CA GLU A 7 -7.40 -8.00 -10.24
C GLU A 7 -6.66 -7.00 -9.34
N LEU A 8 -5.36 -7.12 -9.25
CA LEU A 8 -4.59 -6.18 -8.38
C LEU A 8 -4.71 -4.75 -8.91
N SER A 9 -4.84 -4.59 -10.20
CA SER A 9 -4.97 -3.22 -10.77
C SER A 9 -6.19 -2.50 -10.18
N ASP A 10 -7.13 -3.24 -9.66
CA ASP A 10 -8.34 -2.60 -9.07
C ASP A 10 -8.06 -2.19 -7.62
N LEU A 11 -6.94 -2.56 -7.08
CA LEU A 11 -6.61 -2.19 -5.67
C LEU A 11 -5.75 -0.94 -5.64
N PHE A 12 -4.66 -0.94 -6.36
CA PHE A 12 -3.77 0.26 -6.37
C PHE A 12 -4.58 1.53 -6.67
N ARG A 13 -5.59 1.42 -7.48
CA ARG A 13 -6.41 2.63 -7.81
C ARG A 13 -7.54 2.81 -6.79
N MET A 14 -7.71 1.86 -5.90
CA MET A 14 -8.78 1.98 -4.87
C MET A 14 -8.23 2.58 -3.58
N PHE A 15 -7.18 2.01 -3.06
CA PHE A 15 -6.60 2.55 -1.79
C PHE A 15 -6.25 4.03 -1.93
N ASP A 16 -5.73 4.41 -3.07
CA ASP A 16 -5.37 5.85 -3.27
C ASP A 16 -6.55 6.75 -2.89
N LYS A 17 -6.63 7.17 -1.67
CA LYS A 17 -7.75 8.05 -1.24
C LYS A 17 -7.43 9.51 -1.56
N ASN A 18 -6.18 9.82 -1.73
CA ASN A 18 -5.79 11.23 -2.05
C ASN A 18 -5.98 11.50 -3.54
N ALA A 19 -6.38 10.52 -4.30
CA ALA A 19 -6.57 10.74 -5.76
C ALA A 19 -5.29 11.31 -6.36
N ASP A 20 -4.40 10.47 -6.81
CA ASP A 20 -3.12 10.97 -7.40
C ASP A 20 -2.44 9.85 -8.21
N GLY A 21 -2.55 8.64 -7.77
CA GLY A 21 -1.92 7.51 -8.52
C GLY A 21 -0.83 6.86 -7.66
N TYR A 22 -0.57 7.41 -6.50
CA TYR A 22 0.49 6.81 -5.63
C TYR A 22 0.02 6.79 -4.17
N ILE A 23 0.19 5.68 -3.50
CA ILE A 23 -0.24 5.60 -2.08
C ILE A 23 0.88 6.13 -1.17
N ASP A 24 0.67 7.26 -0.56
CA ASP A 24 1.73 7.82 0.33
C ASP A 24 1.58 7.27 1.76
N LEU A 25 2.57 7.45 2.58
CA LEU A 25 2.48 6.94 3.98
C LEU A 25 1.16 7.38 4.63
N ASP A 26 0.82 8.63 4.51
CA ASP A 26 -0.45 9.12 5.12
C ASP A 26 -1.66 8.39 4.53
N GLU A 27 -1.55 7.93 3.31
CA GLU A 27 -2.69 7.21 2.69
C GLU A 27 -2.61 5.70 2.97
N LEU A 28 -1.53 5.25 3.55
CA LEU A 28 -1.40 3.80 3.85
C LEU A 28 -2.21 3.44 5.10
N LYS A 29 -1.99 4.15 6.17
CA LYS A 29 -2.75 3.85 7.42
C LYS A 29 -4.26 3.97 7.18
N ILE A 30 -4.66 4.89 6.35
CA ILE A 30 -6.12 5.06 6.09
C ILE A 30 -6.63 3.89 5.22
N MET A 31 -5.79 3.33 4.40
CA MET A 31 -6.22 2.19 3.55
C MET A 31 -6.51 0.97 4.43
N LEU A 32 -5.57 0.58 5.24
CA LEU A 32 -5.78 -0.61 6.12
C LEU A 32 -6.91 -0.33 7.11
N GLN A 33 -7.23 0.92 7.34
CA GLN A 33 -8.33 1.25 8.30
C GLN A 33 -9.51 0.31 8.09
N ALA A 34 -9.70 -0.17 6.89
CA ALA A 34 -10.84 -1.09 6.63
C ALA A 34 -10.86 -2.23 7.66
N THR A 35 -9.72 -2.64 8.11
CA THR A 35 -9.67 -3.75 9.12
C THR A 35 -9.50 -3.18 10.53
N GLY A 36 -9.86 -1.94 10.73
CA GLY A 36 -9.72 -1.33 12.08
C GLY A 36 -8.25 -1.31 12.49
N GLU A 37 -7.36 -1.13 11.54
CA GLU A 37 -5.92 -1.10 11.89
C GLU A 37 -5.66 -0.11 13.03
N THR A 38 -5.66 -0.59 14.25
CA THR A 38 -5.42 0.34 15.40
C THR A 38 -4.01 0.14 15.93
N ILE A 39 -3.07 0.91 15.46
CA ILE A 39 -1.67 0.78 15.93
C ILE A 39 -1.06 2.17 16.17
N THR A 40 0.11 2.23 16.75
CA THR A 40 0.75 3.55 16.99
C THR A 40 1.29 4.11 15.68
N GLU A 41 1.36 5.40 15.56
CA GLU A 41 1.88 6.00 14.29
C GLU A 41 3.28 5.48 14.00
N ASP A 42 4.02 5.10 15.01
CA ASP A 42 5.40 4.58 14.78
C ASP A 42 5.34 3.20 14.13
N ASP A 43 4.20 2.57 14.12
CA ASP A 43 4.09 1.22 13.51
C ASP A 43 3.67 1.34 12.04
N ILE A 44 3.24 2.51 11.63
CA ILE A 44 2.82 2.68 10.20
C ILE A 44 4.04 2.66 9.28
N GLU A 45 5.07 3.37 9.62
CA GLU A 45 6.28 3.39 8.75
C GLU A 45 6.77 1.96 8.50
N GLU A 46 6.39 1.04 9.34
CA GLU A 46 6.83 -0.38 9.15
C GLU A 46 6.26 -0.94 7.86
N LEU A 47 5.08 -0.54 7.48
CA LEU A 47 4.46 -1.07 6.23
C LEU A 47 5.03 -0.34 5.00
N MET A 48 5.75 0.73 5.21
CA MET A 48 6.33 1.48 4.07
C MET A 48 7.55 0.73 3.50
N LYS A 49 8.46 0.33 4.34
CA LYS A 49 9.66 -0.39 3.84
C LYS A 49 9.23 -1.60 2.99
N ASP A 50 8.17 -2.25 3.37
CA ASP A 50 7.70 -3.43 2.58
C ASP A 50 6.95 -2.96 1.34
N GLY A 51 6.06 -2.01 1.50
CA GLY A 51 5.28 -1.50 0.34
C GLY A 51 6.23 -0.77 -0.62
N ASP A 52 7.22 -0.10 -0.08
CA ASP A 52 8.18 0.63 -0.95
C ASP A 52 9.59 0.55 -0.36
N LYS A 53 10.43 -0.27 -0.91
CA LYS A 53 11.82 -0.39 -0.38
C LYS A 53 12.63 0.85 -0.73
N ASN A 54 12.11 1.69 -1.58
CA ASN A 54 12.86 2.93 -1.96
C ASN A 54 12.69 4.00 -0.88
N ASN A 55 11.60 3.96 -0.15
CA ASN A 55 11.37 4.97 0.92
C ASN A 55 11.49 6.39 0.34
N ASP A 56 10.82 6.66 -0.75
CA ASP A 56 10.89 8.01 -1.37
C ASP A 56 9.64 8.82 -1.01
N GLY A 57 8.80 8.28 -0.17
CA GLY A 57 7.56 9.02 0.22
C GLY A 57 6.47 8.77 -0.81
N ARG A 58 6.63 7.76 -1.62
CA ARG A 58 5.59 7.47 -2.65
C ARG A 58 5.62 5.98 -3.04
N ILE A 59 4.49 5.33 -3.00
CA ILE A 59 4.46 3.89 -3.36
C ILE A 59 3.90 3.71 -4.78
N ASP A 60 4.73 3.29 -5.70
CA ASP A 60 4.25 3.10 -7.11
C ASP A 60 3.79 1.66 -7.32
N TYR A 61 3.35 1.34 -8.50
CA TYR A 61 2.89 -0.05 -8.78
C TYR A 61 4.09 -1.00 -8.86
N ASP A 62 5.10 -0.63 -9.59
CA ASP A 62 6.29 -1.52 -9.71
C ASP A 62 6.78 -1.93 -8.32
N GLU A 63 6.54 -1.13 -7.32
CA GLU A 63 6.99 -1.49 -5.95
C GLU A 63 5.91 -2.30 -5.22
N PHE A 64 4.66 -2.01 -5.48
CA PHE A 64 3.58 -2.77 -4.80
C PHE A 64 3.79 -4.28 -4.97
N LEU A 65 4.44 -4.66 -6.03
CA LEU A 65 4.68 -6.12 -6.27
C LEU A 65 5.63 -6.68 -5.22
N GLU A 66 6.79 -6.09 -5.09
CA GLU A 66 7.78 -6.60 -4.07
C GLU A 66 7.10 -6.74 -2.71
N PHE A 67 6.03 -6.04 -2.49
CA PHE A 67 5.33 -6.14 -1.17
C PHE A 67 4.29 -7.27 -1.19
N MET A 68 3.50 -7.34 -2.23
CA MET A 68 2.48 -8.43 -2.30
C MET A 68 3.17 -9.79 -2.44
N LYS A 69 4.33 -9.82 -3.01
CA LYS A 69 5.05 -11.12 -3.17
C LYS A 69 5.76 -11.50 -1.87
N GLY A 70 5.04 -11.46 -0.78
CA GLY A 70 5.67 -11.81 0.53
C GLY A 70 4.59 -11.90 1.61
N VAL A 71 3.75 -10.90 1.69
CA VAL A 71 2.67 -10.92 2.72
C VAL A 71 1.82 -12.19 2.57
N GLU A 72 1.65 -12.67 1.38
CA GLU A 72 0.84 -13.90 1.17
C GLU A 72 1.73 -15.15 1.28
N MET A 1 -8.54 -11.17 -2.53
CA MET A 1 -8.03 -10.45 -3.74
C MET A 1 -6.51 -10.27 -3.63
N GLY A 2 -5.92 -9.55 -4.56
CA GLY A 2 -4.44 -9.34 -4.51
C GLY A 2 -3.73 -10.69 -4.73
N LYS A 3 -2.82 -10.74 -5.66
CA LYS A 3 -2.09 -12.02 -5.92
C LYS A 3 -0.87 -11.76 -6.79
N SER A 4 -1.06 -11.56 -8.07
CA SER A 4 0.10 -11.31 -8.97
C SER A 4 -0.07 -9.98 -9.72
N GLU A 5 0.87 -9.62 -10.54
CA GLU A 5 0.76 -8.34 -11.30
C GLU A 5 -0.65 -8.19 -11.87
N GLU A 6 -1.32 -9.29 -12.09
CA GLU A 6 -2.70 -9.21 -12.66
C GLU A 6 -3.70 -8.78 -11.58
N GLU A 7 -3.55 -9.30 -10.38
CA GLU A 7 -4.50 -8.92 -9.30
C GLU A 7 -3.98 -7.69 -8.54
N LEU A 8 -2.69 -7.45 -8.60
CA LEU A 8 -2.14 -6.26 -7.87
C LEU A 8 -2.41 -4.98 -8.67
N SER A 9 -2.68 -5.11 -9.95
CA SER A 9 -2.96 -3.90 -10.78
C SER A 9 -4.27 -3.24 -10.33
N ASP A 10 -5.31 -4.00 -10.17
CA ASP A 10 -6.61 -3.42 -9.75
C ASP A 10 -6.54 -2.98 -8.27
N LEU A 11 -6.04 -3.82 -7.41
CA LEU A 11 -5.95 -3.44 -5.97
C LEU A 11 -5.45 -2.00 -5.82
N PHE A 12 -4.46 -1.64 -6.59
CA PHE A 12 -3.92 -0.24 -6.50
C PHE A 12 -5.05 0.78 -6.67
N ARG A 13 -6.10 0.42 -7.34
CA ARG A 13 -7.22 1.38 -7.55
C ARG A 13 -7.88 1.74 -6.20
N MET A 14 -7.97 0.79 -5.31
CA MET A 14 -8.59 1.07 -3.98
C MET A 14 -7.54 1.56 -2.99
N PHE A 15 -6.31 1.16 -3.16
CA PHE A 15 -5.25 1.62 -2.21
C PHE A 15 -5.05 3.13 -2.32
N ASP A 16 -5.07 3.66 -3.51
CA ASP A 16 -4.87 5.12 -3.68
C ASP A 16 -6.21 5.87 -3.48
N LYS A 17 -6.74 5.83 -2.29
CA LYS A 17 -8.03 6.53 -2.03
C LYS A 17 -7.92 8.00 -2.44
N ASN A 18 -6.72 8.51 -2.52
CA ASN A 18 -6.54 9.94 -2.91
C ASN A 18 -6.70 10.09 -4.43
N ALA A 19 -6.59 9.01 -5.15
CA ALA A 19 -6.74 9.10 -6.64
C ALA A 19 -5.72 10.08 -7.22
N ASP A 20 -4.47 9.75 -7.18
CA ASP A 20 -3.43 10.65 -7.73
C ASP A 20 -2.37 9.85 -8.49
N GLY A 21 -2.58 8.57 -8.66
CA GLY A 21 -1.60 7.74 -9.38
C GLY A 21 -0.65 7.07 -8.38
N TYR A 22 -0.50 7.65 -7.22
CA TYR A 22 0.42 7.05 -6.20
C TYR A 22 -0.29 6.95 -4.85
N ILE A 23 0.40 6.50 -3.84
CA ILE A 23 -0.24 6.39 -2.49
C ILE A 23 0.60 7.14 -1.45
N ASP A 24 -0.04 7.79 -0.52
CA ASP A 24 0.72 8.54 0.53
C ASP A 24 0.64 7.81 1.86
N LEU A 25 1.63 7.96 2.69
CA LEU A 25 1.61 7.27 4.02
C LEU A 25 0.27 7.51 4.72
N ASP A 26 -0.24 8.71 4.66
CA ASP A 26 -1.54 8.99 5.32
C ASP A 26 -2.65 8.15 4.69
N GLU A 27 -2.42 7.63 3.51
CA GLU A 27 -3.47 6.80 2.85
C GLU A 27 -3.20 5.31 3.10
N LEU A 28 -1.97 4.96 3.39
CA LEU A 28 -1.65 3.53 3.64
C LEU A 28 -2.28 3.06 4.94
N LYS A 29 -2.80 3.96 5.73
CA LYS A 29 -3.42 3.56 7.03
C LYS A 29 -4.92 3.30 6.85
N ILE A 30 -5.51 3.83 5.81
CA ILE A 30 -6.97 3.61 5.61
C ILE A 30 -7.20 2.35 4.77
N MET A 31 -6.25 1.96 3.97
CA MET A 31 -6.41 0.74 3.14
C MET A 31 -6.60 -0.49 4.04
N LEU A 32 -6.22 -0.39 5.28
CA LEU A 32 -6.38 -1.56 6.21
C LEU A 32 -7.80 -1.60 6.78
N GLN A 33 -8.55 -0.55 6.59
CA GLN A 33 -9.95 -0.53 7.13
C GLN A 33 -10.64 -1.87 6.85
N ALA A 34 -10.23 -2.57 5.82
CA ALA A 34 -10.87 -3.87 5.50
C ALA A 34 -10.76 -4.83 6.69
N THR A 35 -9.90 -4.53 7.62
CA THR A 35 -9.74 -5.42 8.81
C THR A 35 -9.79 -4.60 10.10
N GLY A 36 -10.34 -3.42 10.03
CA GLY A 36 -10.42 -2.57 11.26
C GLY A 36 -9.18 -1.68 11.34
N GLU A 37 -8.18 -1.96 10.54
CA GLU A 37 -6.94 -1.14 10.55
C GLU A 37 -6.60 -0.67 11.97
N THR A 38 -6.32 -1.59 12.86
CA THR A 38 -5.97 -1.18 14.25
C THR A 38 -4.49 -1.45 14.53
N ILE A 39 -3.65 -0.48 14.31
CA ILE A 39 -2.20 -0.67 14.56
C ILE A 39 -1.63 0.57 15.24
N THR A 40 -0.49 0.45 15.86
CA THR A 40 0.11 1.64 16.54
C THR A 40 0.58 2.65 15.50
N GLU A 41 0.40 3.92 15.76
CA GLU A 41 0.84 4.95 14.77
C GLU A 41 2.23 4.60 14.22
N ASP A 42 3.07 4.05 15.04
CA ASP A 42 4.45 3.68 14.57
C ASP A 42 4.37 2.68 13.41
N ASP A 43 3.27 1.98 13.29
CA ASP A 43 3.14 1.01 12.17
C ASP A 43 2.71 1.71 10.89
N ILE A 44 2.23 2.92 11.00
CA ILE A 44 1.78 3.66 9.79
C ILE A 44 2.94 3.85 8.81
N GLU A 45 4.07 4.34 9.29
CA GLU A 45 5.23 4.54 8.39
C GLU A 45 6.00 3.22 8.23
N GLU A 46 5.65 2.22 9.01
CA GLU A 46 6.35 0.91 8.91
C GLU A 46 5.85 0.10 7.71
N LEU A 47 4.78 0.53 7.09
CA LEU A 47 4.24 -0.22 5.91
C LEU A 47 4.82 0.33 4.61
N MET A 48 5.33 1.53 4.62
CA MET A 48 5.88 2.11 3.38
C MET A 48 7.23 1.47 3.03
N LYS A 49 8.07 1.23 4.01
CA LYS A 49 9.40 0.61 3.72
C LYS A 49 9.22 -0.62 2.84
N ASP A 50 8.06 -1.22 2.87
CA ASP A 50 7.84 -2.44 2.03
C ASP A 50 7.25 -2.04 0.67
N GLY A 51 6.63 -0.90 0.59
CA GLY A 51 6.04 -0.46 -0.70
C GLY A 51 6.89 0.67 -1.30
N ASP A 52 7.85 1.14 -0.57
CA ASP A 52 8.72 2.24 -1.10
C ASP A 52 9.99 2.36 -0.27
N LYS A 53 10.99 1.58 -0.59
CA LYS A 53 12.27 1.65 0.18
C LYS A 53 12.86 3.06 0.09
N ASN A 54 12.40 3.85 -0.84
CA ASN A 54 12.93 5.24 -0.97
C ASN A 54 12.33 6.14 0.11
N ASN A 55 11.18 5.79 0.61
CA ASN A 55 10.54 6.62 1.67
C ASN A 55 10.40 8.07 1.20
N ASP A 56 10.07 8.27 -0.05
CA ASP A 56 9.93 9.66 -0.56
C ASP A 56 8.49 10.14 -0.39
N GLY A 57 7.63 9.31 0.12
CA GLY A 57 6.21 9.72 0.31
C GLY A 57 5.42 9.39 -0.94
N ARG A 58 5.96 8.60 -1.82
CA ARG A 58 5.23 8.23 -3.07
C ARG A 58 5.40 6.74 -3.36
N ILE A 59 4.32 6.08 -3.70
CA ILE A 59 4.42 4.62 -3.99
C ILE A 59 3.91 4.34 -5.41
N ASP A 60 4.73 3.78 -6.24
CA ASP A 60 4.30 3.48 -7.64
C ASP A 60 3.85 2.02 -7.76
N TYR A 61 3.57 1.57 -8.95
CA TYR A 61 3.13 0.15 -9.13
C TYR A 61 4.32 -0.80 -8.96
N ASP A 62 5.36 -0.62 -9.74
CA ASP A 62 6.55 -1.51 -9.61
C ASP A 62 6.98 -1.62 -8.14
N GLU A 63 6.88 -0.54 -7.40
CA GLU A 63 7.29 -0.58 -5.98
C GLU A 63 6.18 -1.21 -5.13
N PHE A 64 5.00 -1.34 -5.68
CA PHE A 64 3.88 -1.95 -4.91
C PHE A 64 4.11 -3.44 -4.69
N LEU A 65 4.72 -4.11 -5.64
CA LEU A 65 4.97 -5.56 -5.49
C LEU A 65 5.77 -5.85 -4.21
N GLU A 66 6.84 -5.16 -4.00
CA GLU A 66 7.66 -5.40 -2.78
C GLU A 66 6.82 -5.15 -1.52
N PHE A 67 5.75 -4.43 -1.63
CA PHE A 67 4.90 -4.16 -0.43
C PHE A 67 4.23 -5.45 0.05
N MET A 68 3.39 -6.04 -0.76
CA MET A 68 2.71 -7.29 -0.35
C MET A 68 3.44 -8.52 -0.91
N LYS A 69 4.06 -8.38 -2.05
CA LYS A 69 4.78 -9.53 -2.66
C LYS A 69 3.82 -10.68 -2.97
N GLY A 70 3.31 -11.33 -1.96
CA GLY A 70 2.36 -12.45 -2.20
C GLY A 70 1.31 -12.47 -1.08
N VAL A 71 1.71 -12.20 0.13
CA VAL A 71 0.74 -12.20 1.26
C VAL A 71 -0.03 -13.53 1.29
N GLU A 72 -1.13 -13.60 0.59
CA GLU A 72 -1.92 -14.86 0.57
C GLU A 72 -1.32 -15.87 -0.40
N MET A 1 -6.97 -8.60 -2.07
CA MET A 1 -6.02 -9.74 -2.06
C MET A 1 -5.15 -9.72 -3.32
N GLY A 2 -4.51 -8.62 -3.58
CA GLY A 2 -3.64 -8.54 -4.80
C GLY A 2 -2.82 -9.82 -4.93
N LYS A 3 -2.34 -10.12 -6.11
CA LYS A 3 -1.53 -11.35 -6.31
C LYS A 3 -0.58 -11.18 -7.48
N SER A 4 -1.11 -11.02 -8.66
CA SER A 4 -0.23 -10.84 -9.86
C SER A 4 -0.64 -9.59 -10.64
N GLU A 5 0.21 -9.11 -11.50
CA GLU A 5 -0.12 -7.88 -12.29
C GLU A 5 -1.56 -7.98 -12.81
N GLU A 6 -2.07 -9.17 -12.98
CA GLU A 6 -3.46 -9.32 -13.49
C GLU A 6 -4.42 -8.47 -12.65
N GLU A 7 -4.47 -8.72 -11.37
CA GLU A 7 -5.39 -7.92 -10.50
C GLU A 7 -4.68 -6.68 -9.96
N LEU A 8 -3.45 -6.82 -9.54
CA LEU A 8 -2.70 -5.66 -9.01
C LEU A 8 -2.95 -4.42 -9.88
N SER A 9 -2.79 -4.55 -11.17
CA SER A 9 -3.03 -3.37 -12.07
C SER A 9 -4.31 -2.65 -11.65
N ASP A 10 -5.34 -3.39 -11.33
CA ASP A 10 -6.62 -2.75 -10.91
C ASP A 10 -6.59 -2.45 -9.42
N LEU A 11 -5.69 -3.07 -8.69
CA LEU A 11 -5.61 -2.83 -7.23
C LEU A 11 -4.80 -1.55 -6.96
N PHE A 12 -4.04 -1.10 -7.93
CA PHE A 12 -3.24 0.14 -7.73
C PHE A 12 -4.13 1.37 -7.94
N ARG A 13 -4.77 1.47 -9.06
CA ARG A 13 -5.65 2.65 -9.32
C ARG A 13 -6.74 2.72 -8.24
N MET A 14 -7.09 1.60 -7.67
CA MET A 14 -8.15 1.59 -6.62
C MET A 14 -7.51 1.88 -5.26
N PHE A 15 -6.35 1.34 -5.00
CA PHE A 15 -5.68 1.59 -3.69
C PHE A 15 -5.57 3.10 -3.46
N ASP A 16 -4.99 3.81 -4.38
CA ASP A 16 -4.84 5.28 -4.23
C ASP A 16 -6.23 5.94 -4.17
N LYS A 17 -6.80 6.03 -3.00
CA LYS A 17 -8.15 6.67 -2.88
C LYS A 17 -8.03 8.19 -2.95
N ASN A 18 -6.83 8.70 -2.89
CA ASN A 18 -6.64 10.18 -2.96
C ASN A 18 -6.76 10.67 -4.41
N ALA A 19 -6.68 9.76 -5.35
CA ALA A 19 -6.78 10.16 -6.78
C ALA A 19 -5.54 10.97 -7.19
N ASP A 20 -4.54 10.32 -7.70
CA ASP A 20 -3.31 11.04 -8.11
C ASP A 20 -2.35 10.08 -8.83
N GLY A 21 -2.29 8.85 -8.40
CA GLY A 21 -1.37 7.88 -9.06
C GLY A 21 -0.27 7.47 -8.08
N TYR A 22 -0.47 7.70 -6.81
CA TYR A 22 0.57 7.32 -5.82
C TYR A 22 -0.07 7.01 -4.47
N ILE A 23 0.66 6.41 -3.57
CA ILE A 23 0.08 6.07 -2.23
C ILE A 23 1.02 6.52 -1.12
N ASP A 24 0.55 7.33 -0.21
CA ASP A 24 1.41 7.79 0.91
C ASP A 24 1.27 6.86 2.12
N LEU A 25 1.88 7.20 3.22
CA LEU A 25 1.77 6.34 4.42
C LEU A 25 0.39 6.47 5.05
N ASP A 26 -0.26 7.59 4.85
CA ASP A 26 -1.61 7.79 5.43
C ASP A 26 -2.66 7.05 4.60
N GLU A 27 -2.56 7.11 3.30
CA GLU A 27 -3.55 6.40 2.44
C GLU A 27 -3.35 4.88 2.55
N LEU A 28 -2.20 4.45 2.99
CA LEU A 28 -1.96 2.99 3.12
C LEU A 28 -2.74 2.43 4.32
N LYS A 29 -2.71 3.13 5.42
CA LYS A 29 -3.45 2.64 6.63
C LYS A 29 -4.87 3.19 6.65
N ILE A 30 -5.10 4.33 6.05
CA ILE A 30 -6.48 4.90 6.04
C ILE A 30 -7.41 3.98 5.25
N MET A 31 -6.98 3.54 4.09
CA MET A 31 -7.83 2.63 3.29
C MET A 31 -8.21 1.41 4.11
N LEU A 32 -7.46 1.13 5.15
CA LEU A 32 -7.77 -0.06 6.00
C LEU A 32 -8.73 0.34 7.13
N GLN A 33 -8.83 1.62 7.42
CA GLN A 33 -9.75 2.07 8.50
C GLN A 33 -11.07 1.31 8.44
N ALA A 34 -11.47 0.89 7.26
CA ALA A 34 -12.75 0.13 7.13
C ALA A 34 -12.61 -1.24 7.81
N THR A 35 -11.43 -1.78 7.81
CA THR A 35 -11.22 -3.12 8.44
C THR A 35 -11.07 -2.96 9.96
N GLY A 36 -11.10 -1.74 10.44
CA GLY A 36 -10.98 -1.52 11.91
C GLY A 36 -9.51 -1.60 12.31
N GLU A 37 -8.62 -1.28 11.41
CA GLU A 37 -7.17 -1.34 11.74
C GLU A 37 -6.84 -0.40 12.89
N THR A 38 -6.87 -0.88 14.10
CA THR A 38 -6.55 -0.01 15.27
C THR A 38 -5.22 -0.45 15.89
N ILE A 39 -4.14 0.15 15.47
CA ILE A 39 -2.82 -0.23 16.05
C ILE A 39 -1.98 1.02 16.32
N THR A 40 -0.89 0.86 17.00
CA THR A 40 -0.02 2.05 17.29
C THR A 40 0.56 2.60 15.98
N GLU A 41 0.68 3.90 15.88
CA GLU A 41 1.25 4.49 14.63
C GLU A 41 2.56 3.79 14.24
N ASP A 42 3.32 3.37 15.21
CA ASP A 42 4.60 2.69 14.90
C ASP A 42 4.35 1.35 14.18
N ASP A 43 3.12 0.92 14.14
CA ASP A 43 2.81 -0.36 13.45
C ASP A 43 2.35 -0.11 12.01
N ILE A 44 2.09 1.12 11.67
CA ILE A 44 1.65 1.44 10.28
C ILE A 44 2.84 1.40 9.31
N GLU A 45 4.01 1.71 9.79
CA GLU A 45 5.21 1.69 8.91
C GLU A 45 5.68 0.25 8.68
N GLU A 46 5.12 -0.69 9.39
CA GLU A 46 5.54 -2.11 9.22
C GLU A 46 5.15 -2.63 7.84
N LEU A 47 4.20 -2.00 7.19
CA LEU A 47 3.77 -2.46 5.85
C LEU A 47 4.56 -1.74 4.75
N MET A 48 4.54 -0.43 4.76
CA MET A 48 5.29 0.32 3.71
C MET A 48 6.66 -0.31 3.48
N LYS A 49 7.28 -0.82 4.51
CA LYS A 49 8.62 -1.44 4.34
C LYS A 49 8.65 -2.34 3.09
N ASP A 50 7.55 -2.97 2.78
CA ASP A 50 7.51 -3.85 1.57
C ASP A 50 7.02 -3.07 0.36
N GLY A 51 6.29 -2.01 0.57
CA GLY A 51 5.77 -1.20 -0.58
C GLY A 51 6.56 0.10 -0.68
N ASP A 52 7.69 0.17 -0.04
CA ASP A 52 8.51 1.42 -0.10
C ASP A 52 9.74 1.28 0.80
N LYS A 53 10.63 0.39 0.47
CA LYS A 53 11.86 0.21 1.30
C LYS A 53 12.70 1.49 1.29
N ASN A 54 12.86 2.10 0.14
CA ASN A 54 13.67 3.34 0.07
C ASN A 54 12.93 4.49 0.77
N ASN A 55 11.65 4.37 0.93
CA ASN A 55 10.87 5.45 1.61
C ASN A 55 11.18 6.80 0.97
N ASP A 56 10.92 6.94 -0.30
CA ASP A 56 11.19 8.25 -0.99
C ASP A 56 10.14 9.28 -0.60
N GLY A 57 9.19 8.90 0.21
CA GLY A 57 8.12 9.87 0.62
C GLY A 57 6.80 9.49 -0.05
N ARG A 58 6.82 8.52 -0.93
CA ARG A 58 5.56 8.12 -1.61
C ARG A 58 5.73 6.73 -2.25
N ILE A 59 4.65 6.03 -2.46
CA ILE A 59 4.75 4.67 -3.07
C ILE A 59 4.34 4.73 -4.55
N ASP A 60 5.00 3.99 -5.40
CA ASP A 60 4.64 4.02 -6.85
C ASP A 60 4.24 2.61 -7.31
N TYR A 61 3.68 2.51 -8.48
CA TYR A 61 3.26 1.17 -9.00
C TYR A 61 4.49 0.26 -9.19
N ASP A 62 5.63 0.84 -9.43
CA ASP A 62 6.86 0.00 -9.62
C ASP A 62 7.14 -0.81 -8.36
N GLU A 63 6.97 -0.23 -7.20
CA GLU A 63 7.25 -0.96 -5.94
C GLU A 63 6.01 -1.75 -5.51
N PHE A 64 4.84 -1.26 -5.81
CA PHE A 64 3.60 -1.97 -5.41
C PHE A 64 3.75 -3.48 -5.67
N LEU A 65 4.55 -3.85 -6.63
CA LEU A 65 4.74 -5.30 -6.94
C LEU A 65 5.65 -5.95 -5.89
N GLU A 66 6.70 -5.28 -5.49
CA GLU A 66 7.62 -5.86 -4.47
C GLU A 66 6.88 -6.04 -3.14
N PHE A 67 5.72 -5.47 -3.00
CA PHE A 67 4.97 -5.61 -1.73
C PHE A 67 3.99 -6.78 -1.81
N MET A 68 3.17 -6.81 -2.82
CA MET A 68 2.19 -7.93 -2.96
C MET A 68 2.90 -9.23 -3.34
N LYS A 69 4.17 -9.16 -3.65
CA LYS A 69 4.91 -10.39 -4.03
C LYS A 69 4.62 -11.52 -3.03
N GLY A 70 4.24 -11.18 -1.83
CA GLY A 70 3.94 -12.24 -0.82
C GLY A 70 3.27 -11.60 0.39
N VAL A 71 2.00 -11.29 0.29
CA VAL A 71 1.28 -10.67 1.44
C VAL A 71 0.93 -11.74 2.48
N GLU A 72 1.91 -12.18 3.23
CA GLU A 72 1.64 -13.22 4.26
C GLU A 72 0.83 -14.37 3.67
N MET A 1 -8.75 -9.70 -1.91
CA MET A 1 -7.29 -9.65 -1.53
C MET A 1 -6.43 -9.51 -2.78
N GLY A 2 -5.24 -8.97 -2.63
CA GLY A 2 -4.35 -8.81 -3.81
C GLY A 2 -3.67 -10.14 -4.12
N LYS A 3 -3.28 -10.35 -5.34
CA LYS A 3 -2.62 -11.65 -5.70
C LYS A 3 -1.48 -11.41 -6.70
N SER A 4 -1.79 -11.18 -7.95
CA SER A 4 -0.72 -10.94 -8.96
C SER A 4 -1.07 -9.74 -9.83
N GLU A 5 -0.27 -9.47 -10.83
CA GLU A 5 -0.53 -8.31 -11.72
C GLU A 5 -1.94 -8.39 -12.31
N GLU A 6 -2.56 -9.55 -12.26
CA GLU A 6 -3.94 -9.68 -12.82
C GLU A 6 -4.94 -8.95 -11.93
N GLU A 7 -4.83 -9.09 -10.64
CA GLU A 7 -5.79 -8.40 -9.72
C GLU A 7 -5.18 -7.08 -9.23
N LEU A 8 -3.90 -7.05 -8.98
CA LEU A 8 -3.26 -5.81 -8.48
C LEU A 8 -3.43 -4.68 -9.51
N SER A 9 -3.60 -5.01 -10.75
CA SER A 9 -3.78 -3.97 -11.80
C SER A 9 -4.88 -2.98 -11.39
N ASP A 10 -6.05 -3.47 -11.11
CA ASP A 10 -7.17 -2.56 -10.72
C ASP A 10 -7.13 -2.31 -9.21
N LEU A 11 -6.35 -3.06 -8.48
CA LEU A 11 -6.28 -2.85 -7.01
C LEU A 11 -5.60 -1.51 -6.69
N PHE A 12 -4.47 -1.25 -7.30
CA PHE A 12 -3.77 0.04 -7.04
C PHE A 12 -4.67 1.22 -7.39
N ARG A 13 -5.33 1.16 -8.52
CA ARG A 13 -6.23 2.29 -8.92
C ARG A 13 -7.05 2.76 -7.71
N MET A 14 -7.44 1.85 -6.87
CA MET A 14 -8.24 2.24 -5.67
C MET A 14 -7.33 2.42 -4.45
N PHE A 15 -6.25 1.69 -4.40
CA PHE A 15 -5.33 1.82 -3.23
C PHE A 15 -4.97 3.28 -3.00
N ASP A 16 -5.11 4.11 -4.00
CA ASP A 16 -4.78 5.55 -3.83
C ASP A 16 -6.00 6.33 -3.36
N LYS A 17 -6.26 6.33 -2.08
CA LYS A 17 -7.44 7.07 -1.54
C LYS A 17 -7.51 8.46 -2.18
N ASN A 18 -6.39 9.11 -2.33
CA ASN A 18 -6.39 10.47 -2.93
C ASN A 18 -6.55 10.36 -4.45
N ALA A 19 -6.25 9.21 -5.00
CA ALA A 19 -6.39 9.03 -6.48
C ALA A 19 -5.52 10.04 -7.22
N ASP A 20 -4.23 9.95 -7.09
CA ASP A 20 -3.33 10.92 -7.80
C ASP A 20 -2.24 10.18 -8.58
N GLY A 21 -2.07 8.90 -8.34
CA GLY A 21 -1.02 8.14 -9.07
C GLY A 21 0.02 7.62 -8.07
N TYR A 22 0.05 8.17 -6.89
CA TYR A 22 1.05 7.71 -5.88
C TYR A 22 0.40 7.60 -4.50
N ILE A 23 1.02 6.89 -3.60
CA ILE A 23 0.45 6.75 -2.24
C ILE A 23 1.46 7.22 -1.19
N ASP A 24 0.99 7.82 -0.13
CA ASP A 24 1.94 8.31 0.92
C ASP A 24 1.72 7.52 2.22
N LEU A 25 2.39 7.90 3.27
CA LEU A 25 2.22 7.18 4.56
C LEU A 25 0.84 7.46 5.16
N ASP A 26 0.39 8.68 5.06
CA ASP A 26 -0.95 9.02 5.62
C ASP A 26 -2.05 8.24 4.90
N GLU A 27 -2.17 8.43 3.61
CA GLU A 27 -3.20 7.70 2.83
C GLU A 27 -3.05 6.18 3.03
N LEU A 28 -1.85 5.73 3.23
CA LEU A 28 -1.63 4.27 3.44
C LEU A 28 -2.52 3.72 4.56
N LYS A 29 -2.51 4.37 5.70
CA LYS A 29 -3.35 3.89 6.83
C LYS A 29 -4.80 4.38 6.70
N ILE A 30 -5.01 5.42 5.93
CA ILE A 30 -6.40 5.94 5.77
C ILE A 30 -7.18 5.10 4.75
N MET A 31 -6.48 4.44 3.86
CA MET A 31 -7.19 3.61 2.84
C MET A 31 -7.46 2.21 3.40
N LEU A 32 -6.74 1.81 4.41
CA LEU A 32 -6.97 0.45 4.98
C LEU A 32 -8.20 0.46 5.91
N GLN A 33 -8.68 1.62 6.26
CA GLN A 33 -9.87 1.69 7.15
C GLN A 33 -10.93 0.69 6.68
N ALA A 34 -10.92 0.34 5.43
CA ALA A 34 -11.94 -0.63 4.91
C ALA A 34 -12.03 -1.86 5.83
N THR A 35 -10.98 -2.16 6.55
CA THR A 35 -11.03 -3.34 7.47
C THR A 35 -10.82 -2.91 8.92
N GLY A 36 -11.05 -1.66 9.22
CA GLY A 36 -10.87 -1.18 10.61
C GLY A 36 -9.42 -0.70 10.81
N GLU A 37 -8.53 -1.14 9.96
CA GLU A 37 -7.10 -0.74 10.06
C GLU A 37 -6.68 -0.49 11.51
N THR A 38 -7.00 -1.37 12.41
CA THR A 38 -6.60 -1.17 13.83
C THR A 38 -5.18 -1.72 14.05
N ILE A 39 -4.20 -0.88 13.93
CA ILE A 39 -2.80 -1.36 14.13
C ILE A 39 -2.00 -0.35 14.96
N THR A 40 -0.91 -0.78 15.55
CA THR A 40 -0.08 0.16 16.37
C THR A 40 0.59 1.20 15.46
N GLU A 41 0.62 2.43 15.88
CA GLU A 41 1.25 3.49 15.04
C GLU A 41 2.63 3.02 14.55
N ASP A 42 3.47 2.60 15.45
CA ASP A 42 4.82 2.14 15.04
C ASP A 42 4.72 1.07 13.94
N ASP A 43 3.59 0.44 13.82
CA ASP A 43 3.42 -0.61 12.78
C ASP A 43 3.03 0.03 11.44
N ILE A 44 2.61 1.26 11.46
CA ILE A 44 2.20 1.94 10.19
C ILE A 44 3.44 2.28 9.36
N GLU A 45 4.59 2.30 9.98
CA GLU A 45 5.83 2.62 9.21
C GLU A 45 6.43 1.35 8.60
N GLU A 46 5.92 0.20 8.98
CA GLU A 46 6.45 -1.07 8.41
C GLU A 46 6.07 -1.20 6.93
N LEU A 47 4.79 -1.23 6.63
CA LEU A 47 4.37 -1.35 5.21
C LEU A 47 5.22 -0.43 4.33
N MET A 48 5.68 0.67 4.87
CA MET A 48 6.51 1.60 4.06
C MET A 48 7.82 0.92 3.64
N LYS A 49 8.45 0.22 4.54
CA LYS A 49 9.72 -0.47 4.18
C LYS A 49 9.54 -1.28 2.90
N ASP A 50 8.72 -2.30 2.95
CA ASP A 50 8.49 -3.12 1.73
C ASP A 50 7.69 -2.31 0.70
N GLY A 51 6.62 -1.71 1.11
CA GLY A 51 5.82 -0.90 0.16
C GLY A 51 6.72 0.12 -0.53
N ASP A 52 7.72 0.60 0.15
CA ASP A 52 8.64 1.59 -0.47
C ASP A 52 10.09 1.20 -0.18
N LYS A 53 10.47 0.00 -0.52
CA LYS A 53 11.88 -0.44 -0.27
C LYS A 53 12.87 0.57 -0.87
N ASN A 54 12.41 1.38 -1.78
CA ASN A 54 13.32 2.39 -2.41
C ASN A 54 13.58 3.54 -1.42
N ASN A 55 12.73 3.70 -0.45
CA ASN A 55 12.92 4.79 0.54
C ASN A 55 12.93 6.15 -0.16
N ASP A 56 11.84 6.52 -0.78
CA ASP A 56 11.77 7.83 -1.48
C ASP A 56 10.62 8.68 -0.92
N GLY A 57 9.63 8.05 -0.37
CA GLY A 57 8.48 8.81 0.19
C GLY A 57 7.24 8.59 -0.67
N ARG A 58 7.33 7.75 -1.68
CA ARG A 58 6.15 7.50 -2.55
C ARG A 58 6.07 6.02 -2.93
N ILE A 59 4.94 5.41 -2.73
CA ILE A 59 4.79 3.97 -3.08
C ILE A 59 4.28 3.83 -4.52
N ASP A 60 5.04 3.20 -5.38
CA ASP A 60 4.58 3.06 -6.80
C ASP A 60 4.14 1.62 -7.07
N TYR A 61 3.42 1.40 -8.15
CA TYR A 61 2.96 0.03 -8.48
C TYR A 61 4.14 -0.94 -8.49
N ASP A 62 5.24 -0.55 -9.09
CA ASP A 62 6.42 -1.46 -9.12
C ASP A 62 6.78 -1.92 -7.71
N GLU A 63 6.77 -1.02 -6.76
CA GLU A 63 7.10 -1.41 -5.37
C GLU A 63 5.86 -2.00 -4.69
N PHE A 64 4.71 -1.86 -5.30
CA PHE A 64 3.46 -2.40 -4.69
C PHE A 64 3.44 -3.92 -4.83
N LEU A 65 4.27 -4.47 -5.67
CA LEU A 65 4.29 -5.95 -5.84
C LEU A 65 5.02 -6.61 -4.68
N GLU A 66 6.33 -6.48 -4.64
CA GLU A 66 7.10 -7.10 -3.53
C GLU A 66 6.47 -6.73 -2.18
N PHE A 67 5.72 -5.66 -2.16
CA PHE A 67 5.06 -5.24 -0.88
C PHE A 67 4.06 -6.30 -0.42
N MET A 68 3.04 -6.55 -1.21
CA MET A 68 2.03 -7.57 -0.80
C MET A 68 2.36 -8.92 -1.43
N LYS A 69 3.05 -8.92 -2.53
CA LYS A 69 3.41 -10.21 -3.21
C LYS A 69 2.13 -11.01 -3.49
N GLY A 70 1.68 -11.77 -2.53
CA GLY A 70 0.44 -12.58 -2.73
C GLY A 70 -0.54 -12.31 -1.59
N VAL A 71 -0.14 -11.52 -0.62
CA VAL A 71 -1.05 -11.22 0.53
C VAL A 71 -1.53 -12.52 1.17
N GLU A 72 -0.66 -13.49 1.29
CA GLU A 72 -1.06 -14.78 1.92
C GLU A 72 -2.43 -15.22 1.39
N MET A 1 -9.34 -9.31 -2.72
CA MET A 1 -8.36 -10.44 -2.82
C MET A 1 -7.27 -10.10 -3.83
N GLY A 2 -6.08 -9.80 -3.37
CA GLY A 2 -4.98 -9.47 -4.31
C GLY A 2 -4.38 -10.76 -4.87
N LYS A 3 -3.76 -10.69 -6.02
CA LYS A 3 -3.16 -11.93 -6.61
C LYS A 3 -1.93 -11.57 -7.45
N SER A 4 -2.12 -11.31 -8.71
CA SER A 4 -0.96 -10.95 -9.58
C SER A 4 -1.08 -9.51 -10.07
N GLU A 5 -0.24 -9.11 -10.99
CA GLU A 5 -0.31 -7.72 -11.51
C GLU A 5 -1.69 -7.44 -12.11
N GLU A 6 -2.43 -8.47 -12.42
CA GLU A 6 -3.78 -8.26 -13.01
C GLU A 6 -4.77 -7.83 -11.93
N GLU A 7 -4.67 -8.39 -10.76
CA GLU A 7 -5.60 -8.02 -9.66
C GLU A 7 -5.01 -6.87 -8.83
N LEU A 8 -3.76 -6.96 -8.47
CA LEU A 8 -3.13 -5.89 -7.66
C LEU A 8 -3.28 -4.54 -8.39
N SER A 9 -3.53 -4.56 -9.66
CA SER A 9 -3.70 -3.30 -10.42
C SER A 9 -4.82 -2.46 -9.81
N ASP A 10 -6.02 -2.99 -9.78
CA ASP A 10 -7.15 -2.22 -9.20
C ASP A 10 -6.87 -1.91 -7.73
N LEU A 11 -6.42 -2.88 -6.98
CA LEU A 11 -6.12 -2.62 -5.54
C LEU A 11 -5.37 -1.30 -5.39
N PHE A 12 -4.30 -1.12 -6.12
CA PHE A 12 -3.54 0.15 -6.02
C PHE A 12 -4.40 1.32 -6.50
N ARG A 13 -5.38 1.05 -7.32
CA ARG A 13 -6.25 2.13 -7.83
C ARG A 13 -7.40 2.39 -6.84
N MET A 14 -7.67 1.45 -5.98
CA MET A 14 -8.77 1.64 -5.00
C MET A 14 -8.22 2.15 -3.66
N PHE A 15 -7.33 1.41 -3.06
CA PHE A 15 -6.75 1.85 -1.76
C PHE A 15 -6.35 3.32 -1.82
N ASP A 16 -5.41 3.66 -2.65
CA ASP A 16 -4.97 5.09 -2.75
C ASP A 16 -6.19 6.02 -2.76
N LYS A 17 -6.57 6.51 -1.62
CA LYS A 17 -7.75 7.43 -1.57
C LYS A 17 -7.38 8.79 -2.18
N ASN A 18 -6.12 9.00 -2.43
CA ASN A 18 -5.70 10.31 -3.02
C ASN A 18 -5.87 10.28 -4.54
N ALA A 19 -5.93 9.11 -5.11
CA ALA A 19 -6.10 9.01 -6.59
C ALA A 19 -5.04 9.86 -7.29
N ASP A 20 -3.81 9.78 -6.86
CA ASP A 20 -2.74 10.59 -7.50
C ASP A 20 -1.76 9.68 -8.25
N GLY A 21 -1.96 8.38 -8.16
CA GLY A 21 -1.05 7.43 -8.87
C GLY A 21 -0.04 6.87 -7.89
N TYR A 22 0.10 7.47 -6.74
CA TYR A 22 1.08 6.96 -5.74
C TYR A 22 0.49 7.04 -4.32
N ILE A 23 0.76 6.06 -3.51
CA ILE A 23 0.21 6.08 -2.12
C ILE A 23 1.30 6.55 -1.14
N ASP A 24 1.01 7.57 -0.38
CA ASP A 24 2.03 8.09 0.59
C ASP A 24 1.88 7.36 1.93
N LEU A 25 2.65 7.75 2.91
CA LEU A 25 2.55 7.09 4.24
C LEU A 25 1.20 7.40 4.90
N ASP A 26 0.66 8.56 4.65
CA ASP A 26 -0.65 8.91 5.25
C ASP A 26 -1.77 8.07 4.64
N GLU A 27 -1.90 8.08 3.34
CA GLU A 27 -2.97 7.28 2.69
C GLU A 27 -2.75 5.79 2.95
N LEU A 28 -1.59 5.42 3.43
CA LEU A 28 -1.33 3.98 3.70
C LEU A 28 -2.17 3.50 4.89
N LYS A 29 -2.31 4.31 5.89
CA LYS A 29 -3.12 3.89 7.09
C LYS A 29 -4.59 4.26 6.90
N ILE A 30 -4.88 5.14 5.98
CA ILE A 30 -6.30 5.54 5.75
C ILE A 30 -6.95 4.65 4.69
N MET A 31 -6.18 4.23 3.72
CA MET A 31 -6.75 3.36 2.64
C MET A 31 -7.33 2.07 3.25
N LEU A 32 -6.93 1.73 4.44
CA LEU A 32 -7.45 0.49 5.08
C LEU A 32 -8.78 0.78 5.80
N GLN A 33 -9.16 2.02 5.89
CA GLN A 33 -10.45 2.36 6.58
C GLN A 33 -11.52 1.32 6.28
N ALA A 34 -11.45 0.69 5.14
CA ALA A 34 -12.47 -0.35 4.79
C ALA A 34 -12.60 -1.36 5.94
N THR A 35 -11.51 -1.72 6.56
CA THR A 35 -11.58 -2.69 7.68
C THR A 35 -11.38 -1.98 9.02
N GLY A 36 -11.69 -0.71 9.07
CA GLY A 36 -11.54 0.04 10.35
C GLY A 36 -10.09 0.50 10.51
N GLU A 37 -9.25 0.22 9.54
CA GLU A 37 -7.81 0.62 9.62
C GLU A 37 -7.30 0.67 11.06
N THR A 38 -7.47 -0.40 11.79
CA THR A 38 -7.00 -0.41 13.21
C THR A 38 -5.68 -1.17 13.31
N ILE A 39 -4.57 -0.47 13.27
CA ILE A 39 -3.26 -1.16 13.36
C ILE A 39 -2.33 -0.39 14.30
N THR A 40 -1.28 -1.02 14.78
CA THR A 40 -0.35 -0.33 15.70
C THR A 40 0.41 0.78 14.94
N GLU A 41 0.76 1.83 15.63
CA GLU A 41 1.49 2.95 14.95
C GLU A 41 2.91 2.50 14.58
N ASP A 42 3.34 1.38 15.09
CA ASP A 42 4.71 0.88 14.77
C ASP A 42 4.70 0.14 13.43
N ASP A 43 3.60 -0.45 13.07
CA ASP A 43 3.54 -1.20 11.78
C ASP A 43 3.18 -0.24 10.64
N ILE A 44 2.65 0.91 10.95
CA ILE A 44 2.29 1.89 9.88
C ILE A 44 3.54 2.29 9.09
N GLU A 45 4.66 2.41 9.75
CA GLU A 45 5.90 2.80 9.04
C GLU A 45 6.65 1.55 8.56
N GLU A 46 6.39 0.43 9.18
CA GLU A 46 7.08 -0.83 8.76
C GLU A 46 6.58 -1.27 7.39
N LEU A 47 5.29 -1.27 7.18
CA LEU A 47 4.75 -1.70 5.87
C LEU A 47 5.31 -0.81 4.76
N MET A 48 5.69 0.39 5.08
CA MET A 48 6.24 1.31 4.04
C MET A 48 7.37 0.61 3.27
N LYS A 49 8.30 0.02 3.95
CA LYS A 49 9.42 -0.67 3.26
C LYS A 49 8.86 -1.63 2.19
N ASP A 50 8.08 -2.58 2.60
CA ASP A 50 7.52 -3.55 1.62
C ASP A 50 6.93 -2.81 0.41
N GLY A 51 6.47 -1.60 0.60
CA GLY A 51 5.89 -0.83 -0.53
C GLY A 51 6.81 0.33 -0.90
N ASP A 52 7.98 0.39 -0.32
CA ASP A 52 8.92 1.50 -0.63
C ASP A 52 10.33 1.17 -0.15
N LYS A 53 11.04 0.35 -0.88
CA LYS A 53 12.42 -0.01 -0.46
C LYS A 53 13.37 1.15 -0.77
N ASN A 54 12.94 2.08 -1.58
CA ASN A 54 13.83 3.24 -1.92
C ASN A 54 13.28 4.52 -1.26
N ASN A 55 12.07 4.46 -0.78
CA ASN A 55 11.48 5.67 -0.12
C ASN A 55 11.61 6.88 -1.04
N ASP A 56 11.04 6.83 -2.21
CA ASP A 56 11.12 7.99 -3.14
C ASP A 56 10.14 9.08 -2.72
N GLY A 57 9.40 8.85 -1.67
CA GLY A 57 8.41 9.86 -1.20
C GLY A 57 6.99 9.33 -1.44
N ARG A 58 6.85 8.32 -2.24
CA ARG A 58 5.49 7.77 -2.51
C ARG A 58 5.60 6.29 -2.91
N ILE A 59 4.50 5.58 -2.88
CA ILE A 59 4.54 4.14 -3.25
C ILE A 59 3.98 3.93 -4.65
N ASP A 60 4.83 3.67 -5.61
CA ASP A 60 4.34 3.46 -7.00
C ASP A 60 3.77 2.04 -7.14
N TYR A 61 3.18 1.73 -8.26
CA TYR A 61 2.61 0.36 -8.44
C TYR A 61 3.73 -0.66 -8.68
N ASP A 62 4.71 -0.30 -9.45
CA ASP A 62 5.84 -1.25 -9.71
C ASP A 62 6.36 -1.82 -8.40
N GLU A 63 6.34 -1.03 -7.35
CA GLU A 63 6.83 -1.53 -6.04
C GLU A 63 5.71 -2.25 -5.30
N PHE A 64 4.49 -1.81 -5.49
CA PHE A 64 3.34 -2.47 -4.82
C PHE A 64 3.45 -3.99 -4.97
N LEU A 65 3.73 -4.47 -6.15
CA LEU A 65 3.85 -5.94 -6.36
C LEU A 65 4.69 -6.55 -5.23
N GLU A 66 5.79 -5.94 -4.90
CA GLU A 66 6.64 -6.50 -3.80
C GLU A 66 5.93 -6.33 -2.46
N PHE A 67 5.28 -5.21 -2.27
CA PHE A 67 4.57 -4.99 -0.98
C PHE A 67 3.60 -6.15 -0.72
N MET A 68 2.97 -6.65 -1.74
CA MET A 68 2.03 -7.78 -1.55
C MET A 68 2.81 -9.10 -1.47
N LYS A 69 3.91 -9.18 -2.17
CA LYS A 69 4.72 -10.43 -2.13
C LYS A 69 5.51 -10.50 -0.83
N GLY A 70 5.82 -9.36 -0.26
CA GLY A 70 6.58 -9.35 1.02
C GLY A 70 5.64 -9.69 2.18
N VAL A 71 4.37 -9.41 2.02
CA VAL A 71 3.40 -9.71 3.11
C VAL A 71 2.57 -10.93 2.73
N GLU A 72 2.66 -11.99 3.49
CA GLU A 72 1.88 -13.22 3.18
C GLU A 72 1.47 -13.93 4.47
N MET A 1 -9.40 -9.13 -3.15
CA MET A 1 -8.56 -10.25 -2.62
C MET A 1 -7.08 -9.93 -2.82
N GLY A 2 -6.55 -10.23 -3.99
CA GLY A 2 -5.11 -9.93 -4.24
C GLY A 2 -4.45 -11.16 -4.89
N LYS A 3 -4.11 -11.05 -6.15
CA LYS A 3 -3.45 -12.21 -6.83
C LYS A 3 -2.51 -11.70 -7.93
N SER A 4 -2.43 -12.39 -9.02
CA SER A 4 -1.52 -11.96 -10.12
C SER A 4 -1.76 -10.47 -10.43
N GLU A 5 -0.96 -9.91 -11.30
CA GLU A 5 -1.14 -8.47 -11.64
C GLU A 5 -2.53 -8.23 -12.21
N GLU A 6 -3.23 -9.28 -12.57
CA GLU A 6 -4.59 -9.11 -13.14
C GLU A 6 -5.47 -8.31 -12.17
N GLU A 7 -5.68 -8.82 -10.99
CA GLU A 7 -6.53 -8.10 -10.00
C GLU A 7 -5.65 -7.16 -9.15
N LEU A 8 -4.36 -7.34 -9.19
CA LEU A 8 -3.47 -6.46 -8.39
C LEU A 8 -3.62 -5.00 -8.85
N SER A 9 -3.94 -4.79 -10.09
CA SER A 9 -4.11 -3.40 -10.60
C SER A 9 -5.40 -2.78 -10.04
N ASP A 10 -6.23 -3.58 -9.44
CA ASP A 10 -7.50 -3.03 -8.87
C ASP A 10 -7.32 -2.70 -7.39
N LEU A 11 -6.48 -3.44 -6.70
CA LEU A 11 -6.26 -3.16 -5.26
C LEU A 11 -5.48 -1.85 -5.08
N PHE A 12 -4.79 -1.42 -6.10
CA PHE A 12 -4.00 -0.16 -6.00
C PHE A 12 -4.94 1.05 -6.05
N ARG A 13 -5.83 1.07 -7.01
CA ARG A 13 -6.78 2.21 -7.12
C ARG A 13 -7.78 2.19 -5.97
N MET A 14 -7.81 1.14 -5.20
CA MET A 14 -8.77 1.05 -4.07
C MET A 14 -8.16 1.66 -2.81
N PHE A 15 -6.94 1.32 -2.50
CA PHE A 15 -6.29 1.87 -1.28
C PHE A 15 -5.98 3.36 -1.46
N ASP A 16 -5.36 3.72 -2.54
CA ASP A 16 -5.03 5.15 -2.77
C ASP A 16 -6.28 6.01 -2.60
N LYS A 17 -6.51 6.51 -1.41
CA LYS A 17 -7.72 7.36 -1.18
C LYS A 17 -7.56 8.71 -1.89
N ASN A 18 -6.35 9.10 -2.20
CA ASN A 18 -6.13 10.40 -2.89
C ASN A 18 -6.54 10.30 -4.36
N ALA A 19 -6.75 9.10 -4.84
CA ALA A 19 -7.16 8.93 -6.26
C ALA A 19 -6.23 9.74 -7.18
N ASP A 20 -4.95 9.53 -7.08
CA ASP A 20 -4.00 10.30 -7.94
C ASP A 20 -3.14 9.32 -8.76
N GLY A 21 -3.13 8.07 -8.39
CA GLY A 21 -2.31 7.07 -9.15
C GLY A 21 -1.21 6.53 -8.25
N TYR A 22 -0.87 7.25 -7.22
CA TYR A 22 0.21 6.77 -6.30
C TYR A 22 -0.30 6.73 -4.86
N ILE A 23 0.48 6.20 -3.95
CA ILE A 23 0.04 6.13 -2.53
C ILE A 23 1.09 6.77 -1.62
N ASP A 24 0.66 7.55 -0.67
CA ASP A 24 1.64 8.21 0.25
C ASP A 24 1.58 7.55 1.63
N LEU A 25 2.50 7.90 2.50
CA LEU A 25 2.49 7.28 3.86
C LEU A 25 1.20 7.63 4.60
N ASP A 26 0.64 8.78 4.34
CA ASP A 26 -0.61 9.18 5.02
C ASP A 26 -1.80 8.43 4.41
N GLU A 27 -1.66 7.95 3.21
CA GLU A 27 -2.78 7.22 2.56
C GLU A 27 -2.77 5.75 2.98
N LEU A 28 -1.62 5.14 3.04
CA LEU A 28 -1.56 3.71 3.46
C LEU A 28 -2.14 3.56 4.86
N LYS A 29 -2.18 4.62 5.61
CA LYS A 29 -2.73 4.56 6.99
C LYS A 29 -4.27 4.57 6.93
N ILE A 30 -4.83 5.10 5.89
CA ILE A 30 -6.31 5.13 5.78
C ILE A 30 -6.82 3.97 4.91
N MET A 31 -6.10 3.63 3.87
CA MET A 31 -6.56 2.51 3.01
C MET A 31 -6.78 1.25 3.87
N LEU A 32 -6.05 1.13 4.94
CA LEU A 32 -6.21 -0.06 5.83
C LEU A 32 -7.27 0.21 6.90
N GLN A 33 -7.48 1.45 7.25
CA GLN A 33 -8.49 1.79 8.29
C GLN A 33 -9.78 0.98 8.04
N ALA A 34 -10.20 0.89 6.81
CA ALA A 34 -11.45 0.12 6.51
C ALA A 34 -11.35 -1.27 7.14
N THR A 35 -10.16 -1.73 7.39
CA THR A 35 -10.00 -3.08 8.00
C THR A 35 -9.82 -2.95 9.52
N GLY A 36 -10.02 -1.78 10.05
CA GLY A 36 -9.86 -1.60 11.52
C GLY A 36 -8.38 -1.74 11.89
N GLU A 37 -7.51 -1.39 10.99
CA GLU A 37 -6.05 -1.50 11.27
C GLU A 37 -5.69 -0.71 12.53
N THR A 38 -5.74 -1.34 13.67
CA THR A 38 -5.39 -0.62 14.93
C THR A 38 -3.96 -0.97 15.33
N ILE A 39 -3.01 -0.18 14.92
CA ILE A 39 -1.59 -0.48 15.26
C ILE A 39 -0.86 0.79 15.68
N THR A 40 0.29 0.66 16.26
CA THR A 40 1.06 1.87 16.68
C THR A 40 1.60 2.60 15.45
N GLU A 41 1.96 3.85 15.60
CA GLU A 41 2.48 4.62 14.43
C GLU A 41 3.77 3.96 13.90
N ASP A 42 4.33 3.05 14.64
CA ASP A 42 5.57 2.39 14.17
C ASP A 42 5.25 1.24 13.22
N ASP A 43 4.07 0.68 13.33
CA ASP A 43 3.70 -0.44 12.43
C ASP A 43 3.21 0.10 11.08
N ILE A 44 2.99 1.39 11.00
CA ILE A 44 2.52 1.99 9.72
C ILE A 44 3.65 1.99 8.67
N GLU A 45 4.67 2.77 8.91
CA GLU A 45 5.80 2.81 7.93
C GLU A 45 6.33 1.40 7.65
N GLU A 46 6.14 0.50 8.57
CA GLU A 46 6.62 -0.90 8.36
C GLU A 46 6.26 -1.38 6.95
N LEU A 47 5.02 -1.24 6.57
CA LEU A 47 4.60 -1.68 5.21
C LEU A 47 5.15 -0.72 4.14
N MET A 48 5.27 0.54 4.46
CA MET A 48 5.79 1.52 3.46
C MET A 48 7.17 1.09 2.96
N LYS A 49 8.09 0.87 3.86
CA LYS A 49 9.47 0.46 3.44
C LYS A 49 9.39 -0.56 2.29
N ASP A 50 8.59 -1.57 2.43
CA ASP A 50 8.47 -2.60 1.36
C ASP A 50 7.79 -1.98 0.13
N GLY A 51 6.83 -1.14 0.33
CA GLY A 51 6.12 -0.51 -0.82
C GLY A 51 6.93 0.70 -1.32
N ASP A 52 8.00 1.02 -0.65
CA ASP A 52 8.82 2.19 -1.08
C ASP A 52 10.30 1.94 -0.76
N LYS A 53 10.81 0.79 -1.11
CA LYS A 53 12.24 0.50 -0.82
C LYS A 53 13.13 1.59 -1.43
N ASN A 54 12.67 2.22 -2.47
CA ASN A 54 13.49 3.30 -3.11
C ASN A 54 13.45 4.56 -2.23
N ASN A 55 12.48 4.65 -1.37
CA ASN A 55 12.39 5.85 -0.48
C ASN A 55 12.36 7.14 -1.31
N ASP A 56 11.21 7.47 -1.84
CA ASP A 56 11.10 8.72 -2.66
C ASP A 56 9.95 9.59 -2.15
N GLY A 57 9.14 9.08 -1.26
CA GLY A 57 8.02 9.90 -0.73
C GLY A 57 6.69 9.39 -1.30
N ARG A 58 6.74 8.65 -2.37
CA ARG A 58 5.48 8.13 -2.98
C ARG A 58 5.65 6.67 -3.40
N ILE A 59 4.62 5.88 -3.26
CA ILE A 59 4.73 4.44 -3.66
C ILE A 59 4.13 4.23 -5.05
N ASP A 60 4.81 3.51 -5.90
CA ASP A 60 4.28 3.27 -7.27
C ASP A 60 3.84 1.80 -7.41
N TYR A 61 3.44 1.40 -8.58
CA TYR A 61 3.01 -0.01 -8.78
C TYR A 61 4.22 -0.94 -8.72
N ASP A 62 5.28 -0.60 -9.41
CA ASP A 62 6.50 -1.46 -9.40
C ASP A 62 6.82 -1.87 -7.95
N GLU A 63 6.57 -1.00 -7.01
CA GLU A 63 6.88 -1.34 -5.59
C GLU A 63 5.71 -2.13 -4.98
N PHE A 64 4.50 -1.77 -5.31
CA PHE A 64 3.34 -2.51 -4.74
C PHE A 64 3.57 -4.02 -4.85
N LEU A 65 4.18 -4.46 -5.91
CA LEU A 65 4.43 -5.93 -6.06
C LEU A 65 5.40 -6.39 -4.97
N GLU A 66 6.46 -5.65 -4.74
CA GLU A 66 7.42 -6.05 -3.68
C GLU A 66 6.79 -5.87 -2.30
N PHE A 67 5.64 -5.25 -2.26
CA PHE A 67 4.96 -5.02 -0.94
C PHE A 67 4.08 -6.23 -0.60
N MET A 68 3.08 -6.50 -1.39
CA MET A 68 2.20 -7.67 -1.10
C MET A 68 2.60 -8.86 -1.97
N LYS A 69 3.22 -8.58 -3.10
CA LYS A 69 3.66 -9.68 -4.03
C LYS A 69 2.70 -10.87 -3.95
N GLY A 70 2.98 -11.81 -3.08
CA GLY A 70 2.08 -13.00 -2.97
C GLY A 70 1.77 -13.25 -1.49
N VAL A 71 1.03 -12.37 -0.87
CA VAL A 71 0.68 -12.56 0.56
C VAL A 71 -0.38 -13.65 0.70
N GLU A 72 -0.49 -14.25 1.86
CA GLU A 72 -1.52 -15.31 2.06
C GLU A 72 -1.34 -16.41 1.01
#